data_4M52
#
_entry.id   4M52
#
_cell.length_a   82.521
_cell.length_b   111.953
_cell.length_c   98.034
_cell.angle_alpha   90.00
_cell.angle_beta   94.43
_cell.angle_gamma   90.00
#
_symmetry.space_group_name_H-M   'P 1 21 1'
#
loop_
_entity.id
_entity.type
_entity.pdbx_description
1 polymer 'Dihydrolipoyl dehydrogenase'
2 non-polymer 'FLAVIN-ADENINE DINUCLEOTIDE'
3 non-polymer N~2~-[(2-amino-5-bromopyridin-3-yl)sulfonyl]-N-(4-methoxyphenyl)-N~2~-methylglycinamide
4 water water
#
_entity_poly.entity_id   1
_entity_poly.type   'polypeptide(L)'
_entity_poly.pdbx_seq_one_letter_code
;GSMTHYDVVVLGAGPGGYVAAIRAAQLGLSTAIVEPKYWGGVCLNVGCIPSKALLRNAELVHIFTKDAKAFGISGEVTFD
YGIAYDRSRKVAEGRVAGVHFLMKKNKITEIHGYGTFADANTLLVDLNDGGTESVTFDNAIIATGSSTRLVPGTSLSANV
VTYEEQILSRELPKSIIIAGAGAIGMEFGYVLKNYGVDVTIVEFLPRALPNEDADVSKEIEKQFKKLGVTILTATKVESI
ADGGSQVTVTVTKDGVAQELKAEKVLQAIGFAPNVEGYGLDKAGVALTDRKAIGVDDYMRTNVGHIYAIGDVNGLLQLAH
VAEAQGVVAAETIAGAETLTLGDHRMLPRATFCQPNVASFGLTEQQARNEGYDVVVAKFPFTANAKAHGVGDPSGFVKLV
ADAKHGELLGGHLVGHDVAELLPELTLAQRWDLTASELARNVHTHPTMSEALQECFHGLVGHMINF
;
_entity_poly.pdbx_strand_id   A,B,C,D
#
# COMPACT_ATOMS: atom_id res chain seq x y z
N SER A 2 -14.34 -39.22 -46.37
CA SER A 2 -13.48 -39.46 -45.22
C SER A 2 -14.24 -39.32 -43.90
N MET A 3 -13.83 -40.11 -42.90
CA MET A 3 -14.41 -40.02 -41.52
C MET A 3 -13.27 -40.00 -40.52
N THR A 4 -13.28 -39.04 -39.60
CA THR A 4 -12.26 -38.96 -38.57
C THR A 4 -12.81 -38.43 -37.25
N HIS A 5 -12.10 -38.74 -36.18
CA HIS A 5 -12.51 -38.37 -34.83
C HIS A 5 -11.53 -37.37 -34.22
N TYR A 6 -12.07 -36.33 -33.62
CA TYR A 6 -11.26 -35.31 -32.95
C TYR A 6 -11.82 -35.06 -31.56
N ASP A 7 -10.95 -34.68 -30.63
CA ASP A 7 -11.40 -34.29 -29.30
C ASP A 7 -12.26 -33.05 -29.41
N VAL A 8 -11.83 -32.14 -30.27
CA VAL A 8 -12.49 -30.85 -30.44
C VAL A 8 -12.60 -30.48 -31.91
N VAL A 9 -13.80 -30.10 -32.33
CA VAL A 9 -14.04 -29.55 -33.65
C VAL A 9 -14.56 -28.12 -33.52
N VAL A 10 -14.00 -27.23 -34.32
CA VAL A 10 -14.34 -25.82 -34.26
C VAL A 10 -15.01 -25.39 -35.55
N LEU A 11 -16.15 -24.70 -35.42
CA LEU A 11 -16.92 -24.23 -36.58
C LEU A 11 -16.70 -22.74 -36.78
N GLY A 12 -15.94 -22.40 -37.82
CA GLY A 12 -15.59 -21.02 -38.11
C GLY A 12 -14.17 -20.73 -37.70
N ALA A 13 -13.47 -19.95 -38.51
CA ALA A 13 -12.05 -19.68 -38.29
C ALA A 13 -11.77 -18.19 -38.09
N GLY A 14 -12.72 -17.49 -37.50
CA GLY A 14 -12.51 -16.12 -37.08
C GLY A 14 -11.68 -16.09 -35.83
N PRO A 15 -11.52 -14.89 -35.23
CA PRO A 15 -10.72 -14.73 -34.01
C PRO A 15 -11.18 -15.65 -32.88
N GLY A 16 -12.47 -15.94 -32.84
CA GLY A 16 -12.99 -16.88 -31.86
C GLY A 16 -12.46 -18.28 -32.13
N GLY A 17 -12.74 -18.79 -33.31
CA GLY A 17 -12.41 -20.15 -33.66
C GLY A 17 -10.92 -20.48 -33.69
N TYR A 18 -10.15 -19.69 -34.43
CA TYR A 18 -8.74 -20.04 -34.64
C TYR A 18 -7.94 -19.94 -33.33
N VAL A 19 -8.32 -19.01 -32.46
CA VAL A 19 -7.68 -18.90 -31.15
C VAL A 19 -8.13 -20.04 -30.22
N ALA A 20 -9.41 -20.37 -30.27
CA ALA A 20 -9.93 -21.49 -29.49
C ALA A 20 -9.23 -22.76 -29.91
N ALA A 21 -8.98 -22.89 -31.22
CA ALA A 21 -8.31 -24.07 -31.77
C ALA A 21 -6.85 -24.14 -31.34
N ILE A 22 -6.15 -23.01 -31.42
CA ILE A 22 -4.78 -22.92 -30.93
C ILE A 22 -4.71 -23.36 -29.48
N ARG A 23 -5.62 -22.84 -28.67
CA ARG A 23 -5.58 -23.10 -27.23
C ARG A 23 -5.84 -24.57 -26.90
N ALA A 24 -6.79 -25.18 -27.60
CA ALA A 24 -7.07 -26.60 -27.41
C ALA A 24 -5.85 -27.43 -27.78
N ALA A 25 -5.21 -27.08 -28.89
CA ALA A 25 -4.00 -27.76 -29.34
C ALA A 25 -2.87 -27.63 -28.32
N GLN A 26 -2.81 -26.49 -27.65
CA GLN A 26 -1.78 -26.25 -26.63
C GLN A 26 -2.01 -27.12 -25.41
N LEU A 27 -3.28 -27.35 -25.07
CA LEU A 27 -3.65 -28.16 -23.92
C LEU A 27 -3.66 -29.66 -24.25
N GLY A 28 -3.22 -30.01 -25.45
CA GLY A 28 -3.01 -31.41 -25.80
C GLY A 28 -4.20 -32.10 -26.46
N LEU A 29 -5.17 -31.32 -26.91
CA LEU A 29 -6.36 -31.87 -27.55
C LEU A 29 -6.17 -31.93 -29.07
N SER A 30 -6.56 -33.05 -29.68
CA SER A 30 -6.56 -33.13 -31.14
C SER A 30 -7.69 -32.26 -31.65
N THR A 31 -7.34 -31.32 -32.53
CA THR A 31 -8.24 -30.24 -32.91
C THR A 31 -8.38 -30.14 -34.42
N ALA A 32 -9.61 -29.94 -34.87
CA ALA A 32 -9.87 -29.62 -36.27
C ALA A 32 -10.71 -28.36 -36.33
N ILE A 33 -10.51 -27.59 -37.39
CA ILE A 33 -11.22 -26.33 -37.58
C ILE A 33 -11.81 -26.27 -38.99
N VAL A 34 -13.12 -25.99 -39.07
CA VAL A 34 -13.87 -26.02 -40.31
C VAL A 34 -14.23 -24.62 -40.76
N GLU A 35 -13.89 -24.29 -42.01
CA GLU A 35 -14.12 -22.94 -42.54
C GLU A 35 -14.22 -22.98 -44.06
N PRO A 36 -15.30 -22.43 -44.64
CA PRO A 36 -15.46 -22.51 -46.10
C PRO A 36 -14.86 -21.34 -46.87
N LYS A 37 -14.67 -20.19 -46.22
CA LYS A 37 -14.41 -18.94 -46.94
C LYS A 37 -13.27 -18.09 -46.36
N TYR A 38 -13.42 -17.66 -45.11
CA TYR A 38 -12.53 -16.68 -44.50
C TYR A 38 -11.71 -17.25 -43.35
N TRP A 39 -10.43 -17.53 -43.61
CA TRP A 39 -9.51 -17.88 -42.53
C TRP A 39 -9.07 -16.59 -41.83
N GLY A 40 -9.33 -16.54 -40.51
CA GLY A 40 -9.23 -15.30 -39.76
C GLY A 40 -10.57 -14.58 -39.73
N GLY A 41 -11.58 -15.19 -40.35
CA GLY A 41 -12.94 -14.71 -40.27
C GLY A 41 -13.16 -13.33 -40.87
N VAL A 42 -14.23 -12.68 -40.44
CA VAL A 42 -14.56 -11.33 -40.89
C VAL A 42 -13.46 -10.35 -40.53
N CYS A 43 -13.00 -10.45 -39.29
CA CYS A 43 -12.03 -9.49 -38.74
C CYS A 43 -10.78 -9.32 -39.62
N LEU A 44 -10.12 -10.43 -39.95
CA LEU A 44 -8.87 -10.37 -40.68
C LEU A 44 -9.00 -10.11 -42.19
N ASN A 45 -10.17 -10.40 -42.75
CA ASN A 45 -10.36 -10.32 -44.20
C ASN A 45 -11.08 -9.07 -44.67
N VAL A 46 -12.14 -8.69 -43.97
CA VAL A 46 -12.99 -7.56 -44.40
C VAL A 46 -13.50 -6.76 -43.21
N GLY A 47 -12.86 -6.92 -42.06
CA GLY A 47 -13.29 -6.27 -40.83
C GLY A 47 -12.21 -5.44 -40.18
N CYS A 48 -11.82 -5.81 -38.96
CA CYS A 48 -10.91 -5.00 -38.15
C CYS A 48 -9.57 -4.69 -38.83
N ILE A 49 -9.00 -5.66 -39.51
CA ILE A 49 -7.64 -5.50 -40.03
C ILE A 49 -7.56 -4.49 -41.19
N PRO A 50 -8.28 -4.75 -42.29
CA PRO A 50 -8.18 -3.79 -43.39
C PRO A 50 -8.74 -2.41 -43.06
N SER A 51 -9.79 -2.37 -42.24
CA SER A 51 -10.44 -1.10 -41.93
C SER A 51 -9.49 -0.17 -41.17
N LYS A 52 -8.65 -0.74 -40.31
CA LYS A 52 -7.71 0.06 -39.53
C LYS A 52 -6.59 0.58 -40.41
N ALA A 53 -6.28 -0.14 -41.49
CA ALA A 53 -5.32 0.33 -42.47
C ALA A 53 -5.89 1.55 -43.22
N LEU A 54 -7.17 1.47 -43.57
CA LEU A 54 -7.83 2.54 -44.30
C LEU A 54 -7.99 3.79 -43.44
N LEU A 55 -8.25 3.60 -42.15
CA LEU A 55 -8.42 4.72 -41.23
C LEU A 55 -7.10 5.45 -41.03
N ARG A 56 -5.99 4.73 -41.12
CA ARG A 56 -4.67 5.32 -40.98
C ARG A 56 -4.40 6.23 -42.17
N ASN A 57 -4.66 5.71 -43.36
CA ASN A 57 -4.57 6.50 -44.58
C ASN A 57 -5.42 7.76 -44.48
N ALA A 58 -6.68 7.59 -44.08
CA ALA A 58 -7.61 8.70 -43.98
C ALA A 58 -7.16 9.74 -42.95
N GLU A 59 -6.49 9.27 -41.89
CA GLU A 59 -5.96 10.18 -40.88
C GLU A 59 -4.87 11.08 -41.48
N LEU A 60 -3.99 10.51 -42.29
CA LEU A 60 -2.93 11.27 -42.93
C LEU A 60 -3.52 12.33 -43.85
N VAL A 61 -4.63 12.01 -44.50
CA VAL A 61 -5.34 12.98 -45.33
C VAL A 61 -5.85 14.11 -44.45
N HIS A 62 -6.50 13.73 -43.34
CA HIS A 62 -7.06 14.69 -42.42
C HIS A 62 -5.98 15.62 -41.87
N ILE A 63 -4.83 15.04 -41.54
CA ILE A 63 -3.69 15.81 -41.05
C ILE A 63 -3.33 16.90 -42.06
N PHE A 64 -3.20 16.52 -43.33
CA PHE A 64 -2.84 17.52 -44.33
C PHE A 64 -3.93 18.56 -44.56
N THR A 65 -5.11 18.10 -44.96
CA THR A 65 -6.15 19.00 -45.45
C THR A 65 -6.63 20.00 -44.40
N LYS A 66 -6.27 19.77 -43.14
CA LYS A 66 -6.67 20.66 -42.05
C LYS A 66 -5.49 21.33 -41.33
N ASP A 67 -4.34 20.66 -41.29
CA ASP A 67 -3.20 21.13 -40.50
C ASP A 67 -1.91 21.33 -41.31
N ALA A 68 -2.03 21.43 -42.63
CA ALA A 68 -0.86 21.64 -43.48
C ALA A 68 -0.10 22.92 -43.10
N LYS A 69 -0.85 24.00 -42.89
CA LYS A 69 -0.26 25.28 -42.52
C LYS A 69 0.50 25.15 -41.20
N ALA A 70 -0.19 24.61 -40.20
CA ALA A 70 0.37 24.44 -38.87
C ALA A 70 1.69 23.68 -38.87
N PHE A 71 1.76 22.60 -39.64
CA PHE A 71 2.95 21.77 -39.67
C PHE A 71 3.98 22.23 -40.70
N GLY A 72 3.72 23.37 -41.34
CA GLY A 72 4.65 23.94 -42.28
C GLY A 72 4.75 23.17 -43.59
N ILE A 73 3.63 22.58 -44.01
CA ILE A 73 3.60 21.80 -45.24
C ILE A 73 3.23 22.66 -46.44
N SER A 74 4.15 22.74 -47.39
CA SER A 74 3.93 23.42 -48.67
C SER A 74 3.82 22.38 -49.77
N GLY A 75 2.79 22.52 -50.61
CA GLY A 75 2.59 21.62 -51.74
C GLY A 75 1.14 21.23 -51.95
N GLU A 76 0.78 21.00 -53.22
CA GLU A 76 -0.51 20.43 -53.56
C GLU A 76 -0.37 18.91 -53.52
N VAL A 77 -0.68 18.32 -52.38
CA VAL A 77 -0.51 16.87 -52.20
C VAL A 77 -1.84 16.14 -52.39
N THR A 78 -1.78 15.08 -53.18
CA THR A 78 -2.96 14.32 -53.56
C THR A 78 -2.90 12.92 -52.97
N PHE A 79 -4.07 12.36 -52.66
CA PHE A 79 -4.18 11.05 -52.04
C PHE A 79 -5.07 10.16 -52.91
N ASP A 80 -4.48 9.07 -53.43
CA ASP A 80 -5.23 8.11 -54.23
C ASP A 80 -5.85 7.05 -53.33
N TYR A 81 -7.18 6.97 -53.32
CA TYR A 81 -7.86 5.98 -52.51
C TYR A 81 -7.52 4.56 -52.97
N GLY A 82 -7.28 4.41 -54.27
CA GLY A 82 -6.99 3.12 -54.84
C GLY A 82 -5.78 2.49 -54.19
N ILE A 83 -4.81 3.34 -53.82
CA ILE A 83 -3.60 2.89 -53.16
C ILE A 83 -3.87 2.57 -51.69
N ALA A 84 -4.76 3.34 -51.06
CA ALA A 84 -5.19 3.03 -49.72
C ALA A 84 -5.83 1.66 -49.74
N TYR A 85 -6.70 1.42 -50.72
CA TYR A 85 -7.37 0.14 -50.87
C TYR A 85 -6.35 -0.98 -51.02
N ASP A 86 -5.41 -0.81 -51.95
CA ASP A 86 -4.43 -1.85 -52.24
C ASP A 86 -3.65 -2.22 -50.99
N ARG A 87 -3.28 -1.22 -50.21
CA ARG A 87 -2.49 -1.46 -49.00
C ARG A 87 -3.31 -2.20 -47.96
N SER A 88 -4.61 -1.90 -47.89
CA SER A 88 -5.48 -2.58 -46.95
C SER A 88 -5.55 -4.07 -47.30
N ARG A 89 -5.51 -4.38 -48.59
CA ARG A 89 -5.53 -5.77 -49.03
C ARG A 89 -4.21 -6.48 -48.77
N LYS A 90 -3.09 -5.77 -48.91
CA LYS A 90 -1.79 -6.35 -48.58
C LYS A 90 -1.74 -6.71 -47.09
N VAL A 91 -2.22 -5.81 -46.26
CA VAL A 91 -2.20 -6.00 -44.82
C VAL A 91 -3.09 -7.18 -44.38
N ALA A 92 -4.30 -7.23 -44.91
CA ALA A 92 -5.20 -8.34 -44.61
C ALA A 92 -4.58 -9.66 -45.05
N GLU A 93 -3.98 -9.66 -46.24
CA GLU A 93 -3.45 -10.90 -46.81
C GLU A 93 -2.28 -11.43 -46.00
N GLY A 94 -1.50 -10.53 -45.43
CA GLY A 94 -0.37 -10.92 -44.59
C GLY A 94 -0.80 -11.63 -43.32
N ARG A 95 -1.85 -11.13 -42.69
CA ARG A 95 -2.31 -11.71 -41.42
C ARG A 95 -3.09 -13.01 -41.63
N VAL A 96 -3.82 -13.09 -42.74
CA VAL A 96 -4.52 -14.33 -43.07
C VAL A 96 -3.51 -15.45 -43.27
N ALA A 97 -2.44 -15.16 -44.00
CA ALA A 97 -1.32 -16.08 -44.14
C ALA A 97 -0.79 -16.44 -42.75
N GLY A 98 -0.73 -15.44 -41.88
CA GLY A 98 -0.28 -15.63 -40.52
C GLY A 98 -1.12 -16.65 -39.75
N VAL A 99 -2.44 -16.61 -39.96
CA VAL A 99 -3.33 -17.56 -39.31
C VAL A 99 -2.92 -18.97 -39.70
N HIS A 100 -2.69 -19.17 -41.00
CA HIS A 100 -2.31 -20.46 -41.52
C HIS A 100 -1.00 -20.96 -40.91
N PHE A 101 -0.06 -20.05 -40.68
CA PHE A 101 1.20 -20.38 -40.02
C PHE A 101 0.94 -20.91 -38.62
N LEU A 102 0.06 -20.24 -37.89
CA LEU A 102 -0.27 -20.64 -36.52
C LEU A 102 -1.00 -21.98 -36.47
N MET A 103 -1.88 -22.24 -37.44
CA MET A 103 -2.58 -23.52 -37.49
C MET A 103 -1.57 -24.66 -37.65
N LYS A 104 -0.60 -24.45 -38.53
CA LYS A 104 0.41 -25.45 -38.81
C LYS A 104 1.34 -25.66 -37.61
N LYS A 105 1.83 -24.56 -37.04
CA LYS A 105 2.68 -24.61 -35.84
C LYS A 105 2.04 -25.46 -34.75
N ASN A 106 0.72 -25.38 -34.65
CA ASN A 106 -0.01 -26.07 -33.60
C ASN A 106 -0.62 -27.40 -34.07
N LYS A 107 -0.26 -27.83 -35.27
CA LYS A 107 -0.68 -29.12 -35.80
C LYS A 107 -2.20 -29.27 -35.75
N ILE A 108 -2.88 -28.23 -36.20
CA ILE A 108 -4.34 -28.21 -36.25
C ILE A 108 -4.80 -28.57 -37.65
N THR A 109 -5.75 -29.50 -37.74
CA THR A 109 -6.26 -29.94 -39.02
C THR A 109 -7.25 -28.91 -39.57
N GLU A 110 -6.98 -28.40 -40.76
CA GLU A 110 -7.90 -27.50 -41.43
C GLU A 110 -8.83 -28.30 -42.32
N ILE A 111 -10.13 -28.01 -42.23
CA ILE A 111 -11.10 -28.61 -43.13
C ILE A 111 -11.82 -27.50 -43.89
N HIS A 112 -11.65 -27.51 -45.20
CA HIS A 112 -12.14 -26.43 -46.04
C HIS A 112 -13.55 -26.75 -46.54
N GLY A 113 -14.54 -26.29 -45.81
CA GLY A 113 -15.92 -26.54 -46.16
C GLY A 113 -16.90 -25.94 -45.17
N TYR A 114 -18.18 -26.20 -45.40
CA TYR A 114 -19.26 -25.72 -44.55
C TYR A 114 -19.77 -26.90 -43.71
N GLY A 115 -19.86 -26.70 -42.41
CA GLY A 115 -20.22 -27.77 -41.50
C GLY A 115 -21.65 -27.67 -41.01
N THR A 116 -22.30 -28.84 -40.88
CA THR A 116 -23.68 -28.94 -40.43
C THR A 116 -23.79 -30.09 -39.44
N PHE A 117 -24.38 -29.82 -38.27
CA PHE A 117 -24.61 -30.87 -37.28
C PHE A 117 -25.64 -31.87 -37.78
N ALA A 118 -25.36 -33.16 -37.61
CA ALA A 118 -26.36 -34.20 -37.84
C ALA A 118 -26.90 -34.68 -36.51
N ASP A 119 -26.00 -34.78 -35.54
CA ASP A 119 -26.35 -35.18 -34.17
C ASP A 119 -25.66 -34.21 -33.22
N ALA A 120 -25.60 -34.57 -31.94
CA ALA A 120 -24.89 -33.77 -30.95
C ALA A 120 -23.42 -34.12 -30.92
N ASN A 121 -23.01 -35.07 -31.76
CA ASN A 121 -21.65 -35.61 -31.73
C ASN A 121 -21.02 -35.82 -33.09
N THR A 122 -21.73 -35.41 -34.15
CA THR A 122 -21.27 -35.61 -35.51
C THR A 122 -21.49 -34.36 -36.33
N LEU A 123 -20.61 -34.16 -37.30
CA LEU A 123 -20.64 -32.98 -38.15
C LEU A 123 -20.52 -33.39 -39.60
N LEU A 124 -21.48 -32.97 -40.41
CA LEU A 124 -21.43 -33.21 -41.85
C LEU A 124 -20.86 -31.98 -42.54
N VAL A 125 -19.80 -32.18 -43.29
CA VAL A 125 -19.10 -31.08 -43.94
C VAL A 125 -19.20 -31.18 -45.45
N ASP A 126 -19.81 -30.17 -46.07
CA ASP A 126 -19.79 -30.03 -47.53
C ASP A 126 -18.51 -29.32 -47.96
N LEU A 127 -17.58 -30.08 -48.53
CA LEU A 127 -16.29 -29.53 -48.95
C LEU A 127 -16.44 -28.57 -50.13
N ASN A 128 -15.54 -27.60 -50.21
CA ASN A 128 -15.57 -26.60 -51.27
C ASN A 128 -15.41 -27.19 -52.67
N ASP A 129 -14.70 -28.32 -52.77
CA ASP A 129 -14.51 -28.98 -54.06
C ASP A 129 -15.67 -29.92 -54.41
N GLY A 130 -16.77 -29.85 -53.65
CA GLY A 130 -17.98 -30.59 -53.95
C GLY A 130 -18.15 -31.87 -53.16
N GLY A 131 -17.04 -32.40 -52.64
CA GLY A 131 -17.06 -33.65 -51.89
C GLY A 131 -17.68 -33.50 -50.52
N THR A 132 -17.48 -34.51 -49.68
CA THR A 132 -18.08 -34.57 -48.35
C THR A 132 -17.08 -35.19 -47.38
N GLU A 133 -17.22 -34.86 -46.10
CA GLU A 133 -16.58 -35.64 -45.05
C GLU A 133 -17.35 -35.52 -43.75
N SER A 134 -17.20 -36.52 -42.89
CA SER A 134 -17.90 -36.59 -41.64
C SER A 134 -16.88 -36.51 -40.51
N VAL A 135 -17.18 -35.67 -39.53
CA VAL A 135 -16.30 -35.50 -38.38
C VAL A 135 -17.12 -35.80 -37.13
N THR A 136 -16.64 -36.74 -36.34
CA THR A 136 -17.24 -37.03 -35.04
C THR A 136 -16.35 -36.44 -33.96
N PHE A 137 -16.96 -35.94 -32.90
CA PHE A 137 -16.23 -35.17 -31.91
C PHE A 137 -16.72 -35.45 -30.50
N ASP A 138 -15.85 -35.19 -29.52
CA ASP A 138 -16.22 -35.24 -28.11
C ASP A 138 -16.74 -33.88 -27.70
N ASN A 139 -16.16 -32.84 -28.28
CA ASN A 139 -16.57 -31.47 -28.02
C ASN A 139 -16.62 -30.67 -29.31
N ALA A 140 -17.55 -29.72 -29.37
CA ALA A 140 -17.65 -28.80 -30.49
C ALA A 140 -17.64 -27.38 -29.97
N ILE A 141 -16.93 -26.50 -30.67
CA ILE A 141 -16.92 -25.08 -30.35
C ILE A 141 -17.47 -24.32 -31.56
N ILE A 142 -18.71 -23.86 -31.44
CA ILE A 142 -19.35 -23.10 -32.48
C ILE A 142 -18.87 -21.65 -32.46
N ALA A 143 -18.20 -21.23 -33.53
CA ALA A 143 -17.72 -19.86 -33.67
C ALA A 143 -18.07 -19.34 -35.06
N THR A 144 -19.36 -19.32 -35.36
CA THR A 144 -19.83 -19.08 -36.72
C THR A 144 -20.12 -17.60 -37.00
N GLY A 145 -19.95 -16.77 -35.98
CA GLY A 145 -20.02 -15.33 -36.16
C GLY A 145 -21.42 -14.80 -36.41
N SER A 146 -21.49 -13.61 -37.00
CA SER A 146 -22.76 -12.96 -37.29
C SER A 146 -22.75 -12.37 -38.70
N SER A 147 -23.93 -11.94 -39.13
CA SER A 147 -24.11 -11.31 -40.44
C SER A 147 -24.82 -9.97 -40.24
N THR A 148 -24.76 -9.12 -41.26
CA THR A 148 -25.36 -7.80 -41.17
C THR A 148 -26.88 -7.88 -41.03
N ARG A 149 -27.41 -7.09 -40.10
CA ARG A 149 -28.84 -6.95 -39.90
C ARG A 149 -29.35 -5.81 -40.79
N LEU A 150 -30.29 -6.11 -41.66
CA LEU A 150 -30.80 -5.12 -42.60
C LEU A 150 -31.92 -4.30 -41.96
N VAL A 151 -32.07 -3.06 -42.40
CA VAL A 151 -33.22 -2.25 -42.01
C VAL A 151 -34.47 -3.02 -42.42
N PRO A 152 -35.43 -3.21 -41.50
CA PRO A 152 -36.60 -4.03 -41.83
C PRO A 152 -37.33 -3.60 -43.11
N GLY A 153 -37.56 -4.56 -43.99
CA GLY A 153 -38.28 -4.32 -45.22
C GLY A 153 -37.39 -3.84 -46.36
N THR A 154 -36.10 -3.67 -46.07
CA THR A 154 -35.12 -3.30 -47.10
C THR A 154 -34.31 -4.52 -47.49
N SER A 155 -33.62 -4.40 -48.62
CA SER A 155 -32.83 -5.49 -49.17
C SER A 155 -31.51 -4.96 -49.70
N LEU A 156 -30.60 -5.88 -50.00
CA LEU A 156 -29.32 -5.53 -50.60
C LEU A 156 -29.43 -5.53 -52.11
N SER A 157 -28.56 -4.76 -52.75
CA SER A 157 -28.58 -4.62 -54.20
C SER A 157 -27.26 -4.01 -54.65
N ALA A 158 -27.16 -3.65 -55.93
CA ALA A 158 -25.92 -3.12 -56.49
C ALA A 158 -25.42 -1.89 -55.73
N ASN A 159 -26.35 -1.01 -55.35
CA ASN A 159 -26.00 0.24 -54.68
C ASN A 159 -26.44 0.30 -53.21
N VAL A 160 -26.92 -0.83 -52.70
CA VAL A 160 -27.24 -0.97 -51.28
C VAL A 160 -26.43 -2.13 -50.74
N VAL A 161 -25.45 -1.83 -49.90
CA VAL A 161 -24.40 -2.78 -49.58
C VAL A 161 -24.18 -2.96 -48.07
N THR A 162 -23.43 -4.01 -47.75
CA THR A 162 -22.97 -4.26 -46.40
C THR A 162 -21.53 -3.78 -46.32
N TYR A 163 -20.96 -3.82 -45.12
CA TYR A 163 -19.56 -3.46 -44.92
C TYR A 163 -18.68 -4.19 -45.92
N GLU A 164 -19.09 -5.41 -46.25
CA GLU A 164 -18.28 -6.33 -47.05
C GLU A 164 -18.05 -5.83 -48.48
N GLU A 165 -19.12 -5.41 -49.15
CA GLU A 165 -18.97 -4.92 -50.53
C GLU A 165 -18.27 -3.56 -50.55
N GLN A 166 -18.55 -2.73 -49.55
CA GLN A 166 -17.95 -1.39 -49.48
C GLN A 166 -16.45 -1.44 -49.19
N ILE A 167 -16.05 -2.26 -48.22
CA ILE A 167 -14.64 -2.29 -47.84
C ILE A 167 -13.79 -2.91 -48.95
N LEU A 168 -14.41 -3.68 -49.83
CA LEU A 168 -13.72 -4.28 -50.97
C LEU A 168 -13.84 -3.47 -52.27
N SER A 169 -14.37 -2.25 -52.17
CA SER A 169 -14.47 -1.37 -53.35
C SER A 169 -13.22 -0.51 -53.50
N ARG A 170 -12.49 -0.72 -54.60
CA ARG A 170 -11.31 0.07 -54.90
C ARG A 170 -11.73 1.43 -55.42
N GLU A 171 -12.86 1.44 -56.13
CA GLU A 171 -13.45 2.66 -56.64
C GLU A 171 -14.37 3.23 -55.58
N LEU A 172 -14.57 4.54 -55.62
CA LEU A 172 -15.23 5.27 -54.55
C LEU A 172 -16.47 5.99 -55.08
N PRO A 173 -17.56 6.05 -54.28
CA PRO A 173 -18.76 6.72 -54.75
C PRO A 173 -18.71 8.23 -54.51
N LYS A 174 -19.52 8.96 -55.25
CA LYS A 174 -19.60 10.41 -55.09
C LYS A 174 -20.28 10.77 -53.79
N SER A 175 -21.24 9.94 -53.40
CA SER A 175 -22.04 10.19 -52.23
C SER A 175 -22.49 8.86 -51.63
N ILE A 176 -22.72 8.86 -50.33
CA ILE A 176 -23.14 7.66 -49.63
C ILE A 176 -24.03 8.05 -48.45
N ILE A 177 -25.03 7.22 -48.19
CA ILE A 177 -25.82 7.34 -46.96
C ILE A 177 -25.58 6.10 -46.11
N ILE A 178 -25.11 6.33 -44.89
CA ILE A 178 -24.81 5.25 -43.96
C ILE A 178 -25.92 5.12 -42.92
N ALA A 179 -26.58 3.97 -42.92
CA ALA A 179 -27.62 3.68 -41.94
C ALA A 179 -27.01 3.04 -40.70
N GLY A 180 -27.03 3.77 -39.58
CA GLY A 180 -26.47 3.30 -38.33
C GLY A 180 -25.22 4.07 -37.96
N ALA A 181 -25.17 4.54 -36.72
CA ALA A 181 -24.05 5.34 -36.23
C ALA A 181 -23.31 4.65 -35.09
N GLY A 182 -23.12 3.34 -35.21
CA GLY A 182 -22.27 2.59 -34.31
C GLY A 182 -20.83 2.71 -34.76
N ALA A 183 -19.95 1.93 -34.16
CA ALA A 183 -18.51 1.98 -34.45
C ALA A 183 -18.22 1.92 -35.95
N ILE A 184 -18.80 0.92 -36.62
CA ILE A 184 -18.51 0.66 -38.02
C ILE A 184 -19.02 1.77 -38.94
N GLY A 185 -20.18 2.34 -38.61
CA GLY A 185 -20.75 3.40 -39.40
C GLY A 185 -19.90 4.67 -39.37
N MET A 186 -19.40 5.00 -38.18
CA MET A 186 -18.54 6.16 -38.00
C MET A 186 -17.22 5.99 -38.77
N GLU A 187 -16.56 4.87 -38.54
CA GLU A 187 -15.28 4.58 -39.17
C GLU A 187 -15.35 4.68 -40.69
N PHE A 188 -16.38 4.08 -41.28
CA PHE A 188 -16.60 4.20 -42.72
C PHE A 188 -16.87 5.65 -43.11
N GLY A 189 -17.69 6.33 -42.32
CA GLY A 189 -17.98 7.74 -42.58
C GLY A 189 -16.71 8.57 -42.60
N TYR A 190 -15.83 8.29 -41.64
CA TYR A 190 -14.59 9.03 -41.49
C TYR A 190 -13.67 8.85 -42.70
N VAL A 191 -13.46 7.60 -43.12
CA VAL A 191 -12.60 7.29 -44.25
C VAL A 191 -13.11 7.92 -45.53
N LEU A 192 -14.40 7.78 -45.78
CA LEU A 192 -14.99 8.19 -47.06
C LEU A 192 -15.01 9.71 -47.20
N LYS A 193 -15.40 10.41 -46.14
CA LYS A 193 -15.45 11.87 -46.17
C LYS A 193 -14.07 12.44 -46.45
N ASN A 194 -13.08 12.00 -45.69
CA ASN A 194 -11.71 12.45 -45.86
C ASN A 194 -11.20 12.28 -47.29
N TYR A 195 -11.71 11.26 -47.98
CA TYR A 195 -11.31 10.98 -49.35
C TYR A 195 -12.25 11.59 -50.40
N GLY A 196 -13.10 12.52 -49.96
CA GLY A 196 -13.88 13.34 -50.88
C GLY A 196 -15.32 12.93 -51.11
N VAL A 197 -15.77 11.85 -50.47
CA VAL A 197 -17.14 11.41 -50.62
C VAL A 197 -18.08 12.30 -49.80
N ASP A 198 -19.26 12.60 -50.33
CA ASP A 198 -20.31 13.24 -49.55
C ASP A 198 -20.96 12.19 -48.65
N VAL A 199 -20.99 12.45 -47.35
CA VAL A 199 -21.38 11.45 -46.36
C VAL A 199 -22.50 11.93 -45.47
N THR A 200 -23.58 11.15 -45.45
CA THR A 200 -24.68 11.37 -44.52
C THR A 200 -24.87 10.12 -43.68
N ILE A 201 -24.95 10.31 -42.37
CA ILE A 201 -25.15 9.21 -41.43
C ILE A 201 -26.47 9.36 -40.68
N VAL A 202 -27.29 8.33 -40.72
CA VAL A 202 -28.60 8.33 -40.07
C VAL A 202 -28.60 7.36 -38.87
N GLU A 203 -29.01 7.86 -37.72
CA GLU A 203 -29.09 7.06 -36.49
C GLU A 203 -30.48 7.17 -35.88
N PHE A 204 -31.02 6.05 -35.42
CA PHE A 204 -32.35 6.05 -34.83
C PHE A 204 -32.36 6.64 -33.43
N LEU A 205 -31.34 6.34 -32.64
CA LEU A 205 -31.24 6.87 -31.28
C LEU A 205 -30.77 8.33 -31.33
N PRO A 206 -31.03 9.10 -30.26
CA PRO A 206 -30.72 10.53 -30.33
C PRO A 206 -29.21 10.87 -30.30
N ARG A 207 -28.35 9.87 -30.24
CA ARG A 207 -26.90 10.09 -30.19
C ARG A 207 -26.14 9.21 -31.17
N ALA A 208 -25.10 9.77 -31.77
CA ALA A 208 -24.09 8.95 -32.45
C ALA A 208 -23.31 8.21 -31.38
N LEU A 209 -22.80 7.02 -31.72
CA LEU A 209 -22.19 6.11 -30.73
C LEU A 209 -23.01 6.08 -29.45
N PRO A 210 -24.28 5.63 -29.54
CA PRO A 210 -25.27 5.75 -28.46
C PRO A 210 -25.01 4.84 -27.24
N ASN A 211 -24.10 3.88 -27.36
CA ASN A 211 -23.75 3.04 -26.21
C ASN A 211 -22.68 3.68 -25.34
N GLU A 212 -22.04 4.73 -25.87
CA GLU A 212 -20.98 5.43 -25.17
C GLU A 212 -21.54 6.44 -24.19
N ASP A 213 -20.68 7.00 -23.35
CA ASP A 213 -21.08 8.06 -22.45
C ASP A 213 -21.52 9.25 -23.30
N ALA A 214 -22.57 9.94 -22.86
CA ALA A 214 -23.14 11.05 -23.62
C ALA A 214 -22.11 12.15 -23.91
N ASP A 215 -21.22 12.40 -22.96
CA ASP A 215 -20.15 13.39 -23.14
C ASP A 215 -19.25 13.00 -24.32
N VAL A 216 -19.08 11.70 -24.53
CA VAL A 216 -18.27 11.19 -25.63
C VAL A 216 -19.04 11.32 -26.96
N SER A 217 -20.32 11.00 -26.95
CA SER A 217 -21.15 11.13 -28.15
C SER A 217 -21.15 12.56 -28.66
N LYS A 218 -21.27 13.51 -27.74
CA LYS A 218 -21.29 14.92 -28.10
C LYS A 218 -19.95 15.33 -28.73
N GLU A 219 -18.86 14.91 -28.12
CA GLU A 219 -17.53 15.27 -28.61
C GLU A 219 -17.30 14.75 -30.02
N ILE A 220 -17.65 13.50 -30.27
CA ILE A 220 -17.39 12.88 -31.56
C ILE A 220 -18.29 13.48 -32.66
N GLU A 221 -19.51 13.85 -32.28
CA GLU A 221 -20.43 14.48 -33.22
C GLU A 221 -19.90 15.84 -33.68
N LYS A 222 -19.40 16.63 -32.74
CA LYS A 222 -18.80 17.93 -33.06
C LYS A 222 -17.65 17.77 -34.05
N GLN A 223 -16.79 16.79 -33.82
CA GLN A 223 -15.63 16.56 -34.69
C GLN A 223 -16.07 16.18 -36.10
N PHE A 224 -17.14 15.41 -36.21
CA PHE A 224 -17.62 14.95 -37.51
C PHE A 224 -18.29 16.08 -38.29
N LYS A 225 -19.07 16.90 -37.59
CA LYS A 225 -19.70 18.07 -38.23
C LYS A 225 -18.64 19.04 -38.74
N LYS A 226 -17.54 19.17 -38.00
CA LYS A 226 -16.47 20.08 -38.38
C LYS A 226 -15.67 19.47 -39.53
N LEU A 227 -15.72 18.15 -39.66
CA LEU A 227 -15.07 17.45 -40.76
C LEU A 227 -15.89 17.58 -42.04
N GLY A 228 -17.21 17.70 -41.88
CA GLY A 228 -18.12 17.90 -42.99
C GLY A 228 -19.08 16.74 -43.21
N VAL A 229 -19.13 15.82 -42.26
CA VAL A 229 -20.11 14.73 -42.29
C VAL A 229 -21.44 15.22 -41.72
N THR A 230 -22.53 14.84 -42.35
CA THR A 230 -23.88 15.19 -41.88
C THR A 230 -24.47 14.03 -41.07
N ILE A 231 -24.76 14.27 -39.81
CA ILE A 231 -25.32 13.25 -38.92
C ILE A 231 -26.76 13.58 -38.52
N LEU A 232 -27.68 12.72 -38.91
CA LEU A 232 -29.09 12.86 -38.55
C LEU A 232 -29.42 11.87 -37.44
N THR A 233 -29.77 12.41 -36.27
CA THR A 233 -30.10 11.59 -35.11
C THR A 233 -31.61 11.60 -34.85
N ALA A 234 -32.06 10.71 -33.98
CA ALA A 234 -33.49 10.56 -33.69
C ALA A 234 -34.28 10.40 -34.99
N THR A 235 -33.68 9.70 -35.94
CA THR A 235 -34.23 9.61 -37.29
C THR A 235 -34.29 8.14 -37.75
N LYS A 236 -35.47 7.73 -38.21
CA LYS A 236 -35.71 6.33 -38.58
C LYS A 236 -35.71 6.13 -40.09
N VAL A 237 -34.92 5.16 -40.55
CA VAL A 237 -34.98 4.75 -41.94
C VAL A 237 -36.24 3.93 -42.15
N GLU A 238 -37.08 4.37 -43.08
CA GLU A 238 -38.35 3.72 -43.36
C GLU A 238 -38.21 2.73 -44.50
N SER A 239 -37.61 3.19 -45.59
CA SER A 239 -37.45 2.38 -46.80
C SER A 239 -36.22 2.82 -47.59
N ILE A 240 -35.73 1.90 -48.43
CA ILE A 240 -34.58 2.17 -49.29
C ILE A 240 -34.93 1.72 -50.69
N ALA A 241 -34.82 2.64 -51.65
CA ALA A 241 -35.17 2.37 -53.04
C ALA A 241 -33.95 2.58 -53.95
N ASP A 242 -33.50 1.50 -54.58
CA ASP A 242 -32.37 1.55 -55.50
C ASP A 242 -32.89 1.76 -56.93
N GLY A 243 -32.77 2.98 -57.43
CA GLY A 243 -33.22 3.32 -58.77
C GLY A 243 -32.10 3.31 -59.80
N GLY A 244 -31.04 2.55 -59.51
CA GLY A 244 -29.92 2.45 -60.42
C GLY A 244 -29.01 3.67 -60.39
N SER A 245 -29.46 4.76 -60.98
CA SER A 245 -28.67 5.99 -61.05
C SER A 245 -28.50 6.64 -59.68
N GLN A 246 -29.35 6.27 -58.74
CA GLN A 246 -29.27 6.80 -57.38
C GLN A 246 -30.08 5.92 -56.43
N VAL A 247 -29.85 6.10 -55.13
CA VAL A 247 -30.65 5.43 -54.11
C VAL A 247 -31.46 6.48 -53.36
N THR A 248 -32.74 6.17 -53.12
CA THR A 248 -33.64 7.08 -52.43
C THR A 248 -34.01 6.48 -51.07
N VAL A 249 -33.65 7.20 -50.00
CA VAL A 249 -33.86 6.72 -48.65
C VAL A 249 -34.93 7.56 -47.95
N THR A 250 -36.06 6.92 -47.63
CA THR A 250 -37.15 7.59 -46.94
C THR A 250 -36.89 7.53 -45.44
N VAL A 251 -37.04 8.68 -44.80
CA VAL A 251 -36.57 8.87 -43.44
C VAL A 251 -37.61 9.69 -42.65
N THR A 252 -37.88 9.28 -41.42
CA THR A 252 -38.83 9.99 -40.57
C THR A 252 -38.22 10.52 -39.29
N LYS A 253 -38.57 11.77 -38.97
CA LYS A 253 -38.23 12.37 -37.68
C LYS A 253 -39.34 13.32 -37.27
N ASP A 254 -39.83 13.15 -36.04
CA ASP A 254 -40.87 14.01 -35.50
C ASP A 254 -42.17 13.93 -36.30
N GLY A 255 -42.40 12.79 -36.94
CA GLY A 255 -43.60 12.59 -37.74
C GLY A 255 -43.50 13.26 -39.10
N VAL A 256 -42.27 13.49 -39.55
CA VAL A 256 -42.03 14.18 -40.82
C VAL A 256 -41.16 13.30 -41.72
N ALA A 257 -41.76 12.81 -42.80
CA ALA A 257 -41.05 12.01 -43.79
C ALA A 257 -40.25 12.91 -44.73
N GLN A 258 -38.98 12.53 -44.94
CA GLN A 258 -38.13 13.20 -45.90
C GLN A 258 -37.41 12.15 -46.74
N GLU A 259 -37.04 12.53 -47.96
CA GLU A 259 -36.26 11.68 -48.82
C GLU A 259 -34.82 12.17 -48.89
N LEU A 260 -33.88 11.25 -48.78
CA LEU A 260 -32.46 11.54 -48.96
C LEU A 260 -31.96 10.77 -50.18
N LYS A 261 -31.11 11.41 -50.97
CA LYS A 261 -30.53 10.77 -52.15
C LYS A 261 -29.03 10.65 -52.02
N ALA A 262 -28.49 9.58 -52.63
CA ALA A 262 -27.05 9.38 -52.70
C ALA A 262 -26.78 8.28 -53.70
N GLU A 263 -25.53 8.17 -54.13
CA GLU A 263 -25.13 7.16 -55.09
C GLU A 263 -25.27 5.76 -54.48
N LYS A 264 -24.90 5.65 -53.20
CA LYS A 264 -24.89 4.37 -52.51
C LYS A 264 -25.46 4.47 -51.10
N VAL A 265 -25.88 3.33 -50.56
CA VAL A 265 -26.30 3.22 -49.17
C VAL A 265 -25.54 2.08 -48.50
N LEU A 266 -24.97 2.37 -47.33
CA LEU A 266 -24.29 1.36 -46.52
C LEU A 266 -25.18 0.97 -45.34
N GLN A 267 -25.42 -0.32 -45.20
CA GLN A 267 -26.21 -0.83 -44.09
C GLN A 267 -25.28 -1.25 -42.95
N ALA A 268 -25.37 -0.55 -41.82
CA ALA A 268 -24.53 -0.84 -40.67
C ALA A 268 -25.27 -0.56 -39.37
N ILE A 269 -26.46 -1.14 -39.22
CA ILE A 269 -27.28 -0.90 -38.05
C ILE A 269 -27.09 -1.98 -36.98
N GLY A 270 -26.33 -3.02 -37.31
CA GLY A 270 -26.08 -4.09 -36.37
C GLY A 270 -25.76 -5.41 -37.06
N PHE A 271 -25.42 -6.41 -36.25
CA PHE A 271 -25.07 -7.73 -36.76
C PHE A 271 -25.84 -8.83 -36.04
N ALA A 272 -26.52 -9.66 -36.83
CA ALA A 272 -27.34 -10.73 -36.29
C ALA A 272 -26.54 -12.03 -36.31
N PRO A 273 -26.51 -12.76 -35.17
CA PRO A 273 -25.78 -14.03 -35.11
C PRO A 273 -26.17 -15.03 -36.21
N ASN A 274 -25.17 -15.68 -36.80
CA ASN A 274 -25.39 -16.76 -37.75
C ASN A 274 -25.86 -18.01 -37.01
N VAL A 275 -27.14 -18.34 -37.15
CA VAL A 275 -27.73 -19.43 -36.37
C VAL A 275 -28.53 -20.45 -37.20
N GLU A 276 -28.88 -20.10 -38.43
CA GLU A 276 -29.69 -20.99 -39.25
C GLU A 276 -28.91 -21.59 -40.42
N GLY A 277 -29.34 -22.78 -40.83
CA GLY A 277 -28.80 -23.43 -42.01
C GLY A 277 -27.70 -24.45 -41.75
N TYR A 278 -27.35 -24.68 -40.48
CA TYR A 278 -26.30 -25.65 -40.16
C TYR A 278 -26.60 -26.55 -38.97
N GLY A 279 -27.88 -26.79 -38.71
CA GLY A 279 -28.31 -27.90 -37.88
C GLY A 279 -28.20 -27.76 -36.37
N LEU A 280 -28.33 -26.54 -35.85
CA LEU A 280 -28.35 -26.34 -34.40
C LEU A 280 -29.51 -27.12 -33.76
N ASP A 281 -30.62 -27.22 -34.49
CA ASP A 281 -31.78 -27.98 -34.05
C ASP A 281 -31.43 -29.46 -33.87
N LYS A 282 -30.67 -30.00 -34.83
CA LYS A 282 -30.28 -31.40 -34.79
C LYS A 282 -29.37 -31.68 -33.60
N ALA A 283 -28.58 -30.68 -33.23
CA ALA A 283 -27.64 -30.83 -32.13
C ALA A 283 -28.33 -30.60 -30.79
N GLY A 284 -29.46 -29.89 -30.81
CA GLY A 284 -30.22 -29.61 -29.62
C GLY A 284 -29.79 -28.32 -28.93
N VAL A 285 -29.11 -27.46 -29.68
CA VAL A 285 -28.60 -26.21 -29.14
C VAL A 285 -29.69 -25.12 -29.14
N ALA A 286 -29.95 -24.54 -27.97
CA ALA A 286 -31.06 -23.60 -27.79
C ALA A 286 -30.63 -22.16 -28.04
N LEU A 287 -31.51 -21.42 -28.71
CA LEU A 287 -31.29 -20.00 -28.96
C LEU A 287 -31.91 -19.16 -27.85
N THR A 288 -31.52 -17.90 -27.79
CA THR A 288 -32.11 -16.96 -26.84
C THR A 288 -33.32 -16.29 -27.48
N ASP A 289 -33.90 -15.32 -26.76
CA ASP A 289 -35.00 -14.52 -27.30
C ASP A 289 -34.58 -13.75 -28.55
N ARG A 290 -33.32 -13.31 -28.57
CA ARG A 290 -32.82 -12.49 -29.67
C ARG A 290 -32.09 -13.32 -30.72
N LYS A 291 -32.35 -14.62 -30.74
CA LYS A 291 -31.80 -15.52 -31.75
C LYS A 291 -30.26 -15.58 -31.75
N ALA A 292 -29.67 -15.46 -30.57
CA ALA A 292 -28.26 -15.76 -30.38
C ALA A 292 -28.21 -17.12 -29.69
N ILE A 293 -27.06 -17.79 -29.75
CA ILE A 293 -26.89 -19.05 -29.04
C ILE A 293 -26.65 -18.76 -27.56
N GLY A 294 -27.47 -19.37 -26.70
CA GLY A 294 -27.36 -19.16 -25.27
C GLY A 294 -26.17 -19.87 -24.68
N VAL A 295 -25.51 -19.25 -23.71
CA VAL A 295 -24.35 -19.84 -23.06
C VAL A 295 -24.22 -19.41 -21.60
N ASP A 296 -23.61 -20.26 -20.78
CA ASP A 296 -23.29 -19.90 -19.41
C ASP A 296 -21.97 -19.12 -19.35
N ASP A 297 -21.43 -18.95 -18.15
CA ASP A 297 -20.19 -18.18 -17.97
C ASP A 297 -18.94 -18.89 -18.50
N TYR A 298 -19.09 -20.15 -18.88
CA TYR A 298 -17.98 -20.91 -19.46
C TYR A 298 -18.22 -21.21 -20.94
N MET A 299 -19.12 -20.44 -21.56
CA MET A 299 -19.40 -20.52 -22.99
C MET A 299 -20.01 -21.86 -23.38
N ARG A 300 -20.60 -22.54 -22.41
CA ARG A 300 -21.23 -23.84 -22.62
C ARG A 300 -22.67 -23.65 -23.06
N THR A 301 -23.11 -24.35 -24.10
CA THR A 301 -24.51 -24.31 -24.50
C THR A 301 -25.30 -25.25 -23.59
N ASN A 302 -26.60 -25.41 -23.85
CA ASN A 302 -27.43 -26.30 -23.05
C ASN A 302 -27.00 -27.75 -23.21
N VAL A 303 -26.21 -28.02 -24.25
CA VAL A 303 -25.60 -29.32 -24.46
C VAL A 303 -24.17 -29.29 -23.89
N GLY A 304 -23.96 -30.07 -22.83
CA GLY A 304 -22.76 -29.98 -22.01
C GLY A 304 -21.42 -29.94 -22.72
N HIS A 305 -21.34 -30.56 -23.89
CA HIS A 305 -20.08 -30.70 -24.61
C HIS A 305 -19.98 -29.82 -25.86
N ILE A 306 -20.96 -28.94 -26.06
CA ILE A 306 -20.95 -28.01 -27.18
C ILE A 306 -20.87 -26.58 -26.64
N TYR A 307 -19.89 -25.83 -27.14
CA TYR A 307 -19.67 -24.48 -26.69
C TYR A 307 -19.95 -23.50 -27.82
N ALA A 308 -20.18 -22.24 -27.48
CA ALA A 308 -20.50 -21.21 -28.46
C ALA A 308 -19.79 -19.92 -28.09
N ILE A 309 -18.88 -19.47 -28.95
CA ILE A 309 -18.04 -18.32 -28.68
C ILE A 309 -18.10 -17.26 -29.78
N GLY A 310 -17.78 -16.02 -29.42
CA GLY A 310 -17.71 -14.95 -30.39
C GLY A 310 -19.05 -14.30 -30.68
N ASP A 311 -19.16 -13.69 -31.85
CA ASP A 311 -20.35 -12.92 -32.23
C ASP A 311 -21.64 -13.72 -32.21
N VAL A 312 -21.54 -15.05 -32.32
CA VAL A 312 -22.74 -15.89 -32.42
C VAL A 312 -23.55 -15.92 -31.12
N ASN A 313 -22.91 -15.62 -29.99
CA ASN A 313 -23.62 -15.55 -28.71
C ASN A 313 -24.13 -14.15 -28.40
N GLY A 314 -23.79 -13.19 -29.26
CA GLY A 314 -24.35 -11.85 -29.19
C GLY A 314 -24.07 -11.04 -27.93
N LEU A 315 -23.15 -11.52 -27.10
CA LEU A 315 -22.88 -10.87 -25.82
C LEU A 315 -22.15 -9.54 -25.99
N LEU A 316 -21.11 -9.54 -26.83
CA LEU A 316 -20.39 -8.32 -27.17
C LEU A 316 -19.57 -8.60 -28.41
N GLN A 317 -20.02 -8.09 -29.55
CA GLN A 317 -19.52 -8.54 -30.85
C GLN A 317 -18.21 -7.86 -31.24
N LEU A 318 -17.12 -8.30 -30.63
CA LEU A 318 -15.80 -7.75 -30.89
C LEU A 318 -14.79 -8.89 -30.93
N ALA A 319 -13.68 -8.67 -31.63
CA ALA A 319 -12.69 -9.73 -31.83
C ALA A 319 -11.99 -10.16 -30.55
N HIS A 320 -11.60 -9.20 -29.71
CA HIS A 320 -10.89 -9.54 -28.48
C HIS A 320 -11.79 -10.31 -27.51
N VAL A 321 -13.10 -10.07 -27.58
CA VAL A 321 -14.06 -10.84 -26.79
C VAL A 321 -14.09 -12.28 -27.28
N ALA A 322 -14.20 -12.43 -28.60
CA ALA A 322 -14.24 -13.75 -29.23
C ALA A 322 -12.99 -14.55 -28.90
N GLU A 323 -11.85 -13.87 -28.88
CA GLU A 323 -10.59 -14.51 -28.55
C GLU A 323 -10.61 -15.03 -27.12
N ALA A 324 -11.03 -14.17 -26.20
CA ALA A 324 -11.01 -14.49 -24.78
C ALA A 324 -12.00 -15.61 -24.44
N GLN A 325 -13.15 -15.58 -25.10
CA GLN A 325 -14.16 -16.63 -24.87
C GLN A 325 -13.68 -17.96 -25.42
N GLY A 326 -12.90 -17.91 -26.49
CA GLY A 326 -12.37 -19.12 -27.09
C GLY A 326 -11.40 -19.78 -26.14
N VAL A 327 -10.58 -18.96 -25.49
CA VAL A 327 -9.61 -19.45 -24.53
C VAL A 327 -10.32 -20.05 -23.32
N VAL A 328 -11.40 -19.41 -22.88
CA VAL A 328 -12.23 -19.94 -21.79
C VAL A 328 -12.78 -21.32 -22.16
N ALA A 329 -13.34 -21.42 -23.36
CA ALA A 329 -14.00 -22.66 -23.79
C ALA A 329 -13.03 -23.83 -23.87
N ALA A 330 -11.84 -23.60 -24.41
CA ALA A 330 -10.85 -24.66 -24.57
C ALA A 330 -10.29 -25.13 -23.23
N GLU A 331 -10.11 -24.20 -22.30
CA GLU A 331 -9.55 -24.54 -20.99
C GLU A 331 -10.57 -25.33 -20.17
N THR A 332 -11.84 -24.97 -20.31
CA THR A 332 -12.92 -25.69 -19.66
C THR A 332 -13.02 -27.14 -20.19
N ILE A 333 -12.84 -27.30 -21.50
CA ILE A 333 -12.89 -28.63 -22.12
C ILE A 333 -11.76 -29.53 -21.62
N ALA A 334 -10.57 -28.97 -21.53
CA ALA A 334 -9.38 -29.74 -21.16
C ALA A 334 -9.32 -30.01 -19.66
N GLY A 335 -10.07 -29.22 -18.89
CA GLY A 335 -10.04 -29.32 -17.45
C GLY A 335 -8.98 -28.40 -16.86
N ALA A 336 -8.47 -27.48 -17.66
CA ALA A 336 -7.40 -26.58 -17.23
C ALA A 336 -7.93 -25.44 -16.38
N GLU A 337 -7.03 -24.78 -15.67
CA GLU A 337 -7.36 -23.63 -14.83
C GLU A 337 -7.90 -22.50 -15.71
N THR A 338 -9.03 -21.94 -15.31
CA THR A 338 -9.69 -20.91 -16.11
C THR A 338 -10.39 -19.86 -15.26
N LEU A 339 -10.60 -18.69 -15.85
CA LEU A 339 -11.33 -17.60 -15.21
C LEU A 339 -12.38 -17.12 -16.20
N THR A 340 -13.63 -16.98 -15.75
CA THR A 340 -14.68 -16.46 -16.62
C THR A 340 -14.42 -14.98 -16.87
N LEU A 341 -15.02 -14.45 -17.92
CA LEU A 341 -14.79 -13.06 -18.31
C LEU A 341 -15.57 -12.08 -17.42
N GLY A 342 -16.57 -12.59 -16.71
CA GLY A 342 -17.39 -11.76 -15.85
C GLY A 342 -18.40 -10.92 -16.63
N ASP A 343 -18.69 -9.74 -16.11
CA ASP A 343 -19.64 -8.82 -16.73
C ASP A 343 -19.04 -8.23 -18.01
N HIS A 344 -19.72 -8.42 -19.13
CA HIS A 344 -19.21 -7.99 -20.42
C HIS A 344 -19.31 -6.48 -20.62
N ARG A 345 -20.05 -5.81 -19.74
CA ARG A 345 -20.08 -4.35 -19.73
C ARG A 345 -18.72 -3.78 -19.35
N MET A 346 -17.92 -4.55 -18.62
CA MET A 346 -16.61 -4.08 -18.15
C MET A 346 -15.52 -4.27 -19.19
N LEU A 347 -15.80 -5.02 -20.24
CA LEU A 347 -14.80 -5.27 -21.28
C LEU A 347 -14.56 -4.00 -22.11
N PRO A 348 -13.30 -3.77 -22.51
CA PRO A 348 -12.96 -2.55 -23.25
C PRO A 348 -13.44 -2.56 -24.70
N ARG A 349 -13.68 -1.38 -25.25
CA ARG A 349 -14.23 -1.22 -26.60
C ARG A 349 -13.67 0.08 -27.17
N ALA A 350 -13.46 0.13 -28.47
CA ALA A 350 -12.89 1.34 -29.09
C ALA A 350 -13.39 1.58 -30.52
N THR A 351 -13.35 2.84 -30.94
CA THR A 351 -13.57 3.25 -32.32
C THR A 351 -12.28 3.95 -32.79
N PHE A 352 -11.90 3.72 -34.04
CA PHE A 352 -10.56 4.10 -34.49
C PHE A 352 -10.53 5.17 -35.58
N CYS A 353 -11.61 5.94 -35.67
CA CYS A 353 -11.54 7.21 -36.38
C CYS A 353 -10.66 8.14 -35.56
N GLN A 354 -10.41 9.35 -36.06
CA GLN A 354 -9.64 10.33 -35.32
C GLN A 354 -10.51 11.58 -35.11
N PRO A 355 -10.77 11.96 -33.85
CA PRO A 355 -10.24 11.41 -32.58
C PRO A 355 -10.71 9.98 -32.26
N ASN A 356 -9.87 9.24 -31.56
CA ASN A 356 -10.17 7.91 -31.09
C ASN A 356 -11.27 7.97 -30.03
N VAL A 357 -12.11 6.93 -29.96
CA VAL A 357 -13.02 6.73 -28.83
C VAL A 357 -12.66 5.41 -28.16
N ALA A 358 -12.68 5.40 -26.85
CA ALA A 358 -12.27 4.22 -26.08
C ALA A 358 -12.98 4.22 -24.73
N SER A 359 -13.46 3.05 -24.31
CA SER A 359 -14.23 2.97 -23.08
C SER A 359 -14.37 1.57 -22.50
N PHE A 360 -14.81 1.52 -21.26
CA PHE A 360 -15.15 0.26 -20.59
C PHE A 360 -16.08 0.57 -19.44
N GLY A 361 -16.86 -0.42 -19.02
CA GLY A 361 -17.71 -0.29 -17.85
C GLY A 361 -18.85 0.70 -18.02
N LEU A 362 -19.27 1.27 -16.89
CA LEU A 362 -20.50 2.06 -16.83
C LEU A 362 -20.29 3.52 -17.21
N THR A 363 -21.26 4.07 -17.95
CA THR A 363 -21.32 5.51 -18.19
C THR A 363 -21.64 6.20 -16.88
N GLU A 364 -21.53 7.53 -16.86
CA GLU A 364 -21.85 8.29 -15.66
C GLU A 364 -23.30 8.07 -15.28
N GLN A 365 -24.19 8.25 -16.25
CA GLN A 365 -25.62 8.19 -16.01
C GLN A 365 -26.07 6.78 -15.60
N GLN A 366 -25.52 5.76 -16.26
CA GLN A 366 -25.79 4.37 -15.90
C GLN A 366 -25.45 4.11 -14.43
N ALA A 367 -24.35 4.68 -13.97
CA ALA A 367 -23.88 4.48 -12.60
C ALA A 367 -24.84 5.09 -11.59
N ARG A 368 -25.34 6.28 -11.88
CA ARG A 368 -26.27 6.96 -10.98
C ARG A 368 -27.59 6.19 -10.94
N ASN A 369 -28.04 5.74 -12.10
CA ASN A 369 -29.31 5.02 -12.21
C ASN A 369 -29.30 3.67 -11.48
N GLU A 370 -28.12 3.17 -11.16
CA GLU A 370 -27.97 1.87 -10.52
C GLU A 370 -27.65 1.96 -9.03
N GLY A 371 -27.60 3.19 -8.52
CA GLY A 371 -27.56 3.44 -7.08
C GLY A 371 -26.18 3.60 -6.48
N TYR A 372 -25.17 3.77 -7.33
CA TYR A 372 -23.81 3.97 -6.84
C TYR A 372 -23.62 5.39 -6.30
N ASP A 373 -22.67 5.55 -5.38
CA ASP A 373 -22.27 6.86 -4.92
C ASP A 373 -21.20 7.39 -5.88
N VAL A 374 -21.65 8.06 -6.94
CA VAL A 374 -20.80 8.35 -8.09
C VAL A 374 -19.87 9.54 -7.90
N VAL A 375 -18.58 9.30 -8.11
CA VAL A 375 -17.57 10.34 -8.22
C VAL A 375 -17.11 10.35 -9.67
N VAL A 376 -16.92 11.55 -10.22
CA VAL A 376 -16.45 11.71 -11.59
C VAL A 376 -15.27 12.65 -11.66
N ALA A 377 -14.29 12.29 -12.50
CA ALA A 377 -13.14 13.13 -12.76
C ALA A 377 -12.96 13.24 -14.27
N LYS A 378 -12.71 14.46 -14.76
CA LYS A 378 -12.56 14.72 -16.18
C LYS A 378 -11.34 15.60 -16.43
N PHE A 379 -10.48 15.17 -17.36
CA PHE A 379 -9.28 15.92 -17.69
C PHE A 379 -9.22 16.19 -19.19
N PRO A 380 -9.34 17.46 -19.60
CA PRO A 380 -9.25 17.76 -21.04
C PRO A 380 -7.82 17.64 -21.56
N PHE A 381 -7.68 17.16 -22.79
CA PHE A 381 -6.35 16.96 -23.37
C PHE A 381 -5.68 18.28 -23.75
N THR A 382 -6.40 19.39 -23.64
CA THR A 382 -5.79 20.70 -23.83
C THR A 382 -4.87 21.04 -22.66
N ALA A 383 -4.94 20.25 -21.60
CA ALA A 383 -4.08 20.42 -20.44
C ALA A 383 -3.00 19.34 -20.39
N ASN A 384 -2.82 18.63 -21.51
CA ASN A 384 -1.80 17.59 -21.63
C ASN A 384 -0.72 18.03 -22.62
N ALA A 385 0.53 17.78 -22.27
CA ALA A 385 1.66 18.32 -23.01
C ALA A 385 1.85 17.64 -24.36
N LYS A 386 1.68 16.32 -24.41
CA LYS A 386 1.93 15.59 -25.64
C LYS A 386 0.80 15.78 -26.66
N ALA A 387 -0.42 15.99 -26.18
CA ALA A 387 -1.54 16.22 -27.07
C ALA A 387 -1.27 17.47 -27.92
N HIS A 388 -0.78 18.52 -27.29
CA HIS A 388 -0.40 19.73 -28.03
C HIS A 388 0.82 19.44 -28.93
N GLY A 389 1.78 18.69 -28.41
CA GLY A 389 2.94 18.30 -29.18
C GLY A 389 2.56 17.52 -30.42
N VAL A 390 1.47 16.76 -30.34
CA VAL A 390 1.06 15.88 -31.43
C VAL A 390 0.19 16.60 -32.46
N GLY A 391 -0.37 17.74 -32.06
CA GLY A 391 -1.19 18.56 -32.96
C GLY A 391 -2.68 18.36 -32.80
N ASP A 392 -3.06 17.57 -31.79
CA ASP A 392 -4.47 17.25 -31.55
C ASP A 392 -4.79 17.30 -30.06
N PRO A 393 -5.09 18.51 -29.54
CA PRO A 393 -5.41 18.69 -28.13
C PRO A 393 -6.88 18.41 -27.78
N SER A 394 -7.67 17.94 -28.74
CA SER A 394 -9.10 17.74 -28.51
C SER A 394 -9.35 16.57 -27.57
N GLY A 395 -10.55 16.53 -27.00
CA GLY A 395 -11.00 15.39 -26.24
C GLY A 395 -10.69 15.45 -24.76
N PHE A 396 -10.80 14.29 -24.10
CA PHE A 396 -10.70 14.24 -22.65
C PHE A 396 -10.66 12.79 -22.15
N VAL A 397 -10.28 12.62 -20.89
CA VAL A 397 -10.43 11.36 -20.18
C VAL A 397 -11.46 11.56 -19.09
N LYS A 398 -12.44 10.66 -19.01
CA LYS A 398 -13.49 10.74 -18.01
C LYS A 398 -13.63 9.41 -17.27
N LEU A 399 -13.33 9.42 -15.98
CA LEU A 399 -13.52 8.25 -15.13
C LEU A 399 -14.70 8.45 -14.19
N VAL A 400 -15.44 7.38 -13.95
CA VAL A 400 -16.48 7.37 -12.93
C VAL A 400 -16.18 6.25 -11.94
N ALA A 401 -16.33 6.55 -10.65
CA ALA A 401 -15.99 5.62 -9.59
C ALA A 401 -17.05 5.68 -8.50
N ASP A 402 -17.04 4.70 -7.60
CA ASP A 402 -17.88 4.75 -6.40
C ASP A 402 -17.09 5.40 -5.28
N ALA A 403 -17.72 6.35 -4.60
CA ALA A 403 -17.04 7.20 -3.62
C ALA A 403 -16.53 6.44 -2.41
N LYS A 404 -17.24 5.38 -2.01
CA LYS A 404 -16.94 4.68 -0.76
C LYS A 404 -15.49 4.25 -0.65
N HIS A 405 -14.94 3.68 -1.72
CA HIS A 405 -13.56 3.19 -1.71
C HIS A 405 -12.76 3.61 -2.95
N GLY A 406 -13.39 4.37 -3.84
CA GLY A 406 -12.73 4.81 -5.06
C GLY A 406 -12.55 3.68 -6.07
N GLU A 407 -13.53 2.78 -6.12
CA GLU A 407 -13.50 1.67 -7.07
C GLU A 407 -13.93 2.17 -8.43
N LEU A 408 -13.27 1.71 -9.49
CA LEU A 408 -13.60 2.15 -10.84
C LEU A 408 -14.83 1.43 -11.38
N LEU A 409 -15.77 2.21 -11.90
CA LEU A 409 -16.99 1.67 -12.49
C LEU A 409 -16.95 1.81 -14.00
N GLY A 410 -16.23 2.83 -14.48
CA GLY A 410 -16.18 3.12 -15.90
C GLY A 410 -15.06 4.08 -16.30
N GLY A 411 -14.67 3.98 -17.57
CA GLY A 411 -13.68 4.86 -18.15
C GLY A 411 -14.13 5.24 -19.55
N HIS A 412 -14.02 6.53 -19.88
CA HIS A 412 -14.52 7.03 -21.16
C HIS A 412 -13.58 8.08 -21.72
N LEU A 413 -12.98 7.73 -22.85
CA LEU A 413 -11.89 8.50 -23.44
C LEU A 413 -12.20 8.87 -24.89
N VAL A 414 -11.90 10.11 -25.24
CA VAL A 414 -11.90 10.52 -26.62
C VAL A 414 -10.67 11.41 -26.83
N GLY A 415 -9.92 11.13 -27.88
CA GLY A 415 -8.70 11.86 -28.16
C GLY A 415 -7.79 11.08 -29.07
N HIS A 416 -6.59 11.59 -29.31
CA HIS A 416 -5.64 10.97 -30.22
C HIS A 416 -5.13 9.61 -29.72
N ASP A 417 -5.56 8.54 -30.39
CA ASP A 417 -5.11 7.18 -30.09
C ASP A 417 -5.30 6.73 -28.64
N VAL A 418 -6.41 7.12 -28.02
CA VAL A 418 -6.63 6.79 -26.61
C VAL A 418 -7.03 5.32 -26.41
N ALA A 419 -7.23 4.59 -27.50
CA ALA A 419 -7.56 3.17 -27.41
C ALA A 419 -6.45 2.38 -26.72
N GLU A 420 -5.23 2.91 -26.78
CA GLU A 420 -4.07 2.25 -26.21
C GLU A 420 -3.96 2.47 -24.70
N LEU A 421 -4.77 3.38 -24.15
CA LEU A 421 -4.66 3.78 -22.75
C LEU A 421 -5.57 2.99 -21.81
N LEU A 422 -6.37 2.08 -22.36
CA LEU A 422 -7.36 1.35 -21.58
C LEU A 422 -6.83 0.29 -20.60
N PRO A 423 -5.76 -0.44 -20.96
CA PRO A 423 -5.45 -1.60 -20.12
C PRO A 423 -5.12 -1.32 -18.65
N GLU A 424 -4.56 -0.16 -18.33
CA GLU A 424 -4.29 0.18 -16.93
C GLU A 424 -5.59 0.19 -16.14
N LEU A 425 -6.62 0.77 -16.76
CA LEU A 425 -7.94 0.88 -16.14
C LEU A 425 -8.60 -0.49 -15.93
N THR A 426 -8.69 -1.28 -16.99
CA THR A 426 -9.32 -2.59 -16.89
C THR A 426 -8.56 -3.49 -15.91
N LEU A 427 -7.25 -3.34 -15.86
CA LEU A 427 -6.44 -4.10 -14.90
C LEU A 427 -6.84 -3.70 -13.49
N ALA A 428 -6.96 -2.41 -13.28
CA ALA A 428 -7.35 -1.88 -11.97
C ALA A 428 -8.74 -2.38 -11.58
N GLN A 429 -9.67 -2.31 -12.52
CA GLN A 429 -11.04 -2.70 -12.25
C GLN A 429 -11.14 -4.18 -11.85
N ARG A 430 -10.41 -5.03 -12.57
CA ARG A 430 -10.47 -6.47 -12.31
C ARG A 430 -9.87 -6.85 -10.96
N TRP A 431 -8.72 -6.26 -10.63
CA TRP A 431 -7.98 -6.62 -9.43
C TRP A 431 -8.13 -5.60 -8.29
N ASP A 432 -9.27 -4.90 -8.28
CA ASP A 432 -9.70 -4.11 -7.13
C ASP A 432 -8.74 -2.98 -6.70
N LEU A 433 -7.86 -2.56 -7.60
CA LEU A 433 -7.03 -1.39 -7.34
C LEU A 433 -7.90 -0.14 -7.47
N THR A 434 -7.88 0.70 -6.44
CA THR A 434 -8.74 1.88 -6.39
C THR A 434 -8.00 3.11 -6.90
N ALA A 435 -8.70 4.23 -6.92
CA ALA A 435 -8.12 5.50 -7.34
C ALA A 435 -6.88 5.84 -6.51
N SER A 436 -6.92 5.47 -5.23
CA SER A 436 -5.84 5.82 -4.31
C SER A 436 -4.55 5.05 -4.62
N GLU A 437 -4.68 3.76 -4.96
CA GLU A 437 -3.52 2.99 -5.39
C GLU A 437 -3.08 3.43 -6.79
N LEU A 438 -4.05 3.78 -7.62
CA LEU A 438 -3.79 4.16 -9.00
C LEU A 438 -3.08 5.51 -9.10
N ALA A 439 -3.43 6.42 -8.19
CA ALA A 439 -2.82 7.75 -8.18
C ALA A 439 -1.33 7.69 -7.85
N ARG A 440 -0.89 6.55 -7.31
CA ARG A 440 0.52 6.37 -6.91
C ARG A 440 1.37 5.69 -7.99
N ASN A 441 0.76 5.41 -9.14
CA ASN A 441 1.52 4.91 -10.28
C ASN A 441 2.03 6.10 -11.11
N VAL A 442 3.36 6.22 -11.22
CA VAL A 442 3.95 7.35 -11.92
C VAL A 442 3.87 7.13 -13.43
N HIS A 443 3.43 8.15 -14.16
CA HIS A 443 3.30 8.08 -15.61
C HIS A 443 4.39 8.87 -16.31
N THR A 444 4.92 8.32 -17.40
CA THR A 444 6.00 8.93 -18.15
C THR A 444 5.58 10.28 -18.72
N HIS A 445 6.48 11.25 -18.65
CA HIS A 445 6.25 12.56 -19.24
C HIS A 445 7.07 12.71 -20.51
N PRO A 446 6.48 13.27 -21.58
CA PRO A 446 5.07 13.63 -21.79
C PRO A 446 4.35 12.56 -22.60
N THR A 447 3.28 12.00 -22.05
CA THR A 447 2.44 11.05 -22.78
C THR A 447 0.98 11.43 -22.57
N MET A 448 0.10 10.91 -23.43
CA MET A 448 -1.34 11.09 -23.26
C MET A 448 -1.77 10.40 -21.97
N SER A 449 -0.98 9.41 -21.55
CA SER A 449 -1.34 8.59 -20.40
C SER A 449 -1.31 9.36 -19.09
N GLU A 450 -0.65 10.52 -19.08
CA GLU A 450 -0.60 11.35 -17.89
C GLU A 450 -1.99 11.86 -17.50
N ALA A 451 -2.87 12.01 -18.48
CA ALA A 451 -4.23 12.45 -18.22
C ALA A 451 -4.96 11.42 -17.36
N LEU A 452 -4.57 10.15 -17.47
CA LEU A 452 -5.11 9.11 -16.59
C LEU A 452 -4.68 9.40 -15.16
N GLN A 453 -3.41 9.70 -14.96
CA GLN A 453 -2.88 9.97 -13.63
C GLN A 453 -3.62 11.12 -12.96
N GLU A 454 -3.90 12.17 -13.74
CA GLU A 454 -4.58 13.33 -13.23
C GLU A 454 -6.00 12.99 -12.79
N CYS A 455 -6.70 12.16 -13.56
CA CYS A 455 -8.05 11.74 -13.20
C CYS A 455 -8.06 10.93 -11.90
N PHE A 456 -7.10 10.01 -11.76
CA PHE A 456 -6.95 9.25 -10.51
C PHE A 456 -6.86 10.22 -9.33
N HIS A 457 -6.06 11.28 -9.49
CA HIS A 457 -5.92 12.31 -8.47
C HIS A 457 -7.24 13.04 -8.22
N GLY A 458 -7.98 13.31 -9.30
CA GLY A 458 -9.22 14.03 -9.19
C GLY A 458 -10.26 13.26 -8.40
N LEU A 459 -10.19 11.93 -8.48
CA LEU A 459 -11.17 11.08 -7.82
C LEU A 459 -10.96 11.05 -6.31
N VAL A 460 -9.70 11.08 -5.88
CA VAL A 460 -9.34 10.94 -4.47
C VAL A 460 -9.28 12.29 -3.77
N GLY A 461 -9.17 13.36 -4.56
CA GLY A 461 -9.08 14.70 -4.01
C GLY A 461 -8.95 15.75 -5.08
N HIS A 462 -7.73 16.23 -5.29
CA HIS A 462 -7.48 17.34 -6.21
C HIS A 462 -6.47 17.01 -7.29
N MET A 463 -6.83 17.34 -8.54
CA MET A 463 -5.90 17.30 -9.64
C MET A 463 -4.78 18.32 -9.41
N ILE A 464 -3.63 18.06 -10.01
CA ILE A 464 -2.52 18.99 -9.95
C ILE A 464 -2.53 19.90 -11.19
N ASN A 465 -2.38 19.30 -12.37
CA ASN A 465 -2.17 20.06 -13.59
C ASN A 465 -3.45 20.58 -14.25
N PHE A 466 -4.54 20.58 -13.50
CA PHE A 466 -5.79 21.17 -13.99
C PHE A 466 -6.76 21.45 -12.84
N SER B 2 24.50 39.76 17.81
CA SER B 2 23.09 39.53 18.12
C SER B 2 22.86 39.31 19.61
N MET B 3 21.78 39.89 20.13
CA MET B 3 21.33 39.60 21.53
C MET B 3 19.82 39.71 21.62
N THR B 4 19.22 38.83 22.41
CA THR B 4 17.78 38.64 22.42
C THR B 4 17.25 38.47 23.83
N HIS B 5 15.93 38.41 23.97
CA HIS B 5 15.30 38.27 25.27
C HIS B 5 14.10 37.30 25.20
N TYR B 6 14.09 36.32 26.11
CA TYR B 6 13.02 35.32 26.17
C TYR B 6 12.53 35.15 27.60
N ASP B 7 11.26 34.83 27.76
CA ASP B 7 10.73 34.53 29.09
C ASP B 7 11.38 33.27 29.63
N VAL B 8 11.69 32.35 28.71
CA VAL B 8 12.28 31.07 29.07
C VAL B 8 13.34 30.68 28.06
N VAL B 9 14.49 30.25 28.56
CA VAL B 9 15.53 29.64 27.74
C VAL B 9 15.81 28.24 28.27
N VAL B 10 15.74 27.25 27.39
CA VAL B 10 16.00 25.87 27.75
C VAL B 10 17.37 25.45 27.23
N LEU B 11 18.19 24.90 28.14
CA LEU B 11 19.53 24.45 27.78
C LEU B 11 19.55 22.93 27.63
N GLY B 12 19.66 22.47 26.37
CA GLY B 12 19.61 21.06 26.06
C GLY B 12 18.31 20.70 25.37
N ALA B 13 18.38 19.85 24.35
CA ALA B 13 17.20 19.49 23.56
C ALA B 13 16.86 18.00 23.65
N GLY B 14 17.22 17.38 24.76
CA GLY B 14 16.82 16.02 25.04
C GLY B 14 15.35 15.98 25.41
N PRO B 15 14.84 14.77 25.73
CA PRO B 15 13.44 14.58 26.10
C PRO B 15 12.95 15.59 27.15
N GLY B 16 13.82 15.94 28.09
CA GLY B 16 13.49 16.92 29.09
C GLY B 16 13.32 18.30 28.46
N GLY B 17 14.37 18.76 27.80
CA GLY B 17 14.40 20.10 27.23
C GLY B 17 13.33 20.40 26.19
N TYR B 18 13.17 19.52 25.20
CA TYR B 18 12.24 19.80 24.12
C TYR B 18 10.79 19.74 24.59
N VAL B 19 10.49 18.84 25.53
CA VAL B 19 9.14 18.76 26.08
C VAL B 19 8.83 19.98 26.96
N ALA B 20 9.74 20.29 27.87
CA ALA B 20 9.63 21.48 28.71
C ALA B 20 9.41 22.73 27.85
N ALA B 21 10.09 22.79 26.72
CA ALA B 21 10.01 23.94 25.83
C ALA B 21 8.65 24.00 25.13
N ILE B 22 8.10 22.84 24.80
CA ILE B 22 6.78 22.77 24.18
C ILE B 22 5.72 23.25 25.18
N ARG B 23 5.81 22.76 26.41
CA ARG B 23 4.84 23.11 27.43
C ARG B 23 4.89 24.61 27.75
N ALA B 24 6.11 25.13 27.90
CA ALA B 24 6.29 26.56 28.13
C ALA B 24 5.62 27.37 27.03
N ALA B 25 5.84 26.97 25.79
CA ALA B 25 5.25 27.64 24.65
C ALA B 25 3.73 27.55 24.69
N GLN B 26 3.21 26.38 25.07
CA GLN B 26 1.78 26.18 25.21
C GLN B 26 1.16 27.10 26.25
N LEU B 27 1.92 27.40 27.30
CA LEU B 27 1.46 28.25 28.39
C LEU B 27 1.67 29.74 28.11
N GLY B 28 2.15 30.06 26.91
CA GLY B 28 2.21 31.44 26.45
C GLY B 28 3.52 32.16 26.71
N LEU B 29 4.56 31.39 27.05
CA LEU B 29 5.88 31.96 27.29
C LEU B 29 6.72 31.99 26.02
N SER B 30 7.44 33.10 25.80
CA SER B 30 8.42 33.15 24.72
C SER B 30 9.56 32.21 25.08
N THR B 31 9.83 31.25 24.19
CA THR B 31 10.74 30.16 24.50
C THR B 31 11.85 30.01 23.46
N ALA B 32 13.08 29.87 23.95
CA ALA B 32 14.22 29.55 23.11
C ALA B 32 14.90 28.31 23.67
N ILE B 33 15.37 27.43 22.79
CA ILE B 33 16.03 26.20 23.20
C ILE B 33 17.39 26.07 22.53
N VAL B 34 18.41 25.79 23.33
CA VAL B 34 19.80 25.79 22.88
C VAL B 34 20.36 24.37 22.87
N GLU B 35 20.90 23.94 21.74
CA GLU B 35 21.46 22.60 21.59
C GLU B 35 22.49 22.56 20.45
N PRO B 36 23.71 22.08 20.74
CA PRO B 36 24.77 22.03 19.72
C PRO B 36 24.75 20.81 18.79
N LYS B 37 24.33 19.65 19.31
CA LYS B 37 24.65 18.37 18.68
C LYS B 37 23.44 17.46 18.46
N TYR B 38 22.73 17.13 19.53
CA TYR B 38 21.69 16.11 19.51
C TYR B 38 20.31 16.68 19.80
N TRP B 39 19.53 16.93 18.76
CA TRP B 39 18.12 17.28 18.94
C TRP B 39 17.35 16.01 19.22
N GLY B 40 16.69 15.98 20.38
CA GLY B 40 16.18 14.75 20.93
C GLY B 40 17.19 14.18 21.92
N GLY B 41 18.34 14.84 22.02
CA GLY B 41 19.37 14.43 22.96
C GLY B 41 19.87 13.02 22.74
N VAL B 42 20.34 12.40 23.81
CA VAL B 42 20.84 11.03 23.76
C VAL B 42 19.73 10.06 23.36
N CYS B 43 18.56 10.22 23.96
CA CYS B 43 17.48 9.25 23.81
C CYS B 43 17.13 8.98 22.35
N LEU B 44 16.92 10.04 21.58
CA LEU B 44 16.47 9.91 20.21
C LEU B 44 17.58 9.59 19.20
N ASN B 45 18.82 9.94 19.52
CA ASN B 45 19.92 9.79 18.58
C ASN B 45 20.78 8.54 18.78
N VAL B 46 21.07 8.23 20.04
CA VAL B 46 22.00 7.14 20.37
C VAL B 46 21.58 6.39 21.62
N GLY B 47 20.29 6.46 21.97
CA GLY B 47 19.78 5.89 23.21
C GLY B 47 18.53 5.04 23.03
N CYS B 48 17.46 5.43 23.72
CA CYS B 48 16.23 4.62 23.77
C CYS B 48 15.76 4.20 22.38
N ILE B 49 15.64 5.15 21.48
CA ILE B 49 14.99 4.92 20.20
C ILE B 49 15.74 3.90 19.33
N PRO B 50 17.00 4.20 18.95
CA PRO B 50 17.68 3.21 18.10
C PRO B 50 17.95 1.89 18.81
N SER B 51 18.03 1.92 20.14
CA SER B 51 18.24 0.71 20.92
C SER B 51 17.07 -0.25 20.77
N LYS B 52 15.86 0.28 20.86
CA LYS B 52 14.67 -0.55 20.82
C LYS B 52 14.46 -1.16 19.44
N ALA B 53 14.94 -0.45 18.40
CA ALA B 53 14.91 -0.98 17.04
C ALA B 53 15.88 -2.16 16.87
N LEU B 54 17.07 -2.04 17.46
CA LEU B 54 18.04 -3.11 17.42
C LEU B 54 17.57 -4.31 18.25
N LEU B 55 16.93 -4.02 19.37
CA LEU B 55 16.37 -5.07 20.22
C LEU B 55 15.29 -5.84 19.48
N ARG B 56 14.48 -5.13 18.71
CA ARG B 56 13.43 -5.75 17.91
C ARG B 56 14.05 -6.72 16.91
N ASN B 57 15.07 -6.25 16.20
CA ASN B 57 15.79 -7.09 15.27
C ASN B 57 16.35 -8.34 15.96
N ALA B 58 16.97 -8.13 17.11
CA ALA B 58 17.59 -9.22 17.85
C ALA B 58 16.56 -10.25 18.32
N GLU B 59 15.37 -9.81 18.71
CA GLU B 59 14.31 -10.74 19.11
C GLU B 59 13.92 -11.65 17.95
N LEU B 60 13.81 -11.06 16.77
CA LEU B 60 13.43 -11.83 15.58
C LEU B 60 14.49 -12.88 15.25
N VAL B 61 15.77 -12.53 15.46
CA VAL B 61 16.85 -13.49 15.29
C VAL B 61 16.66 -14.65 16.27
N HIS B 62 16.37 -14.29 17.53
CA HIS B 62 16.18 -15.29 18.58
C HIS B 62 14.99 -16.18 18.26
N ILE B 63 13.91 -15.57 17.77
CA ILE B 63 12.69 -16.30 17.46
C ILE B 63 12.94 -17.39 16.42
N PHE B 64 13.77 -17.10 15.43
CA PHE B 64 14.13 -18.16 14.49
C PHE B 64 15.11 -19.16 15.12
N THR B 65 16.27 -18.67 15.54
CA THR B 65 17.40 -19.54 15.87
C THR B 65 17.17 -20.41 17.11
N LYS B 66 16.02 -20.28 17.76
CA LYS B 66 15.65 -21.18 18.85
C LYS B 66 14.30 -21.83 18.61
N ASP B 67 13.38 -21.09 17.98
CA ASP B 67 11.98 -21.51 17.91
C ASP B 67 11.48 -21.71 16.47
N ALA B 68 12.39 -21.69 15.49
CA ALA B 68 11.99 -21.88 14.10
C ALA B 68 11.21 -23.18 13.92
N LYS B 69 11.74 -24.24 14.51
CA LYS B 69 11.14 -25.56 14.38
C LYS B 69 9.81 -25.61 15.14
N ALA B 70 9.76 -24.96 16.29
CA ALA B 70 8.55 -24.88 17.08
C ALA B 70 7.43 -24.20 16.30
N PHE B 71 7.78 -23.19 15.52
CA PHE B 71 6.81 -22.43 14.74
C PHE B 71 6.67 -22.96 13.31
N GLY B 72 7.30 -24.10 13.04
CA GLY B 72 7.22 -24.72 11.73
C GLY B 72 7.81 -23.84 10.64
N ILE B 73 8.91 -23.17 10.96
CA ILE B 73 9.63 -22.34 9.99
C ILE B 73 10.82 -23.14 9.46
N SER B 74 10.81 -23.40 8.16
CA SER B 74 11.91 -24.10 7.49
C SER B 74 12.69 -23.13 6.60
N GLY B 75 14.00 -23.33 6.55
CA GLY B 75 14.85 -22.54 5.69
C GLY B 75 16.18 -22.18 6.33
N GLU B 76 17.21 -22.04 5.50
CA GLU B 76 18.50 -21.56 5.96
C GLU B 76 18.44 -20.04 6.01
N VAL B 77 18.10 -19.50 7.17
CA VAL B 77 17.94 -18.06 7.34
C VAL B 77 19.22 -17.43 7.88
N THR B 78 19.56 -16.28 7.31
CA THR B 78 20.73 -15.50 7.72
C THR B 78 20.26 -14.12 8.14
N PHE B 79 20.99 -13.50 9.06
CA PHE B 79 20.63 -12.18 9.57
C PHE B 79 21.80 -11.21 9.46
N ASP B 80 21.60 -10.15 8.70
CA ASP B 80 22.63 -9.15 8.47
C ASP B 80 22.49 -8.02 9.50
N TYR B 81 23.42 -7.97 10.45
CA TYR B 81 23.39 -6.94 11.48
C TYR B 81 23.50 -5.55 10.89
N GLY B 82 24.25 -5.43 9.80
CA GLY B 82 24.45 -4.15 9.14
C GLY B 82 23.11 -3.50 8.78
N ILE B 83 22.16 -4.32 8.36
CA ILE B 83 20.85 -3.82 7.97
C ILE B 83 20.04 -3.40 9.21
N ALA B 84 20.25 -4.09 10.31
CA ALA B 84 19.62 -3.71 11.58
C ALA B 84 20.18 -2.37 12.06
N TYR B 85 21.47 -2.14 11.81
CA TYR B 85 22.09 -0.87 12.14
C TYR B 85 21.49 0.24 11.28
N ASP B 86 21.39 -0.03 9.97
CA ASP B 86 20.82 0.92 9.02
C ASP B 86 19.42 1.35 9.45
N ARG B 87 18.57 0.38 9.78
CA ARG B 87 17.20 0.68 10.18
C ARG B 87 17.15 1.47 11.48
N SER B 88 18.04 1.17 12.41
CA SER B 88 18.07 1.89 13.67
C SER B 88 18.40 3.36 13.44
N ARG B 89 19.22 3.64 12.43
CA ARG B 89 19.57 5.03 12.10
C ARG B 89 18.40 5.78 11.46
N LYS B 90 17.69 5.12 10.55
CA LYS B 90 16.52 5.71 9.91
C LYS B 90 15.45 6.05 10.94
N VAL B 91 15.23 5.11 11.87
CA VAL B 91 14.24 5.28 12.91
C VAL B 91 14.61 6.47 13.80
N ALA B 92 15.89 6.60 14.12
CA ALA B 92 16.36 7.70 14.96
C ALA B 92 16.17 9.05 14.26
N GLU B 93 16.65 9.17 13.01
CA GLU B 93 16.55 10.44 12.30
C GLU B 93 15.11 10.78 11.93
N GLY B 94 14.22 9.78 11.96
CA GLY B 94 12.81 10.04 11.78
C GLY B 94 12.24 10.78 12.98
N ARG B 95 12.64 10.37 14.18
CA ARG B 95 12.18 11.02 15.40
C ARG B 95 12.81 12.40 15.56
N VAL B 96 14.07 12.55 15.15
CA VAL B 96 14.76 13.83 15.26
C VAL B 96 14.02 14.89 14.43
N ALA B 97 13.59 14.50 13.23
CA ALA B 97 12.78 15.37 12.40
C ALA B 97 11.48 15.74 13.11
N GLY B 98 10.95 14.80 13.87
CA GLY B 98 9.71 15.02 14.60
C GLY B 98 9.87 16.08 15.67
N VAL B 99 11.02 16.08 16.34
CA VAL B 99 11.30 17.11 17.33
C VAL B 99 11.33 18.48 16.67
N HIS B 100 11.95 18.56 15.50
CA HIS B 100 12.07 19.83 14.78
C HIS B 100 10.69 20.33 14.35
N PHE B 101 9.84 19.41 13.93
CA PHE B 101 8.47 19.75 13.56
C PHE B 101 7.75 20.38 14.75
N LEU B 102 7.92 19.80 15.92
CA LEU B 102 7.21 20.26 17.12
C LEU B 102 7.74 21.60 17.64
N MET B 103 9.03 21.87 17.42
CA MET B 103 9.60 23.18 17.76
C MET B 103 8.96 24.25 16.88
N LYS B 104 8.91 23.95 15.58
CA LYS B 104 8.32 24.84 14.59
C LYS B 104 6.85 25.06 14.88
N LYS B 105 6.13 23.97 15.14
CA LYS B 105 4.69 24.02 15.40
C LYS B 105 4.32 24.88 16.60
N ASN B 106 5.18 24.90 17.62
CA ASN B 106 4.93 25.70 18.82
C ASN B 106 5.65 27.05 18.78
N LYS B 107 6.24 27.37 17.64
CA LYS B 107 6.95 28.63 17.45
C LYS B 107 8.06 28.81 18.49
N ILE B 108 8.85 27.76 18.69
CA ILE B 108 9.97 27.80 19.61
C ILE B 108 11.24 28.14 18.83
N THR B 109 12.00 29.13 19.31
CA THR B 109 13.24 29.51 18.64
C THR B 109 14.35 28.53 18.94
N GLU B 110 14.79 27.80 17.92
CA GLU B 110 15.94 26.93 18.05
C GLU B 110 17.23 27.75 17.94
N ILE B 111 18.14 27.53 18.87
CA ILE B 111 19.48 28.12 18.79
C ILE B 111 20.52 27.00 18.70
N HIS B 112 21.21 26.93 17.57
CA HIS B 112 22.16 25.86 17.31
C HIS B 112 23.56 26.18 17.86
N GLY B 113 23.78 25.94 19.14
CA GLY B 113 25.08 26.16 19.72
C GLY B 113 25.23 25.64 21.15
N TYR B 114 26.39 25.93 21.75
CA TYR B 114 26.69 25.51 23.11
C TYR B 114 26.57 26.71 24.06
N GLY B 115 25.71 26.58 25.06
CA GLY B 115 25.40 27.69 25.95
C GLY B 115 26.18 27.69 27.26
N THR B 116 26.69 28.86 27.62
CA THR B 116 27.43 29.06 28.86
C THR B 116 26.84 30.24 29.61
N PHE B 117 26.54 30.04 30.90
CA PHE B 117 26.00 31.10 31.72
C PHE B 117 27.07 32.15 32.00
N ALA B 118 26.74 33.41 31.75
CA ALA B 118 27.60 34.53 32.10
C ALA B 118 27.22 35.06 33.48
N ASP B 119 25.92 35.04 33.77
CA ASP B 119 25.43 35.35 35.11
C ASP B 119 24.07 34.67 35.34
N ALA B 120 23.37 35.06 36.39
CA ALA B 120 22.15 34.37 36.79
C ALA B 120 20.97 34.64 35.87
N ASN B 121 21.16 35.52 34.89
CA ASN B 121 20.09 35.86 33.95
C ASN B 121 20.59 36.03 32.51
N THR B 122 21.85 35.70 32.27
CA THR B 122 22.42 35.82 30.94
C THR B 122 23.23 34.57 30.58
N LEU B 123 23.27 34.30 29.29
CA LEU B 123 23.82 33.07 28.76
C LEU B 123 24.46 33.40 27.42
N LEU B 124 25.76 33.13 27.30
CA LEU B 124 26.45 33.30 26.02
C LEU B 124 26.50 31.97 25.28
N VAL B 125 26.18 32.02 23.99
CA VAL B 125 26.10 30.83 23.15
C VAL B 125 27.12 30.91 22.03
N ASP B 126 27.94 29.87 21.90
CA ASP B 126 28.87 29.75 20.78
C ASP B 126 28.18 28.97 19.66
N LEU B 127 27.69 29.70 18.67
CA LEU B 127 26.94 29.09 17.57
C LEU B 127 27.82 28.14 16.76
N ASN B 128 27.21 27.15 16.14
CA ASN B 128 27.94 26.19 15.33
C ASN B 128 28.49 26.80 14.04
N ASP B 129 27.85 27.87 13.58
CA ASP B 129 28.25 28.51 12.32
C ASP B 129 29.41 29.48 12.51
N GLY B 130 30.06 29.41 13.67
CA GLY B 130 31.18 30.29 13.99
C GLY B 130 30.73 31.54 14.71
N GLY B 131 29.46 31.87 14.58
CA GLY B 131 28.91 33.07 15.18
C GLY B 131 28.89 33.03 16.69
N THR B 132 28.36 34.10 17.29
CA THR B 132 28.24 34.21 18.74
C THR B 132 26.95 34.95 19.06
N GLU B 133 26.32 34.62 20.17
CA GLU B 133 25.03 35.18 20.53
C GLU B 133 24.88 35.33 22.05
N SER B 134 24.21 36.40 22.45
CA SER B 134 23.95 36.68 23.85
C SER B 134 22.45 36.57 24.09
N VAL B 135 22.04 36.13 25.28
CA VAL B 135 20.63 35.84 25.54
C VAL B 135 20.27 36.09 27.01
N THR B 136 19.38 37.04 27.26
CA THR B 136 18.83 37.23 28.60
C THR B 136 17.52 36.47 28.74
N PHE B 137 17.25 36.05 29.97
CA PHE B 137 16.07 35.25 30.26
C PHE B 137 15.54 35.60 31.64
N ASP B 138 14.21 35.55 31.79
CA ASP B 138 13.59 35.70 33.09
C ASP B 138 13.60 34.36 33.81
N ASN B 139 13.67 33.29 33.02
CA ASN B 139 13.74 31.93 33.56
C ASN B 139 14.60 31.04 32.67
N ALA B 140 15.34 30.13 33.29
CA ALA B 140 16.15 29.15 32.55
C ALA B 140 15.82 27.74 33.00
N ILE B 141 15.87 26.80 32.06
CA ILE B 141 15.69 25.38 32.39
C ILE B 141 16.89 24.58 31.90
N ILE B 142 17.66 24.09 32.85
CA ILE B 142 18.84 23.27 32.55
C ILE B 142 18.45 21.82 32.27
N ALA B 143 18.72 21.37 31.05
CA ALA B 143 18.39 20.02 30.62
C ALA B 143 19.60 19.41 29.90
N THR B 144 20.75 19.52 30.55
CA THR B 144 22.04 19.23 29.91
C THR B 144 22.45 17.75 29.96
N GLY B 145 21.63 16.93 30.60
CA GLY B 145 21.84 15.49 30.59
C GLY B 145 23.00 15.02 31.43
N SER B 146 23.53 13.85 31.07
CA SER B 146 24.64 13.23 31.78
C SER B 146 25.58 12.53 30.80
N SER B 147 26.70 12.03 31.32
CA SER B 147 27.69 11.34 30.51
C SER B 147 28.14 10.07 31.19
N THR B 148 28.67 9.13 30.41
CA THR B 148 29.11 7.83 30.91
C THR B 148 30.12 7.98 32.04
N ARG B 149 29.85 7.29 33.15
CA ARG B 149 30.79 7.18 34.26
C ARG B 149 31.71 5.96 34.01
N LEU B 150 33.02 6.18 34.02
CA LEU B 150 33.98 5.13 33.74
C LEU B 150 34.37 4.38 35.02
N VAL B 151 34.80 3.13 34.85
CA VAL B 151 35.41 2.39 35.95
C VAL B 151 36.61 3.19 36.44
N PRO B 152 36.68 3.48 37.75
CA PRO B 152 37.81 4.30 38.24
C PRO B 152 39.17 3.77 37.79
N GLY B 153 40.00 4.65 37.25
CA GLY B 153 41.33 4.29 36.80
C GLY B 153 41.35 3.74 35.38
N THR B 154 40.21 3.78 34.70
CA THR B 154 40.11 3.31 33.33
C THR B 154 39.89 4.47 32.37
N SER B 155 39.88 4.15 31.07
CA SER B 155 40.00 5.17 30.04
C SER B 155 39.32 4.69 28.76
N LEU B 156 38.89 5.64 27.94
CA LEU B 156 38.31 5.32 26.64
C LEU B 156 39.41 5.25 25.58
N SER B 157 39.18 4.40 24.58
CA SER B 157 40.13 4.22 23.50
C SER B 157 39.42 3.52 22.34
N ALA B 158 40.19 3.09 21.34
CA ALA B 158 39.62 2.50 20.14
C ALA B 158 38.74 1.29 20.43
N ASN B 159 39.12 0.50 21.44
CA ASN B 159 38.39 -0.73 21.78
C ASN B 159 37.75 -0.70 23.18
N VAL B 160 37.78 0.47 23.82
CA VAL B 160 37.11 0.66 25.10
C VAL B 160 36.13 1.82 24.95
N VAL B 161 34.86 1.47 24.78
CA VAL B 161 33.85 2.39 24.28
C VAL B 161 32.70 2.63 25.24
N THR B 162 31.92 3.67 24.95
CA THR B 162 30.65 3.91 25.62
C THR B 162 29.54 3.38 24.71
N TYR B 163 28.31 3.51 25.17
CA TYR B 163 27.14 3.13 24.39
C TYR B 163 27.15 3.82 23.02
N GLU B 164 27.67 5.04 23.00
CA GLU B 164 27.56 5.90 21.83
C GLU B 164 28.35 5.35 20.66
N GLU B 165 29.62 5.03 20.88
CA GLU B 165 30.45 4.47 19.84
C GLU B 165 29.94 3.07 19.48
N GLN B 166 29.47 2.34 20.49
CA GLN B 166 29.01 0.98 20.27
C GLN B 166 27.71 0.93 19.45
N ILE B 167 26.77 1.82 19.74
CA ILE B 167 25.48 1.80 19.04
C ILE B 167 25.57 2.43 17.64
N LEU B 168 26.62 3.21 17.39
CA LEU B 168 26.86 3.78 16.07
C LEU B 168 27.82 2.93 15.23
N SER B 169 28.11 1.73 15.71
CA SER B 169 29.00 0.81 15.03
C SER B 169 28.22 -0.18 14.17
N ARG B 170 28.50 -0.20 12.88
CA ARG B 170 27.76 -1.00 11.92
C ARG B 170 28.32 -2.43 11.80
N GLU B 171 29.59 -2.60 12.13
CA GLU B 171 30.20 -3.93 12.17
C GLU B 171 30.29 -4.41 13.61
N LEU B 172 30.25 -5.72 13.80
CA LEU B 172 30.24 -6.32 15.13
C LEU B 172 31.62 -6.87 15.50
N PRO B 173 31.95 -6.87 16.81
CA PRO B 173 33.18 -7.51 17.25
C PRO B 173 33.03 -9.01 17.42
N LYS B 174 34.15 -9.72 17.46
CA LYS B 174 34.15 -11.16 17.67
C LYS B 174 33.67 -11.47 19.10
N SER B 175 34.13 -10.67 20.05
CA SER B 175 33.77 -10.85 21.45
C SER B 175 33.71 -9.51 22.14
N ILE B 176 33.01 -9.45 23.27
CA ILE B 176 32.89 -8.21 24.03
C ILE B 176 32.70 -8.51 25.51
N ILE B 177 33.23 -7.63 26.35
CA ILE B 177 33.01 -7.67 27.78
C ILE B 177 32.27 -6.38 28.16
N ILE B 178 31.16 -6.53 28.87
CA ILE B 178 30.32 -5.39 29.25
C ILE B 178 30.43 -5.16 30.73
N ALA B 179 30.88 -3.96 31.11
CA ALA B 179 30.98 -3.59 32.52
C ALA B 179 29.68 -2.95 32.98
N GLY B 180 28.95 -3.66 33.84
CA GLY B 180 27.68 -3.19 34.37
C GLY B 180 26.51 -4.02 33.88
N ALA B 181 25.68 -4.47 34.81
CA ALA B 181 24.49 -5.26 34.49
C ALA B 181 23.22 -4.45 34.77
N GLY B 182 23.25 -3.16 34.47
CA GLY B 182 22.06 -2.34 34.49
C GLY B 182 21.27 -2.56 33.21
N ALA B 183 20.23 -1.76 33.02
CA ALA B 183 19.36 -1.91 31.86
C ALA B 183 20.13 -1.85 30.54
N ILE B 184 21.05 -0.90 30.44
CA ILE B 184 21.77 -0.68 29.20
C ILE B 184 22.71 -1.83 28.90
N GLY B 185 23.41 -2.29 29.94
CA GLY B 185 24.33 -3.40 29.78
C GLY B 185 23.64 -4.68 29.34
N MET B 186 22.55 -5.02 30.01
CA MET B 186 21.77 -6.21 29.68
C MET B 186 21.25 -6.14 28.25
N GLU B 187 20.85 -4.94 27.82
CA GLU B 187 20.24 -4.76 26.50
C GLU B 187 21.25 -4.95 25.36
N PHE B 188 22.43 -4.36 25.51
CA PHE B 188 23.49 -4.57 24.52
C PHE B 188 23.92 -6.03 24.51
N GLY B 189 24.01 -6.63 25.69
CA GLY B 189 24.39 -8.03 25.79
C GLY B 189 23.42 -8.89 25.01
N TYR B 190 22.13 -8.58 25.14
CA TYR B 190 21.08 -9.31 24.46
C TYR B 190 21.16 -9.15 22.94
N VAL B 191 21.35 -7.93 22.46
CA VAL B 191 21.46 -7.70 21.02
C VAL B 191 22.68 -8.41 20.47
N LEU B 192 23.84 -8.11 21.04
CA LEU B 192 25.10 -8.65 20.52
C LEU B 192 25.13 -10.16 20.52
N LYS B 193 24.68 -10.79 21.60
CA LYS B 193 24.74 -12.24 21.67
C LYS B 193 23.86 -12.89 20.61
N ASN B 194 22.68 -12.34 20.38
CA ASN B 194 21.78 -12.91 19.40
C ASN B 194 22.35 -12.81 17.98
N TYR B 195 23.25 -11.85 17.76
CA TYR B 195 23.91 -11.70 16.46
C TYR B 195 25.27 -12.40 16.39
N GLY B 196 25.57 -13.23 17.38
CA GLY B 196 26.70 -14.14 17.31
C GLY B 196 27.96 -13.72 18.04
N VAL B 197 27.90 -12.61 18.76
CA VAL B 197 29.05 -12.14 19.53
C VAL B 197 29.20 -12.92 20.82
N ASP B 198 30.44 -13.14 21.25
CA ASP B 198 30.70 -13.69 22.58
C ASP B 198 30.55 -12.58 23.58
N VAL B 199 29.62 -12.76 24.54
CA VAL B 199 29.30 -11.70 25.48
C VAL B 199 29.48 -12.13 26.93
N THR B 200 30.33 -11.39 27.62
CA THR B 200 30.56 -11.56 29.05
C THR B 200 30.13 -10.28 29.74
N ILE B 201 29.36 -10.41 30.81
CA ILE B 201 28.90 -9.24 31.57
C ILE B 201 29.38 -9.33 33.00
N VAL B 202 30.00 -8.25 33.47
CA VAL B 202 30.59 -8.19 34.80
C VAL B 202 29.85 -7.16 35.66
N GLU B 203 29.41 -7.60 36.84
CA GLU B 203 28.69 -6.74 37.77
C GLU B 203 29.33 -6.81 39.16
N PHE B 204 29.47 -5.66 39.79
CA PHE B 204 30.09 -5.57 41.10
C PHE B 204 29.16 -6.09 42.18
N LEU B 205 27.86 -5.81 42.04
CA LEU B 205 26.88 -6.28 43.00
C LEU B 205 26.53 -7.75 42.72
N PRO B 206 26.03 -8.46 43.76
CA PRO B 206 25.83 -9.91 43.67
C PRO B 206 24.70 -10.36 42.74
N ARG B 207 24.05 -9.43 42.05
CA ARG B 207 22.97 -9.78 41.13
C ARG B 207 22.91 -8.80 39.96
N ALA B 208 22.42 -9.31 38.82
CA ALA B 208 22.22 -8.47 37.63
C ALA B 208 20.90 -7.74 37.75
N LEU B 209 20.78 -6.61 37.07
CA LEU B 209 19.68 -5.67 37.30
C LEU B 209 19.45 -5.53 38.80
N PRO B 210 20.50 -5.10 39.53
CA PRO B 210 20.50 -5.07 41.00
C PRO B 210 19.44 -4.16 41.63
N ASN B 211 18.94 -3.17 40.90
CA ASN B 211 17.92 -2.28 41.42
C ASN B 211 16.54 -2.93 41.46
N GLU B 212 16.39 -4.05 40.75
CA GLU B 212 15.12 -4.76 40.67
C GLU B 212 14.87 -5.64 41.88
N ASP B 213 13.72 -6.32 41.90
CA ASP B 213 13.41 -7.30 42.92
C ASP B 213 14.26 -8.55 42.68
N ALA B 214 14.73 -9.16 43.77
CA ALA B 214 15.61 -10.32 43.68
C ALA B 214 15.03 -11.44 42.80
N ASP B 215 13.72 -11.60 42.83
CA ASP B 215 13.05 -12.63 42.04
C ASP B 215 13.15 -12.35 40.55
N VAL B 216 13.17 -11.06 40.21
CA VAL B 216 13.32 -10.64 38.81
C VAL B 216 14.78 -10.82 38.36
N SER B 217 15.72 -10.47 39.23
CA SER B 217 17.14 -10.67 38.94
C SER B 217 17.41 -12.13 38.62
N LYS B 218 16.79 -13.02 39.38
CA LYS B 218 17.05 -14.44 39.23
C LYS B 218 16.50 -14.96 37.91
N GLU B 219 15.31 -14.50 37.53
CA GLU B 219 14.72 -14.90 36.26
C GLU B 219 15.58 -14.44 35.09
N ILE B 220 15.97 -13.18 35.10
CA ILE B 220 16.67 -12.60 33.95
C ILE B 220 18.07 -13.23 33.78
N GLU B 221 18.73 -13.54 34.89
CA GLU B 221 20.02 -14.23 34.83
C GLU B 221 19.86 -15.62 34.22
N LYS B 222 18.81 -16.31 34.63
CA LYS B 222 18.49 -17.62 34.08
C LYS B 222 18.28 -17.55 32.57
N GLN B 223 17.52 -16.56 32.13
CA GLN B 223 17.26 -16.37 30.70
C GLN B 223 18.56 -16.11 29.95
N PHE B 224 19.41 -15.26 30.52
CA PHE B 224 20.65 -14.87 29.86
C PHE B 224 21.66 -16.00 29.78
N LYS B 225 21.70 -16.82 30.83
CA LYS B 225 22.59 -17.98 30.82
C LYS B 225 22.16 -18.96 29.73
N LYS B 226 20.85 -19.15 29.59
CA LYS B 226 20.34 -20.07 28.56
C LYS B 226 20.60 -19.52 27.17
N LEU B 227 20.66 -18.20 27.05
CA LEU B 227 20.94 -17.56 25.77
C LEU B 227 22.43 -17.69 25.45
N GLY B 228 23.23 -17.94 26.49
CA GLY B 228 24.66 -18.19 26.34
C GLY B 228 25.51 -17.00 26.74
N VAL B 229 24.90 -16.01 27.36
CA VAL B 229 25.63 -14.88 27.91
C VAL B 229 26.21 -15.29 29.26
N THR B 230 27.50 -15.03 29.44
CA THR B 230 28.15 -15.28 30.73
C THR B 230 28.05 -14.05 31.60
N ILE B 231 27.33 -14.14 32.71
CA ILE B 231 27.23 -13.04 33.66
C ILE B 231 28.03 -13.35 34.93
N LEU B 232 29.01 -12.49 35.20
CA LEU B 232 29.85 -12.58 36.39
C LEU B 232 29.44 -11.50 37.39
N THR B 233 28.91 -11.93 38.53
CA THR B 233 28.46 -11.00 39.57
C THR B 233 29.39 -11.05 40.78
N ALA B 234 29.19 -10.12 41.71
CA ALA B 234 30.07 -9.98 42.87
C ALA B 234 31.51 -9.85 42.40
N THR B 235 31.69 -9.18 41.26
CA THR B 235 32.97 -9.12 40.58
C THR B 235 33.35 -7.68 40.30
N LYS B 236 34.50 -7.27 40.84
CA LYS B 236 34.96 -5.89 40.78
C LYS B 236 35.99 -5.71 39.67
N VAL B 237 35.66 -4.88 38.69
CA VAL B 237 36.60 -4.57 37.60
C VAL B 237 37.73 -3.72 38.15
N GLU B 238 38.95 -4.25 38.08
CA GLU B 238 40.10 -3.60 38.69
C GLU B 238 40.84 -2.72 37.67
N SER B 239 41.01 -3.23 36.45
CA SER B 239 41.74 -2.51 35.41
C SER B 239 41.28 -2.94 34.01
N ILE B 240 41.56 -2.10 33.02
CA ILE B 240 41.24 -2.40 31.63
C ILE B 240 42.38 -1.98 30.71
N ALA B 241 43.03 -2.96 30.08
CA ALA B 241 44.20 -2.70 29.23
C ALA B 241 43.88 -2.96 27.76
N ASP B 242 43.90 -1.90 26.96
CA ASP B 242 43.67 -1.99 25.53
C ASP B 242 45.00 -2.14 24.79
N GLY B 243 45.23 -3.33 24.24
CA GLY B 243 46.47 -3.64 23.54
C GLY B 243 46.31 -3.61 22.04
N GLY B 244 45.27 -2.93 21.56
CA GLY B 244 44.99 -2.86 20.14
C GLY B 244 44.34 -4.11 19.61
N SER B 245 45.08 -5.22 19.65
CA SER B 245 44.60 -6.49 19.12
C SER B 245 43.65 -7.22 20.08
N GLN B 246 43.61 -6.75 21.33
CA GLN B 246 42.65 -7.27 22.31
C GLN B 246 42.59 -6.31 23.50
N VAL B 247 41.54 -6.47 24.30
CA VAL B 247 41.45 -5.75 25.57
C VAL B 247 41.48 -6.74 26.73
N THR B 248 42.37 -6.49 27.69
CA THR B 248 42.47 -7.33 28.86
C THR B 248 41.75 -6.65 30.03
N VAL B 249 40.78 -7.35 30.61
CA VAL B 249 40.05 -6.84 31.76
C VAL B 249 40.38 -7.68 32.99
N THR B 250 41.02 -7.06 33.97
CA THR B 250 41.34 -7.72 35.22
C THR B 250 40.21 -7.47 36.22
N VAL B 251 39.75 -8.55 36.84
CA VAL B 251 38.65 -8.49 37.79
C VAL B 251 39.03 -9.23 39.05
N THR B 252 38.41 -8.87 40.16
CA THR B 252 38.59 -9.59 41.42
C THR B 252 37.25 -10.14 41.90
N LYS B 253 37.30 -11.35 42.44
CA LYS B 253 36.13 -12.02 42.99
C LYS B 253 36.59 -12.98 44.07
N ASP B 254 36.05 -12.83 45.27
CA ASP B 254 36.42 -13.67 46.40
C ASP B 254 37.93 -13.60 46.68
N GLY B 255 38.50 -12.41 46.53
CA GLY B 255 39.90 -12.19 46.87
C GLY B 255 40.89 -12.69 45.83
N VAL B 256 40.36 -13.25 44.74
CA VAL B 256 41.20 -13.80 43.68
C VAL B 256 41.12 -12.93 42.43
N ALA B 257 42.26 -12.68 41.80
CA ALA B 257 42.31 -11.90 40.57
C ALA B 257 42.22 -12.82 39.34
N GLN B 258 41.47 -12.37 38.34
CA GLN B 258 41.33 -13.09 37.07
C GLN B 258 41.45 -12.13 35.91
N GLU B 259 42.12 -12.56 34.83
CA GLU B 259 42.25 -11.76 33.63
C GLU B 259 41.34 -12.28 32.51
N LEU B 260 40.46 -11.40 32.04
CA LEU B 260 39.57 -11.71 30.93
C LEU B 260 40.04 -11.01 29.66
N LYS B 261 39.76 -11.62 28.52
CA LYS B 261 40.17 -11.07 27.23
C LYS B 261 39.01 -11.05 26.25
N ALA B 262 38.84 -9.91 25.60
CA ALA B 262 37.82 -9.75 24.56
C ALA B 262 38.31 -8.71 23.56
N GLU B 263 37.62 -8.59 22.43
CA GLU B 263 38.02 -7.63 21.39
C GLU B 263 37.61 -6.22 21.75
N LYS B 264 36.46 -6.08 22.39
CA LYS B 264 35.92 -4.77 22.80
C LYS B 264 35.49 -4.79 24.24
N VAL B 265 35.55 -3.64 24.89
CA VAL B 265 34.95 -3.45 26.21
C VAL B 265 34.02 -2.24 26.18
N LEU B 266 32.81 -2.45 26.68
CA LEU B 266 31.81 -1.40 26.78
C LEU B 266 31.63 -1.00 28.22
N GLN B 267 31.88 0.28 28.52
CA GLN B 267 31.65 0.80 29.86
C GLN B 267 30.18 1.20 30.03
N ALA B 268 29.50 0.58 30.98
CA ALA B 268 28.09 0.83 31.21
C ALA B 268 27.72 0.68 32.67
N ILE B 269 28.45 1.33 33.57
CA ILE B 269 28.23 1.20 35.01
C ILE B 269 27.37 2.32 35.59
N GLY B 270 27.09 3.33 34.77
CA GLY B 270 26.27 4.45 35.23
C GLY B 270 26.59 5.75 34.51
N PHE B 271 25.87 6.80 34.87
CA PHE B 271 26.02 8.10 34.24
C PHE B 271 26.21 9.20 35.28
N ALA B 272 26.99 10.21 34.90
CA ALA B 272 27.25 11.35 35.78
C ALA B 272 26.68 12.61 35.15
N PRO B 273 25.88 13.38 35.92
CA PRO B 273 25.35 14.65 35.43
C PRO B 273 26.40 15.55 34.78
N ASN B 274 26.09 16.10 33.61
CA ASN B 274 26.94 17.10 32.98
C ASN B 274 26.81 18.41 33.77
N VAL B 275 27.82 18.74 34.56
CA VAL B 275 27.79 19.94 35.39
C VAL B 275 29.03 20.83 35.22
N GLU B 276 29.89 20.48 34.27
CA GLU B 276 31.14 21.23 34.08
C GLU B 276 31.18 21.98 32.76
N GLY B 277 31.83 23.13 32.77
CA GLY B 277 32.19 23.82 31.55
C GLY B 277 31.12 24.70 30.93
N TYR B 278 30.07 25.04 31.67
CA TYR B 278 29.05 25.93 31.15
C TYR B 278 28.50 26.91 32.20
N GLY B 279 29.39 27.41 33.05
CA GLY B 279 29.10 28.57 33.87
C GLY B 279 28.08 28.40 34.98
N LEU B 280 27.90 27.18 35.46
CA LEU B 280 26.95 26.93 36.54
C LEU B 280 27.31 27.72 37.79
N ASP B 281 28.61 27.77 38.11
CA ASP B 281 29.08 28.53 39.27
C ASP B 281 28.77 30.01 39.10
N LYS B 282 28.82 30.49 37.86
CA LYS B 282 28.54 31.89 37.56
C LYS B 282 27.06 32.23 37.79
N ALA B 283 26.19 31.24 37.62
CA ALA B 283 24.76 31.44 37.83
C ALA B 283 24.40 31.23 39.29
N GLY B 284 25.30 30.62 40.05
CA GLY B 284 25.10 30.39 41.48
C GLY B 284 24.30 29.13 41.75
N VAL B 285 24.35 28.17 40.83
CA VAL B 285 23.60 26.93 40.97
C VAL B 285 24.39 25.91 41.76
N ALA B 286 23.86 25.54 42.93
CA ALA B 286 24.54 24.63 43.84
C ALA B 286 24.37 23.17 43.43
N LEU B 287 25.37 22.36 43.74
CA LEU B 287 25.36 20.93 43.45
C LEU B 287 25.19 20.14 44.74
N THR B 288 24.67 18.92 44.61
CA THR B 288 24.63 18.00 45.74
C THR B 288 26.00 17.35 45.90
N ASP B 289 26.12 16.43 46.84
CA ASP B 289 27.41 15.81 47.13
C ASP B 289 27.80 14.80 46.05
N ARG B 290 26.80 14.21 45.39
CA ARG B 290 27.05 13.28 44.29
C ARG B 290 27.24 14.01 42.96
N LYS B 291 27.48 15.33 43.03
CA LYS B 291 27.85 16.11 41.86
C LYS B 291 26.70 16.26 40.86
N ALA B 292 25.47 16.31 41.38
CA ALA B 292 24.29 16.59 40.56
C ALA B 292 23.70 17.95 40.95
N ILE B 293 22.92 18.53 40.06
CA ILE B 293 22.24 19.80 40.37
C ILE B 293 21.07 19.54 41.33
N GLY B 294 21.11 20.18 42.49
CA GLY B 294 20.08 20.01 43.49
C GLY B 294 18.79 20.73 43.11
N VAL B 295 17.66 20.14 43.47
CA VAL B 295 16.36 20.72 43.16
C VAL B 295 15.33 20.35 44.22
N ASP B 296 14.27 21.16 44.32
CA ASP B 296 13.13 20.82 45.18
C ASP B 296 12.09 20.03 44.37
N ASP B 297 10.89 19.90 44.92
CA ASP B 297 9.86 19.07 44.29
C ASP B 297 9.31 19.68 42.99
N TYR B 298 9.68 20.92 42.70
CA TYR B 298 9.21 21.58 41.49
C TYR B 298 10.36 21.87 40.52
N MET B 299 11.47 21.17 40.73
CA MET B 299 12.63 21.22 39.83
C MET B 299 13.33 22.56 39.86
N ARG B 300 13.16 23.28 40.96
CA ARG B 300 13.77 24.59 41.16
C ARG B 300 15.12 24.43 41.86
N THR B 301 16.15 25.06 41.33
CA THR B 301 17.46 25.04 41.98
C THR B 301 17.44 26.01 43.17
N ASN B 302 18.59 26.26 43.75
CA ASN B 302 18.71 27.27 44.81
C ASN B 302 18.48 28.67 44.25
N VAL B 303 18.45 28.78 42.93
CA VAL B 303 18.24 30.04 42.23
C VAL B 303 16.82 30.10 41.68
N GLY B 304 15.90 30.62 42.50
CA GLY B 304 14.48 30.72 42.20
C GLY B 304 13.99 30.59 40.76
N HIS B 305 14.67 31.26 39.83
CA HIS B 305 14.20 31.31 38.44
C HIS B 305 15.00 30.40 37.50
N ILE B 306 15.84 29.55 38.07
CA ILE B 306 16.57 28.55 37.28
C ILE B 306 16.15 27.17 37.73
N TYR B 307 15.89 26.30 36.77
CA TYR B 307 15.39 24.96 37.04
C TYR B 307 16.33 23.94 36.41
N ALA B 308 16.27 22.71 36.91
CA ALA B 308 17.15 21.64 36.44
C ALA B 308 16.36 20.34 36.32
N ILE B 309 16.24 19.83 35.10
CA ILE B 309 15.42 18.66 34.83
C ILE B 309 16.18 17.58 34.07
N GLY B 310 15.69 16.36 34.16
CA GLY B 310 16.27 15.24 33.44
C GLY B 310 17.44 14.63 34.19
N ASP B 311 18.30 13.96 33.44
CA ASP B 311 19.41 13.21 34.02
C ASP B 311 20.38 14.09 34.81
N VAL B 312 20.40 15.39 34.51
CA VAL B 312 21.36 16.28 35.15
C VAL B 312 21.09 16.45 36.65
N ASN B 313 19.86 16.20 37.10
CA ASN B 313 19.56 16.21 38.52
C ASN B 313 19.73 14.82 39.15
N GLY B 314 19.97 13.82 38.31
CA GLY B 314 20.31 12.49 38.75
C GLY B 314 19.26 11.76 39.59
N LEU B 315 18.06 12.31 39.68
CA LEU B 315 17.02 11.74 40.52
C LEU B 315 16.57 10.34 40.05
N LEU B 316 16.39 10.21 38.73
CA LEU B 316 16.07 8.93 38.10
C LEU B 316 16.24 9.13 36.61
N GLN B 317 17.33 8.59 36.06
CA GLN B 317 17.79 8.98 34.74
C GLN B 317 17.08 8.23 33.61
N LEU B 318 15.82 8.57 33.39
CA LEU B 318 15.01 7.97 32.33
C LEU B 318 14.28 9.07 31.54
N ALA B 319 13.93 8.75 30.30
CA ALA B 319 13.36 9.74 29.40
C ALA B 319 12.00 10.28 29.87
N HIS B 320 11.11 9.38 30.26
CA HIS B 320 9.76 9.79 30.67
C HIS B 320 9.78 10.59 31.97
N VAL B 321 10.80 10.38 32.78
CA VAL B 321 10.99 11.18 33.98
C VAL B 321 11.42 12.60 33.59
N ALA B 322 12.37 12.69 32.67
CA ALA B 322 12.84 13.99 32.19
C ALA B 322 11.69 14.74 31.52
N GLU B 323 10.82 14.01 30.82
CA GLU B 323 9.64 14.61 30.21
C GLU B 323 8.76 15.23 31.28
N ALA B 324 8.43 14.44 32.29
CA ALA B 324 7.50 14.87 33.33
C ALA B 324 8.05 16.02 34.18
N GLN B 325 9.34 15.97 34.48
CA GLN B 325 9.98 17.03 35.24
C GLN B 325 9.95 18.34 34.45
N GLY B 326 10.03 18.23 33.13
CA GLY B 326 10.02 19.39 32.26
C GLY B 326 8.66 20.06 32.21
N VAL B 327 7.61 19.26 32.32
CA VAL B 327 6.25 19.80 32.36
C VAL B 327 6.03 20.52 33.70
N VAL B 328 6.52 19.93 34.77
CA VAL B 328 6.39 20.53 36.11
C VAL B 328 7.09 21.87 36.16
N ALA B 329 8.30 21.93 35.62
CA ALA B 329 9.09 23.16 35.63
C ALA B 329 8.38 24.25 34.84
N ALA B 330 7.95 23.92 33.63
CA ALA B 330 7.28 24.89 32.75
C ALA B 330 6.00 25.44 33.38
N GLU B 331 5.27 24.57 34.07
CA GLU B 331 4.00 24.96 34.69
C GLU B 331 4.23 25.80 35.94
N THR B 332 5.31 25.50 36.67
CA THR B 332 5.66 26.25 37.87
C THR B 332 6.10 27.67 37.50
N ILE B 333 6.85 27.79 36.42
CA ILE B 333 7.25 29.08 35.89
C ILE B 333 6.03 29.91 35.47
N ALA B 334 5.12 29.28 34.74
CA ALA B 334 3.96 29.97 34.18
C ALA B 334 2.92 30.36 35.23
N GLY B 335 2.92 29.66 36.35
CA GLY B 335 1.92 29.89 37.39
C GLY B 335 0.67 29.06 37.15
N ALA B 336 0.85 27.96 36.42
CA ALA B 336 -0.25 27.06 36.08
C ALA B 336 -0.39 25.96 37.12
N GLU B 337 -1.48 25.21 37.05
CA GLU B 337 -1.70 24.06 37.92
C GLU B 337 -0.68 22.97 37.62
N THR B 338 -0.10 22.40 38.67
CA THR B 338 0.88 21.34 38.53
C THR B 338 1.01 20.52 39.81
N LEU B 339 1.33 19.24 39.65
CA LEU B 339 1.60 18.36 40.78
C LEU B 339 3.08 17.98 40.79
N THR B 340 3.65 17.91 41.99
CA THR B 340 4.97 17.32 42.15
C THR B 340 4.88 15.86 41.75
N LEU B 341 6.00 15.26 41.39
CA LEU B 341 6.01 13.86 40.96
C LEU B 341 6.03 12.90 42.14
N GLY B 342 6.33 13.42 43.33
CA GLY B 342 6.35 12.60 44.53
C GLY B 342 7.58 11.72 44.62
N ASP B 343 7.44 10.60 45.31
CA ASP B 343 8.55 9.66 45.48
C ASP B 343 8.93 9.07 44.12
N HIS B 344 10.14 9.37 43.68
CA HIS B 344 10.63 8.88 42.39
C HIS B 344 10.76 7.35 42.38
N ARG B 345 10.73 6.76 43.56
CA ARG B 345 10.70 5.31 43.72
C ARG B 345 9.50 4.71 43.00
N MET B 346 8.38 5.44 43.03
CA MET B 346 7.11 4.92 42.53
C MET B 346 6.97 5.05 41.03
N LEU B 347 7.94 5.69 40.38
CA LEU B 347 7.88 5.87 38.94
C LEU B 347 8.28 4.58 38.23
N PRO B 348 7.68 4.32 37.06
CA PRO B 348 7.98 3.06 36.37
C PRO B 348 9.29 3.07 35.58
N ARG B 349 9.85 1.88 35.36
CA ARG B 349 10.98 1.70 34.45
C ARG B 349 10.88 0.33 33.81
N ALA B 350 11.62 0.15 32.72
CA ALA B 350 11.58 -1.09 31.98
C ALA B 350 12.92 -1.35 31.28
N THR B 351 13.28 -2.63 31.17
CA THR B 351 14.41 -3.04 30.35
C THR B 351 13.87 -3.95 29.25
N PHE B 352 14.20 -3.64 28.01
CA PHE B 352 13.50 -4.21 26.86
C PHE B 352 14.24 -5.37 26.20
N CYS B 353 14.95 -6.16 26.99
CA CYS B 353 15.39 -7.47 26.54
C CYS B 353 14.13 -8.31 26.38
N GLN B 354 14.25 -9.46 25.74
CA GLN B 354 13.17 -10.44 25.75
C GLN B 354 13.62 -11.62 26.60
N PRO B 355 12.98 -11.84 27.76
CA PRO B 355 11.78 -11.17 28.28
C PRO B 355 12.03 -9.76 28.81
N ASN B 356 11.02 -8.91 28.65
CA ASN B 356 11.02 -7.58 29.25
C ASN B 356 11.17 -7.68 30.76
N VAL B 357 11.73 -6.65 31.37
CA VAL B 357 11.58 -6.44 32.80
C VAL B 357 10.91 -5.08 32.96
N ALA B 358 9.91 -5.01 33.83
CA ALA B 358 9.20 -3.77 34.08
C ALA B 358 8.80 -3.73 35.55
N SER B 359 8.95 -2.56 36.17
CA SER B 359 8.62 -2.44 37.58
C SER B 359 8.38 -1.01 38.04
N PHE B 360 7.82 -0.90 39.24
CA PHE B 360 7.60 0.39 39.88
C PHE B 360 7.57 0.17 41.39
N GLY B 361 7.95 1.19 42.15
CA GLY B 361 7.82 1.16 43.59
C GLY B 361 8.83 0.30 44.32
N LEU B 362 8.42 -0.20 45.48
CA LEU B 362 9.31 -0.96 46.37
C LEU B 362 9.34 -2.44 46.04
N THR B 363 10.47 -3.09 46.30
CA THR B 363 10.57 -4.54 46.21
C THR B 363 9.96 -5.14 47.47
N GLU B 364 9.78 -6.46 47.48
CA GLU B 364 9.24 -7.12 48.65
C GLU B 364 10.12 -6.82 49.86
N GLN B 365 11.42 -7.00 49.71
CA GLN B 365 12.36 -6.83 50.81
C GLN B 365 12.44 -5.38 51.28
N GLN B 366 12.41 -4.44 50.34
CA GLN B 366 12.41 -3.02 50.68
C GLN B 366 11.20 -2.67 51.55
N ALA B 367 10.03 -3.19 51.17
CA ALA B 367 8.81 -2.93 51.91
C ALA B 367 8.88 -3.52 53.30
N ARG B 368 9.43 -4.73 53.42
CA ARG B 368 9.58 -5.38 54.73
C ARG B 368 10.48 -4.57 55.65
N ASN B 369 11.68 -4.25 55.16
CA ASN B 369 12.64 -3.46 55.91
C ASN B 369 12.04 -2.15 56.39
N GLU B 370 11.16 -1.57 55.58
CA GLU B 370 10.57 -0.26 55.90
C GLU B 370 9.35 -0.39 56.81
N GLY B 371 9.09 -1.59 57.31
CA GLY B 371 8.15 -1.79 58.40
C GLY B 371 6.70 -2.02 58.00
N TYR B 372 6.42 -2.09 56.70
CA TYR B 372 5.06 -2.37 56.26
C TYR B 372 4.67 -3.78 56.62
N ASP B 373 3.39 -3.99 56.89
CA ASP B 373 2.82 -5.33 56.92
C ASP B 373 2.55 -5.71 55.47
N VAL B 374 3.43 -6.57 54.93
CA VAL B 374 3.44 -6.84 53.49
C VAL B 374 2.64 -8.09 53.14
N VAL B 375 1.99 -8.03 51.99
CA VAL B 375 1.34 -9.19 51.39
C VAL B 375 1.70 -9.23 49.90
N VAL B 376 2.09 -10.40 49.42
CA VAL B 376 2.57 -10.57 48.06
C VAL B 376 1.71 -11.54 47.27
N ALA B 377 1.59 -11.30 45.98
CA ALA B 377 0.94 -12.23 45.07
C ALA B 377 1.80 -12.39 43.83
N LYS B 378 2.05 -13.64 43.44
CA LYS B 378 2.83 -13.93 42.25
C LYS B 378 2.09 -14.87 41.32
N PHE B 379 1.94 -14.46 40.06
CA PHE B 379 1.27 -15.25 39.05
C PHE B 379 2.24 -15.58 37.91
N PRO B 380 2.53 -16.88 37.70
CA PRO B 380 3.45 -17.24 36.62
C PRO B 380 2.76 -17.17 35.26
N PHE B 381 3.47 -16.75 34.23
CA PHE B 381 2.88 -16.61 32.90
C PHE B 381 2.61 -17.97 32.24
N THR B 382 3.12 -19.05 32.83
CA THR B 382 2.81 -20.38 32.35
C THR B 382 1.33 -20.70 32.55
N ALA B 383 0.69 -19.94 33.43
CA ALA B 383 -0.74 -20.12 33.73
C ALA B 383 -1.61 -19.15 32.92
N ASN B 384 -0.99 -18.42 31.99
CA ASN B 384 -1.68 -17.41 31.19
C ASN B 384 -1.81 -17.87 29.74
N ALA B 385 -3.04 -17.80 29.22
CA ALA B 385 -3.34 -18.31 27.88
C ALA B 385 -2.53 -17.61 26.79
N LYS B 386 -2.47 -16.29 26.86
CA LYS B 386 -1.82 -15.49 25.82
C LYS B 386 -0.32 -15.76 25.78
N ALA B 387 0.26 -16.03 26.93
CA ALA B 387 1.71 -16.23 27.03
C ALA B 387 2.15 -17.46 26.26
N HIS B 388 1.31 -18.51 26.30
CA HIS B 388 1.58 -19.72 25.53
C HIS B 388 1.32 -19.49 24.04
N GLY B 389 0.24 -18.78 23.73
CA GLY B 389 -0.09 -18.48 22.36
C GLY B 389 1.02 -17.74 21.65
N VAL B 390 1.60 -16.75 22.32
CA VAL B 390 2.63 -15.91 21.71
C VAL B 390 3.94 -16.67 21.52
N GLY B 391 4.16 -17.68 22.37
CA GLY B 391 5.32 -18.54 22.25
C GLY B 391 6.35 -18.38 23.36
N ASP B 392 5.99 -17.65 24.42
CA ASP B 392 6.89 -17.45 25.55
C ASP B 392 6.13 -17.36 26.87
N PRO B 393 5.96 -18.51 27.55
CA PRO B 393 5.24 -18.56 28.83
C PRO B 393 6.14 -18.30 30.05
N SER B 394 7.34 -17.79 29.82
CA SER B 394 8.30 -17.58 30.90
C SER B 394 7.96 -16.31 31.70
N GLY B 395 8.38 -16.29 32.95
CA GLY B 395 8.28 -15.09 33.76
C GLY B 395 7.04 -15.07 34.65
N PHE B 396 6.73 -13.88 35.17
CA PHE B 396 5.67 -13.74 36.15
C PHE B 396 5.33 -12.28 36.42
N VAL B 397 4.23 -12.08 37.12
CA VAL B 397 3.88 -10.80 37.72
C VAL B 397 4.00 -10.96 39.22
N LYS B 398 4.64 -9.99 39.88
CA LYS B 398 4.75 -10.00 41.34
C LYS B 398 4.34 -8.64 41.92
N LEU B 399 3.25 -8.64 42.68
CA LEU B 399 2.77 -7.41 43.32
C LEU B 399 3.06 -7.42 44.81
N VAL B 400 3.47 -6.26 45.32
CA VAL B 400 3.71 -6.07 46.73
C VAL B 400 2.71 -5.04 47.24
N ALA B 401 1.97 -5.40 48.30
CA ALA B 401 0.93 -4.54 48.83
C ALA B 401 1.05 -4.31 50.33
N ASP B 402 0.42 -3.24 50.80
CA ASP B 402 0.32 -2.92 52.21
C ASP B 402 -0.94 -3.61 52.75
N ALA B 403 -0.75 -4.62 53.59
CA ALA B 403 -1.88 -5.42 54.08
C ALA B 403 -2.88 -4.56 54.88
N LYS B 404 -2.40 -3.51 55.52
CA LYS B 404 -3.26 -2.67 56.35
C LYS B 404 -4.28 -1.88 55.53
N HIS B 405 -3.87 -1.40 54.35
CA HIS B 405 -4.74 -0.57 53.51
C HIS B 405 -5.13 -1.25 52.19
N GLY B 406 -4.43 -2.32 51.81
CA GLY B 406 -4.70 -2.99 50.56
C GLY B 406 -4.20 -2.22 49.34
N GLU B 407 -3.30 -1.26 49.56
CA GLU B 407 -2.74 -0.46 48.48
C GLU B 407 -1.46 -1.08 47.95
N LEU B 408 -1.12 -0.75 46.70
CA LEU B 408 0.10 -1.28 46.07
C LEU B 408 1.31 -0.47 46.48
N LEU B 409 2.39 -1.16 46.84
CA LEU B 409 3.66 -0.52 47.16
C LEU B 409 4.65 -0.70 46.02
N GLY B 410 4.39 -1.68 45.17
CA GLY B 410 5.29 -2.00 44.08
C GLY B 410 4.79 -3.14 43.22
N GLY B 411 5.33 -3.21 42.00
CA GLY B 411 4.98 -4.25 41.06
C GLY B 411 6.22 -4.61 40.27
N HIS B 412 6.38 -5.91 39.98
CA HIS B 412 7.61 -6.41 39.40
C HIS B 412 7.34 -7.49 38.38
N LEU B 413 7.55 -7.16 37.11
CA LEU B 413 7.10 -7.97 36.00
C LEU B 413 8.28 -8.44 35.16
N VAL B 414 8.22 -9.69 34.73
CA VAL B 414 9.19 -10.21 33.78
C VAL B 414 8.45 -11.15 32.81
N GLY B 415 8.66 -10.94 31.52
CA GLY B 415 7.96 -11.72 30.51
C GLY B 415 7.80 -10.96 29.21
N HIS B 416 7.03 -11.56 28.29
CA HIS B 416 6.86 -11.01 26.96
C HIS B 416 6.21 -9.62 26.97
N ASP B 417 6.98 -8.61 26.56
CA ASP B 417 6.51 -7.23 26.40
C ASP B 417 5.67 -6.71 27.58
N VAL B 418 6.11 -6.99 28.80
CA VAL B 418 5.36 -6.62 30.00
C VAL B 418 5.50 -5.14 30.38
N ALA B 419 6.34 -4.40 29.67
CA ALA B 419 6.50 -2.97 29.95
C ALA B 419 5.20 -2.21 29.69
N GLU B 420 4.38 -2.74 28.79
CA GLU B 420 3.09 -2.13 28.46
C GLU B 420 2.06 -2.30 29.58
N LEU B 421 2.39 -3.08 30.61
CA LEU B 421 1.42 -3.44 31.65
C LEU B 421 1.51 -2.60 32.94
N LEU B 422 2.42 -1.64 32.97
CA LEU B 422 2.59 -0.82 34.17
C LEU B 422 1.50 0.25 34.41
N PRO B 423 0.91 0.82 33.34
CA PRO B 423 0.02 1.99 33.54
C PRO B 423 -1.13 1.76 34.53
N GLU B 424 -1.76 0.59 34.49
CA GLU B 424 -2.83 0.28 35.43
C GLU B 424 -2.31 0.33 36.86
N LEU B 425 -1.12 -0.25 37.07
CA LEU B 425 -0.55 -0.35 38.40
C LEU B 425 -0.18 1.01 38.96
N THR B 426 0.53 1.81 38.18
CA THR B 426 0.96 3.12 38.66
C THR B 426 -0.24 4.06 38.83
N LEU B 427 -1.28 3.88 38.04
CA LEU B 427 -2.49 4.69 38.22
C LEU B 427 -3.15 4.33 39.53
N ALA B 428 -3.24 3.03 39.81
CA ALA B 428 -3.82 2.54 41.04
C ALA B 428 -3.07 3.07 42.25
N GLN B 429 -1.75 3.07 42.15
CA GLN B 429 -0.91 3.50 43.27
C GLN B 429 -1.04 5.00 43.52
N ARG B 430 -1.21 5.76 42.44
CA ARG B 430 -1.29 7.22 42.56
C ARG B 430 -2.60 7.71 43.16
N TRP B 431 -3.67 6.91 43.02
CA TRP B 431 -4.99 7.29 43.53
C TRP B 431 -5.49 6.34 44.61
N ASP B 432 -4.55 5.66 45.27
CA ASP B 432 -4.83 4.82 46.43
C ASP B 432 -5.99 3.85 46.20
N LEU B 433 -6.04 3.25 45.01
CA LEU B 433 -7.03 2.22 44.72
C LEU B 433 -6.54 0.91 45.32
N THR B 434 -7.44 0.19 45.99
CA THR B 434 -7.06 -1.00 46.74
C THR B 434 -7.10 -2.25 45.86
N ALA B 435 -6.57 -3.35 46.39
CA ALA B 435 -6.51 -4.61 45.67
C ALA B 435 -7.92 -5.10 45.34
N SER B 436 -8.78 -5.08 46.35
CA SER B 436 -10.18 -5.46 46.18
C SER B 436 -10.85 -4.61 45.10
N GLU B 437 -10.48 -3.35 45.06
CA GLU B 437 -11.00 -2.41 44.08
C GLU B 437 -10.53 -2.76 42.67
N LEU B 438 -9.27 -3.14 42.56
CA LEU B 438 -8.66 -3.45 41.27
C LEU B 438 -9.13 -4.79 40.72
N ALA B 439 -9.45 -5.72 41.63
CA ALA B 439 -9.93 -7.03 41.25
C ALA B 439 -11.21 -6.92 40.41
N ARG B 440 -11.99 -5.87 40.66
CA ARG B 440 -13.26 -5.67 39.97
C ARG B 440 -13.08 -5.16 38.54
N ASN B 441 -11.87 -4.74 38.18
CA ASN B 441 -11.61 -4.28 36.82
C ASN B 441 -11.37 -5.47 35.89
N VAL B 442 -12.30 -5.67 34.95
CA VAL B 442 -12.25 -6.82 34.05
C VAL B 442 -11.22 -6.64 32.94
N HIS B 443 -10.37 -7.65 32.77
CA HIS B 443 -9.32 -7.62 31.74
C HIS B 443 -9.69 -8.53 30.56
N THR B 444 -9.50 -8.01 29.35
CA THR B 444 -9.80 -8.75 28.13
C THR B 444 -9.05 -10.07 28.05
N HIS B 445 -9.75 -11.11 27.61
CA HIS B 445 -9.14 -12.42 27.41
C HIS B 445 -8.93 -12.65 25.91
N PRO B 446 -7.78 -13.23 25.52
CA PRO B 446 -6.57 -13.55 26.29
C PRO B 446 -5.49 -12.49 26.13
N THR B 447 -4.94 -12.03 27.24
CA THR B 447 -3.89 -11.03 27.22
C THR B 447 -2.94 -11.27 28.38
N MET B 448 -1.73 -10.74 28.28
CA MET B 448 -0.77 -10.78 29.38
C MET B 448 -1.36 -10.04 30.57
N SER B 449 -2.22 -9.08 30.30
CA SER B 449 -2.78 -8.22 31.35
C SER B 449 -3.61 -9.01 32.36
N GLU B 450 -4.11 -10.18 31.94
CA GLU B 450 -4.91 -11.01 32.82
C GLU B 450 -4.14 -11.45 34.07
N ALA B 451 -2.82 -11.54 33.97
CA ALA B 451 -2.00 -11.92 35.11
C ALA B 451 -2.14 -10.90 36.23
N LEU B 452 -2.30 -9.62 35.86
CA LEU B 452 -2.47 -8.56 36.85
C LEU B 452 -3.75 -8.79 37.66
N GLN B 453 -4.85 -9.07 36.97
CA GLN B 453 -6.12 -9.26 37.65
C GLN B 453 -6.02 -10.43 38.62
N GLU B 454 -5.33 -11.48 38.21
CA GLU B 454 -5.15 -12.65 39.06
C GLU B 454 -4.38 -12.28 40.32
N CYS B 455 -3.43 -11.35 40.19
CA CYS B 455 -2.64 -10.89 41.32
C CYS B 455 -3.45 -10.02 42.28
N PHE B 456 -4.37 -9.23 41.72
CA PHE B 456 -5.25 -8.42 42.54
C PHE B 456 -6.09 -9.33 43.42
N HIS B 457 -6.61 -10.39 42.81
CA HIS B 457 -7.38 -11.40 43.54
C HIS B 457 -6.54 -12.11 44.59
N GLY B 458 -5.30 -12.46 44.24
CA GLY B 458 -4.41 -13.13 45.17
C GLY B 458 -4.10 -12.28 46.39
N LEU B 459 -4.11 -10.97 46.22
CA LEU B 459 -3.82 -10.05 47.32
C LEU B 459 -4.96 -10.00 48.34
N VAL B 460 -6.20 -10.05 47.86
CA VAL B 460 -7.36 -9.97 48.75
C VAL B 460 -7.69 -11.34 49.33
N GLY B 461 -7.03 -12.38 48.81
CA GLY B 461 -7.21 -13.72 49.35
C GLY B 461 -7.16 -14.84 48.32
N HIS B 462 -7.94 -14.70 47.25
CA HIS B 462 -8.33 -15.83 46.42
C HIS B 462 -7.94 -15.74 44.94
N MET B 463 -6.74 -16.21 44.62
CA MET B 463 -6.34 -16.32 43.21
C MET B 463 -7.19 -17.41 42.55
N ILE B 464 -7.50 -17.26 41.28
CA ILE B 464 -8.48 -18.12 40.61
C ILE B 464 -7.85 -19.14 39.64
N ASN B 465 -7.05 -18.66 38.70
CA ASN B 465 -6.50 -19.55 37.66
C ASN B 465 -5.14 -20.13 37.99
N PHE B 466 -4.72 -19.97 39.24
CA PHE B 466 -3.50 -20.60 39.74
C PHE B 466 -3.53 -20.58 41.26
N SER C 2 -27.12 -44.12 41.05
CA SER C 2 -26.27 -43.21 41.83
C SER C 2 -26.98 -41.87 42.07
N MET C 3 -27.05 -41.47 43.34
CA MET C 3 -27.68 -40.18 43.73
C MET C 3 -26.75 -39.38 44.64
N THR C 4 -26.74 -38.06 44.47
CA THR C 4 -25.84 -37.18 45.21
C THR C 4 -26.44 -35.78 45.41
N HIS C 5 -25.88 -35.05 46.37
CA HIS C 5 -26.30 -33.69 46.68
C HIS C 5 -25.09 -32.76 46.84
N TYR C 6 -25.20 -31.56 46.29
CA TYR C 6 -24.18 -30.52 46.44
C TYR C 6 -24.90 -29.19 46.66
N ASP C 7 -24.24 -28.25 47.34
CA ASP C 7 -24.84 -26.95 47.58
C ASP C 7 -25.03 -26.20 46.27
N VAL C 8 -24.07 -26.37 45.37
CA VAL C 8 -24.08 -25.73 44.06
C VAL C 8 -23.66 -26.73 43.00
N VAL C 9 -24.43 -26.79 41.92
CA VAL C 9 -24.04 -27.56 40.75
C VAL C 9 -23.96 -26.63 39.53
N VAL C 10 -22.84 -26.72 38.82
CA VAL C 10 -22.60 -25.89 37.65
C VAL C 10 -22.76 -26.74 36.39
N LEU C 11 -23.47 -26.18 35.43
CA LEU C 11 -23.79 -26.87 34.20
C LEU C 11 -22.99 -26.24 33.06
N GLY C 12 -21.96 -26.95 32.60
CA GLY C 12 -21.01 -26.43 31.62
C GLY C 12 -19.70 -26.07 32.30
N ALA C 13 -18.58 -26.35 31.63
CA ALA C 13 -17.26 -26.12 32.20
C ALA C 13 -16.39 -25.19 31.35
N GLY C 14 -17.04 -24.27 30.64
CA GLY C 14 -16.32 -23.21 29.95
C GLY C 14 -15.85 -22.18 30.96
N PRO C 15 -15.23 -21.08 30.48
CA PRO C 15 -14.74 -20.01 31.34
C PRO C 15 -15.74 -19.59 32.42
N GLY C 16 -17.00 -19.40 32.02
CA GLY C 16 -18.04 -19.04 32.96
C GLY C 16 -18.20 -20.09 34.05
N GLY C 17 -18.44 -21.32 33.63
CA GLY C 17 -18.74 -22.40 34.55
C GLY C 17 -17.61 -22.76 35.49
N TYR C 18 -16.41 -22.97 34.94
CA TYR C 18 -15.31 -23.46 35.75
C TYR C 18 -14.78 -22.38 36.70
N VAL C 19 -14.96 -21.11 36.35
CA VAL C 19 -14.61 -20.02 37.25
C VAL C 19 -15.67 -19.81 38.34
N ALA C 20 -16.94 -20.01 37.99
CA ALA C 20 -17.99 -19.96 38.99
C ALA C 20 -17.80 -21.06 40.03
N ALA C 21 -17.37 -22.23 39.58
CA ALA C 21 -17.19 -23.37 40.47
C ALA C 21 -16.01 -23.16 41.40
N ILE C 22 -14.93 -22.58 40.89
CA ILE C 22 -13.78 -22.23 41.71
C ILE C 22 -14.19 -21.21 42.78
N ARG C 23 -14.87 -20.14 42.36
CA ARG C 23 -15.28 -19.11 43.30
C ARG C 23 -16.24 -19.68 44.35
N ALA C 24 -17.11 -20.58 43.93
CA ALA C 24 -18.07 -21.21 44.84
C ALA C 24 -17.35 -22.01 45.93
N ALA C 25 -16.41 -22.85 45.53
CA ALA C 25 -15.66 -23.69 46.47
C ALA C 25 -14.87 -22.84 47.45
N GLN C 26 -14.31 -21.73 46.97
CA GLN C 26 -13.54 -20.82 47.81
C GLN C 26 -14.41 -20.24 48.91
N LEU C 27 -15.70 -20.07 48.60
CA LEU C 27 -16.64 -19.47 49.53
C LEU C 27 -17.30 -20.53 50.43
N GLY C 28 -16.77 -21.75 50.41
CA GLY C 28 -17.17 -22.78 51.36
C GLY C 28 -18.35 -23.65 50.96
N LEU C 29 -18.73 -23.60 49.70
CA LEU C 29 -19.86 -24.38 49.20
C LEU C 29 -19.41 -25.68 48.56
N SER C 30 -20.15 -26.77 48.78
CA SER C 30 -19.87 -28.03 48.11
C SER C 30 -20.30 -27.87 46.67
N THR C 31 -19.39 -28.19 45.74
CA THR C 31 -19.56 -27.84 44.34
C THR C 31 -19.31 -29.03 43.42
N ALA C 32 -20.18 -29.17 42.43
CA ALA C 32 -19.99 -30.14 41.36
C ALA C 32 -20.12 -29.42 40.01
N ILE C 33 -19.37 -29.88 39.03
CA ILE C 33 -19.41 -29.31 37.68
C ILE C 33 -19.64 -30.42 36.66
N VAL C 34 -20.57 -30.17 35.75
CA VAL C 34 -21.03 -31.19 34.81
C VAL C 34 -20.68 -30.75 33.39
N GLU C 35 -20.03 -31.64 32.64
CA GLU C 35 -19.52 -31.32 31.31
C GLU C 35 -19.29 -32.61 30.53
N PRO C 36 -19.85 -32.70 29.30
CA PRO C 36 -19.69 -33.94 28.54
C PRO C 36 -18.49 -34.02 27.58
N LYS C 37 -17.87 -32.90 27.20
CA LYS C 37 -16.85 -32.93 26.15
C LYS C 37 -15.69 -31.94 26.29
N TYR C 38 -16.00 -30.69 26.59
CA TYR C 38 -15.00 -29.62 26.58
C TYR C 38 -14.79 -29.02 27.95
N TRP C 39 -13.77 -29.49 28.64
CA TRP C 39 -13.32 -28.84 29.85
C TRP C 39 -12.55 -27.60 29.45
N GLY C 40 -13.06 -26.45 29.88
CA GLY C 40 -12.60 -25.16 29.39
C GLY C 40 -13.48 -24.67 28.25
N GLY C 41 -14.49 -25.46 27.90
CA GLY C 41 -15.48 -25.06 26.92
C GLY C 41 -14.92 -24.74 25.54
N VAL C 42 -15.68 -23.97 24.78
CA VAL C 42 -15.29 -23.54 23.44
C VAL C 42 -13.96 -22.80 23.49
N CYS C 43 -13.85 -21.87 24.44
CA CYS C 43 -12.71 -20.97 24.53
C CYS C 43 -11.37 -21.68 24.56
N LEU C 44 -11.24 -22.70 25.41
CA LEU C 44 -9.97 -23.37 25.60
C LEU C 44 -9.70 -24.48 24.57
N ASN C 45 -10.76 -25.06 24.02
CA ASN C 45 -10.61 -26.20 23.12
C ASN C 45 -10.63 -25.84 21.63
N VAL C 46 -11.54 -24.95 21.22
CA VAL C 46 -11.68 -24.60 19.81
C VAL C 46 -11.98 -23.12 19.60
N GLY C 47 -11.53 -22.28 20.53
CA GLY C 47 -11.85 -20.86 20.50
C GLY C 47 -10.66 -19.96 20.75
N CYS C 48 -10.77 -19.12 21.78
CA CYS C 48 -9.77 -18.11 22.09
C CYS C 48 -8.35 -18.65 22.06
N ILE C 49 -8.09 -19.68 22.87
CA ILE C 49 -6.73 -20.17 23.10
C ILE C 49 -6.03 -20.64 21.81
N PRO C 50 -6.61 -21.64 21.13
CA PRO C 50 -5.91 -22.17 19.95
C PRO C 50 -5.88 -21.17 18.79
N SER C 51 -6.84 -20.26 18.73
CA SER C 51 -6.90 -19.30 17.64
C SER C 51 -5.81 -18.26 17.80
N LYS C 52 -5.54 -17.88 19.05
CA LYS C 52 -4.49 -16.92 19.34
C LYS C 52 -3.11 -17.52 19.07
N ALA C 53 -2.99 -18.84 19.20
CA ALA C 53 -1.76 -19.54 18.85
C ALA C 53 -1.55 -19.47 17.34
N LEU C 54 -2.60 -19.77 16.59
CA LEU C 54 -2.54 -19.69 15.13
C LEU C 54 -2.26 -18.27 14.64
N LEU C 55 -2.86 -17.28 15.31
CA LEU C 55 -2.66 -15.88 14.95
C LEU C 55 -1.22 -15.41 15.18
N ARG C 56 -0.59 -15.93 16.23
CA ARG C 56 0.82 -15.63 16.46
C ARG C 56 1.67 -16.16 15.31
N ASN C 57 1.44 -17.42 14.96
CA ASN C 57 2.11 -18.04 13.83
C ASN C 57 1.96 -17.21 12.55
N ALA C 58 0.72 -16.83 12.25
CA ALA C 58 0.41 -16.11 11.02
C ALA C 58 1.12 -14.76 10.99
N GLU C 59 1.27 -14.15 12.17
CA GLU C 59 1.97 -12.88 12.27
C GLU C 59 3.46 -13.04 11.92
N LEU C 60 4.03 -14.17 12.31
CA LEU C 60 5.44 -14.40 12.03
C LEU C 60 5.67 -14.64 10.54
N VAL C 61 4.76 -15.38 9.91
CA VAL C 61 4.79 -15.53 8.45
C VAL C 61 4.83 -14.14 7.81
N HIS C 62 3.91 -13.29 8.23
CA HIS C 62 3.80 -11.92 7.71
C HIS C 62 5.12 -11.15 7.88
N ILE C 63 5.70 -11.23 9.07
CA ILE C 63 6.94 -10.53 9.38
C ILE C 63 8.09 -10.99 8.48
N PHE C 64 8.26 -12.30 8.35
CA PHE C 64 9.32 -12.82 7.49
C PHE C 64 8.98 -12.64 6.00
N THR C 65 7.80 -13.07 5.56
CA THR C 65 7.50 -13.01 4.12
C THR C 65 7.54 -11.60 3.51
N LYS C 66 7.11 -10.59 4.27
CA LYS C 66 6.93 -9.25 3.70
C LYS C 66 7.71 -8.11 4.38
N ASP C 67 8.38 -8.41 5.49
CA ASP C 67 9.29 -7.43 6.12
C ASP C 67 10.72 -7.93 6.21
N ALA C 68 11.02 -9.10 5.63
CA ALA C 68 12.35 -9.70 5.74
C ALA C 68 13.46 -8.71 5.37
N LYS C 69 13.34 -8.14 4.18
CA LYS C 69 14.37 -7.25 3.67
C LYS C 69 14.54 -6.04 4.57
N ALA C 70 13.45 -5.62 5.22
CA ALA C 70 13.50 -4.49 6.13
C ALA C 70 14.21 -4.84 7.42
N PHE C 71 14.24 -6.12 7.76
CA PHE C 71 14.84 -6.58 9.01
C PHE C 71 16.21 -7.24 8.79
N GLY C 72 16.61 -7.37 7.54
CA GLY C 72 17.90 -7.96 7.22
C GLY C 72 17.86 -9.48 7.25
N ILE C 73 16.67 -10.03 6.97
CA ILE C 73 16.48 -11.47 6.92
C ILE C 73 16.58 -11.95 5.48
N SER C 74 17.51 -12.87 5.24
CA SER C 74 17.74 -13.42 3.90
C SER C 74 17.59 -14.93 3.93
N GLY C 75 17.36 -15.52 2.77
CA GLY C 75 17.14 -16.94 2.64
C GLY C 75 15.70 -17.23 2.26
N GLU C 76 15.48 -18.39 1.65
CA GLU C 76 14.16 -18.79 1.19
C GLU C 76 13.46 -19.59 2.28
N VAL C 77 12.55 -18.94 2.99
CA VAL C 77 11.86 -19.58 4.11
C VAL C 77 10.54 -20.19 3.71
N THR C 78 10.16 -21.24 4.44
CA THR C 78 8.89 -21.94 4.24
C THR C 78 8.19 -22.03 5.59
N PHE C 79 6.86 -21.88 5.58
CA PHE C 79 6.06 -22.05 6.79
C PHE C 79 5.03 -23.14 6.57
N ASP C 80 4.99 -24.10 7.49
CA ASP C 80 4.08 -25.24 7.39
C ASP C 80 2.92 -25.09 8.36
N TYR C 81 1.71 -25.02 7.81
CA TYR C 81 0.52 -24.81 8.63
C TYR C 81 0.24 -25.98 9.55
N GLY C 82 0.59 -27.19 9.11
CA GLY C 82 0.35 -28.39 9.88
C GLY C 82 1.03 -28.30 11.23
N ILE C 83 2.23 -27.75 11.26
CA ILE C 83 2.98 -27.58 12.50
C ILE C 83 2.38 -26.44 13.32
N ALA C 84 1.80 -25.45 12.64
CA ALA C 84 1.07 -24.39 13.34
C ALA C 84 -0.16 -24.99 14.00
N TYR C 85 -0.87 -25.83 13.24
CA TYR C 85 -2.02 -26.57 13.78
C TYR C 85 -1.61 -27.41 14.98
N ASP C 86 -0.51 -28.16 14.83
CA ASP C 86 -0.05 -29.04 15.90
C ASP C 86 0.23 -28.26 17.19
N ARG C 87 0.81 -27.07 17.06
CA ARG C 87 1.13 -26.28 18.25
C ARG C 87 -0.14 -25.74 18.92
N SER C 88 -1.11 -25.32 18.13
CA SER C 88 -2.37 -24.82 18.68
C SER C 88 -3.09 -25.91 19.49
N ARG C 89 -3.04 -27.15 19.01
CA ARG C 89 -3.64 -28.26 19.75
C ARG C 89 -2.90 -28.53 21.04
N LYS C 90 -1.57 -28.45 21.00
CA LYS C 90 -0.75 -28.69 22.18
C LYS C 90 -0.98 -27.61 23.22
N VAL C 91 -1.13 -26.37 22.76
CA VAL C 91 -1.43 -25.25 23.64
C VAL C 91 -2.81 -25.42 24.27
N ALA C 92 -3.77 -25.86 23.46
CA ALA C 92 -5.14 -26.04 23.94
C ALA C 92 -5.20 -27.12 25.01
N GLU C 93 -4.64 -28.29 24.71
CA GLU C 93 -4.67 -29.42 25.63
C GLU C 93 -3.99 -29.07 26.95
N GLY C 94 -2.91 -28.31 26.88
CA GLY C 94 -2.21 -27.88 28.08
C GLY C 94 -3.08 -27.03 28.99
N ARG C 95 -3.89 -26.15 28.40
CA ARG C 95 -4.77 -25.29 29.17
C ARG C 95 -5.95 -26.09 29.72
N VAL C 96 -6.37 -27.11 28.97
CA VAL C 96 -7.42 -28.01 29.45
C VAL C 96 -6.94 -28.72 30.69
N ALA C 97 -5.74 -29.28 30.61
CA ALA C 97 -5.12 -29.96 31.74
C ALA C 97 -5.10 -29.05 32.97
N GLY C 98 -4.85 -27.77 32.73
CA GLY C 98 -4.86 -26.78 33.79
C GLY C 98 -6.20 -26.73 34.51
N VAL C 99 -7.28 -26.69 33.74
CA VAL C 99 -8.63 -26.66 34.30
C VAL C 99 -8.82 -27.84 35.25
N HIS C 100 -8.45 -29.04 34.80
CA HIS C 100 -8.58 -30.23 35.63
C HIS C 100 -7.82 -30.09 36.94
N PHE C 101 -6.67 -29.45 36.89
CA PHE C 101 -5.86 -29.24 38.08
C PHE C 101 -6.54 -28.25 39.03
N LEU C 102 -7.21 -27.25 38.48
CA LEU C 102 -7.88 -26.24 39.30
C LEU C 102 -9.11 -26.82 39.99
N MET C 103 -9.77 -27.77 39.33
CA MET C 103 -10.90 -28.45 39.94
C MET C 103 -10.41 -29.30 41.12
N LYS C 104 -9.22 -29.84 41.00
CA LYS C 104 -8.64 -30.73 42.01
C LYS C 104 -8.17 -29.96 43.23
N LYS C 105 -7.51 -28.82 42.99
CA LYS C 105 -7.06 -27.97 44.09
C LYS C 105 -8.25 -27.55 44.95
N ASN C 106 -9.35 -27.19 44.28
CA ASN C 106 -10.51 -26.63 44.97
C ASN C 106 -11.53 -27.69 45.39
N LYS C 107 -11.15 -28.96 45.22
CA LYS C 107 -11.99 -30.08 45.66
C LYS C 107 -13.38 -30.01 45.03
N ILE C 108 -13.40 -29.66 43.74
CA ILE C 108 -14.62 -29.61 42.97
C ILE C 108 -14.86 -30.95 42.29
N THR C 109 -16.05 -31.51 42.47
CA THR C 109 -16.37 -32.82 41.92
C THR C 109 -16.75 -32.69 40.45
N GLU C 110 -15.98 -33.34 39.58
CA GLU C 110 -16.29 -33.37 38.16
C GLU C 110 -17.27 -34.48 37.85
N ILE C 111 -18.28 -34.16 37.05
CA ILE C 111 -19.22 -35.16 36.58
C ILE C 111 -19.18 -35.14 35.06
N HIS C 112 -18.78 -36.27 34.48
CA HIS C 112 -18.57 -36.35 33.04
C HIS C 112 -19.81 -36.89 32.36
N GLY C 113 -20.61 -35.97 31.84
CA GLY C 113 -21.86 -36.31 31.20
C GLY C 113 -22.68 -35.08 30.89
N TYR C 114 -23.91 -35.31 30.42
CA TYR C 114 -24.77 -34.25 29.92
C TYR C 114 -25.98 -34.09 30.83
N GLY C 115 -26.10 -32.92 31.45
CA GLY C 115 -27.13 -32.66 32.44
C GLY C 115 -28.46 -32.23 31.86
N THR C 116 -29.53 -32.67 32.49
CA THR C 116 -30.90 -32.26 32.15
C THR C 116 -31.66 -32.03 33.44
N PHE C 117 -32.39 -30.93 33.53
CA PHE C 117 -33.19 -30.65 34.72
C PHE C 117 -34.42 -31.53 34.77
N ALA C 118 -34.68 -32.15 35.92
CA ALA C 118 -35.92 -32.88 36.15
C ALA C 118 -36.91 -31.95 36.83
N ASP C 119 -36.40 -31.15 37.77
CA ASP C 119 -37.18 -30.07 38.37
C ASP C 119 -36.22 -28.94 38.76
N ALA C 120 -36.64 -28.07 39.68
CA ALA C 120 -35.84 -26.88 39.99
C ALA C 120 -34.62 -27.20 40.86
N ASN C 121 -34.54 -28.44 41.34
CA ASN C 121 -33.47 -28.84 42.25
C ASN C 121 -32.87 -30.19 41.92
N THR C 122 -33.15 -30.69 40.72
CA THR C 122 -32.70 -32.03 40.34
C THR C 122 -32.22 -32.05 38.88
N LEU C 123 -31.00 -32.58 38.70
CA LEU C 123 -30.42 -32.78 37.37
C LEU C 123 -30.23 -34.26 37.13
N LEU C 124 -30.78 -34.75 36.01
CA LEU C 124 -30.48 -36.10 35.56
C LEU C 124 -29.32 -36.03 34.57
N VAL C 125 -28.30 -36.86 34.81
CA VAL C 125 -27.08 -36.82 34.02
C VAL C 125 -26.83 -38.14 33.29
N ASP C 126 -26.89 -38.09 31.97
CA ASP C 126 -26.43 -39.21 31.15
C ASP C 126 -24.91 -39.18 31.15
N LEU C 127 -24.31 -40.15 31.82
CA LEU C 127 -22.85 -40.20 31.96
C LEU C 127 -22.17 -40.68 30.69
N ASN C 128 -20.97 -40.15 30.44
CA ASN C 128 -20.16 -40.57 29.29
C ASN C 128 -19.89 -42.07 29.30
N ASP C 129 -19.78 -42.65 30.49
CA ASP C 129 -19.47 -44.07 30.62
C ASP C 129 -20.69 -44.96 30.38
N GLY C 130 -21.81 -44.36 29.98
CA GLY C 130 -23.01 -45.10 29.65
C GLY C 130 -24.00 -45.21 30.81
N GLY C 131 -23.55 -44.83 32.01
CA GLY C 131 -24.39 -44.92 33.19
C GLY C 131 -25.34 -43.75 33.31
N THR C 132 -26.00 -43.64 34.45
CA THR C 132 -26.90 -42.53 34.74
C THR C 132 -26.67 -42.08 36.18
N GLU C 133 -27.09 -40.86 36.49
CA GLU C 133 -26.93 -40.31 37.83
C GLU C 133 -27.85 -39.12 38.03
N SER C 134 -28.49 -39.07 39.19
CA SER C 134 -29.34 -37.93 39.54
C SER C 134 -28.63 -37.08 40.57
N VAL C 135 -28.64 -35.78 40.35
CA VAL C 135 -27.94 -34.84 41.22
C VAL C 135 -28.94 -33.82 41.73
N THR C 136 -28.99 -33.64 43.04
CA THR C 136 -29.87 -32.64 43.65
C THR C 136 -29.02 -31.47 44.17
N PHE C 137 -29.65 -30.30 44.34
CA PHE C 137 -28.88 -29.09 44.65
C PHE C 137 -29.72 -27.96 45.25
N ASP C 138 -29.06 -27.08 46.01
CA ASP C 138 -29.69 -25.87 46.51
C ASP C 138 -29.60 -24.74 45.48
N ASN C 139 -28.51 -24.73 44.73
CA ASN C 139 -28.26 -23.71 43.72
C ASN C 139 -27.74 -24.32 42.43
N ALA C 140 -28.23 -23.79 41.30
CA ALA C 140 -27.71 -24.16 39.99
C ALA C 140 -27.11 -22.94 39.32
N ILE C 141 -26.01 -23.16 38.60
CA ILE C 141 -25.44 -22.14 37.74
C ILE C 141 -25.40 -22.72 36.34
N ILE C 142 -26.16 -22.11 35.44
CA ILE C 142 -26.22 -22.55 34.06
C ILE C 142 -25.17 -21.81 33.23
N ALA C 143 -24.19 -22.54 32.73
CA ALA C 143 -23.11 -21.95 31.94
C ALA C 143 -22.88 -22.79 30.69
N THR C 144 -23.91 -22.85 29.86
CA THR C 144 -23.98 -23.82 28.76
C THR C 144 -23.60 -23.23 27.40
N GLY C 145 -23.11 -21.99 27.41
CA GLY C 145 -22.56 -21.38 26.21
C GLY C 145 -23.56 -21.19 25.07
N SER C 146 -23.03 -21.17 23.85
CA SER C 146 -23.82 -20.92 22.65
C SER C 146 -23.32 -21.75 21.48
N SER C 147 -24.04 -21.67 20.35
CA SER C 147 -23.66 -22.38 19.14
C SER C 147 -23.75 -21.42 17.96
N THR C 148 -23.15 -21.81 16.85
CA THR C 148 -23.10 -20.96 15.66
C THR C 148 -24.49 -20.66 15.12
N ARG C 149 -24.79 -19.37 14.97
CA ARG C 149 -26.00 -18.95 14.29
C ARG C 149 -25.71 -18.92 12.79
N LEU C 150 -26.58 -19.55 12.01
CA LEU C 150 -26.40 -19.64 10.58
C LEU C 150 -26.96 -18.44 9.84
N VAL C 151 -26.37 -18.13 8.69
CA VAL C 151 -26.92 -17.14 7.79
C VAL C 151 -28.31 -17.64 7.40
N PRO C 152 -29.37 -16.84 7.68
CA PRO C 152 -30.73 -17.31 7.39
C PRO C 152 -30.91 -17.85 5.97
N GLY C 153 -31.59 -19.00 5.87
CA GLY C 153 -31.76 -19.67 4.60
C GLY C 153 -30.80 -20.84 4.45
N THR C 154 -29.58 -20.66 4.93
CA THR C 154 -28.48 -21.58 4.66
C THR C 154 -28.35 -22.67 5.72
N SER C 155 -27.55 -23.68 5.42
CA SER C 155 -27.33 -24.80 6.33
C SER C 155 -25.91 -25.33 6.20
N LEU C 156 -25.47 -26.08 7.22
CA LEU C 156 -24.13 -26.64 7.22
C LEU C 156 -24.02 -27.84 6.27
N SER C 157 -22.81 -28.11 5.81
CA SER C 157 -22.53 -29.26 4.97
C SER C 157 -21.03 -29.54 4.97
N ALA C 158 -20.59 -30.46 4.13
CA ALA C 158 -19.20 -30.88 4.10
C ALA C 158 -18.24 -29.70 3.89
N ASN C 159 -18.66 -28.73 3.08
CA ASN C 159 -17.83 -27.58 2.73
C ASN C 159 -18.38 -26.26 3.24
N VAL C 160 -19.36 -26.33 4.13
CA VAL C 160 -19.94 -25.15 4.76
C VAL C 160 -19.93 -25.38 6.27
N VAL C 161 -19.05 -24.68 6.97
CA VAL C 161 -18.66 -25.06 8.32
C VAL C 161 -18.72 -23.95 9.36
N THR C 162 -18.61 -24.36 10.62
CA THR C 162 -18.49 -23.46 11.75
C THR C 162 -17.01 -23.23 12.03
N TYR C 163 -16.73 -22.36 12.99
CA TYR C 163 -15.37 -22.15 13.49
C TYR C 163 -14.74 -23.49 13.88
N GLU C 164 -15.58 -24.42 14.32
CA GLU C 164 -15.13 -25.66 14.95
C GLU C 164 -14.43 -26.61 13.99
N GLU C 165 -15.02 -26.84 12.82
CA GLU C 165 -14.40 -27.71 11.83
C GLU C 165 -13.20 -26.99 11.19
N GLN C 166 -13.33 -25.68 11.02
CA GLN C 166 -12.27 -24.89 10.42
C GLN C 166 -10.99 -24.91 11.28
N ILE C 167 -11.16 -24.69 12.58
CA ILE C 167 -10.01 -24.61 13.47
C ILE C 167 -9.39 -25.98 13.76
N LEU C 168 -10.19 -27.04 13.68
CA LEU C 168 -9.70 -28.40 13.92
C LEU C 168 -9.17 -29.08 12.65
N SER C 169 -9.12 -28.34 11.54
CA SER C 169 -8.59 -28.87 10.29
C SER C 169 -7.11 -28.53 10.15
N ARG C 170 -6.30 -29.57 10.02
CA ARG C 170 -4.85 -29.43 9.89
C ARG C 170 -4.49 -28.99 8.47
N GLU C 171 -5.44 -29.17 7.56
CA GLU C 171 -5.23 -28.87 6.15
C GLU C 171 -6.01 -27.64 5.75
N LEU C 172 -5.43 -26.89 4.81
CA LEU C 172 -5.98 -25.61 4.41
C LEU C 172 -6.65 -25.75 3.04
N PRO C 173 -7.73 -25.00 2.83
CA PRO C 173 -8.34 -24.97 1.50
C PRO C 173 -7.57 -24.02 0.60
N LYS C 174 -7.79 -24.07 -0.71
CA LYS C 174 -7.11 -23.14 -1.61
C LYS C 174 -7.83 -21.79 -1.62
N SER C 175 -9.11 -21.80 -1.26
CA SER C 175 -9.89 -20.57 -1.18
C SER C 175 -11.05 -20.74 -0.21
N ILE C 176 -11.48 -19.63 0.38
CA ILE C 176 -12.55 -19.65 1.37
C ILE C 176 -13.35 -18.37 1.32
N ILE C 177 -14.64 -18.48 1.65
CA ILE C 177 -15.52 -17.33 1.80
C ILE C 177 -16.04 -17.29 3.23
N ILE C 178 -15.80 -16.18 3.91
CA ILE C 178 -16.22 -16.03 5.30
C ILE C 178 -17.41 -15.09 5.38
N ALA C 179 -18.51 -15.59 5.94
CA ALA C 179 -19.70 -14.77 6.16
C ALA C 179 -19.67 -14.18 7.57
N GLY C 180 -19.39 -12.88 7.66
CA GLY C 180 -19.32 -12.19 8.94
C GLY C 180 -17.99 -11.47 9.12
N ALA C 181 -18.08 -10.14 9.27
CA ALA C 181 -16.90 -9.31 9.48
C ALA C 181 -16.73 -8.98 10.96
N GLY C 182 -17.04 -9.95 11.82
CA GLY C 182 -16.82 -9.82 13.25
C GLY C 182 -15.42 -10.24 13.62
N ALA C 183 -15.12 -10.22 14.92
CA ALA C 183 -13.78 -10.54 15.42
C ALA C 183 -13.29 -11.89 14.91
N ILE C 184 -14.16 -12.88 15.02
CA ILE C 184 -13.82 -14.25 14.63
C ILE C 184 -13.53 -14.36 13.14
N GLY C 185 -14.42 -13.80 12.32
CA GLY C 185 -14.24 -13.80 10.88
C GLY C 185 -12.94 -13.13 10.47
N MET C 186 -12.68 -11.97 11.05
CA MET C 186 -11.47 -11.22 10.72
C MET C 186 -10.21 -11.99 11.12
N GLU C 187 -10.29 -12.70 12.25
CA GLU C 187 -9.14 -13.45 12.75
C GLU C 187 -8.86 -14.70 11.90
N PHE C 188 -9.92 -15.36 11.43
CA PHE C 188 -9.76 -16.48 10.51
C PHE C 188 -9.25 -15.99 9.16
N GLY C 189 -9.74 -14.83 8.73
CA GLY C 189 -9.30 -14.24 7.48
C GLY C 189 -7.81 -13.96 7.50
N TYR C 190 -7.35 -13.37 8.59
CA TYR C 190 -5.94 -13.05 8.79
C TYR C 190 -5.06 -14.30 8.77
N VAL C 191 -5.39 -15.28 9.59
CA VAL C 191 -4.61 -16.52 9.69
C VAL C 191 -4.49 -17.20 8.33
N LEU C 192 -5.61 -17.40 7.67
CA LEU C 192 -5.65 -18.18 6.43
C LEU C 192 -4.99 -17.45 5.26
N LYS C 193 -5.18 -16.14 5.17
CA LYS C 193 -4.58 -15.38 4.08
C LYS C 193 -3.06 -15.37 4.19
N ASN C 194 -2.56 -15.28 5.42
CA ASN C 194 -1.12 -15.31 5.65
C ASN C 194 -0.52 -16.66 5.26
N TYR C 195 -1.32 -17.71 5.34
CA TYR C 195 -0.86 -19.05 4.95
C TYR C 195 -1.22 -19.39 3.50
N GLY C 196 -1.58 -18.37 2.73
CA GLY C 196 -1.68 -18.49 1.29
C GLY C 196 -3.04 -18.91 0.74
N VAL C 197 -4.07 -18.83 1.57
CA VAL C 197 -5.44 -19.11 1.13
C VAL C 197 -6.04 -17.87 0.50
N ASP C 198 -6.76 -18.03 -0.60
CA ASP C 198 -7.57 -16.94 -1.15
C ASP C 198 -8.74 -16.69 -0.20
N VAL C 199 -8.81 -15.47 0.34
CA VAL C 199 -9.82 -15.14 1.35
C VAL C 199 -10.72 -14.00 0.93
N THR C 200 -12.02 -14.26 0.92
CA THR C 200 -13.03 -13.24 0.74
C THR C 200 -13.93 -13.21 1.97
N ILE C 201 -14.19 -12.01 2.48
CA ILE C 201 -15.09 -11.84 3.62
C ILE C 201 -16.31 -11.02 3.21
N VAL C 202 -17.50 -11.56 3.51
CA VAL C 202 -18.75 -10.91 3.16
C VAL C 202 -19.44 -10.41 4.42
N GLU C 203 -19.85 -9.14 4.40
CA GLU C 203 -20.49 -8.51 5.56
C GLU C 203 -21.74 -7.75 5.14
N PHE C 204 -22.84 -8.03 5.82
CA PHE C 204 -24.10 -7.36 5.53
C PHE C 204 -24.03 -5.86 5.77
N LEU C 205 -23.44 -5.46 6.89
CA LEU C 205 -23.35 -4.04 7.23
C LEU C 205 -22.31 -3.31 6.38
N PRO C 206 -22.39 -1.97 6.34
CA PRO C 206 -21.55 -1.18 5.42
C PRO C 206 -20.07 -1.12 5.81
N ARG C 207 -19.70 -1.70 6.95
CA ARG C 207 -18.35 -1.62 7.48
C ARG C 207 -17.91 -2.98 8.01
N ALA C 208 -16.60 -3.21 8.01
CA ALA C 208 -16.02 -4.34 8.73
C ALA C 208 -15.94 -3.96 10.22
N LEU C 209 -16.07 -4.94 11.10
CA LEU C 209 -16.13 -4.72 12.55
C LEU C 209 -17.10 -3.60 12.89
N PRO C 210 -18.37 -3.74 12.46
CA PRO C 210 -19.38 -2.69 12.52
C PRO C 210 -19.75 -2.20 13.93
N ASN C 211 -19.38 -2.95 14.96
CA ASN C 211 -19.66 -2.55 16.33
C ASN C 211 -18.60 -1.59 16.89
N GLU C 212 -17.50 -1.46 16.16
CA GLU C 212 -16.42 -0.57 16.57
C GLU C 212 -16.68 0.86 16.11
N ASP C 213 -15.80 1.76 16.51
CA ASP C 213 -15.82 3.13 16.03
C ASP C 213 -15.48 3.13 14.54
N ALA C 214 -16.18 3.98 13.78
CA ALA C 214 -16.03 4.00 12.31
C ALA C 214 -14.60 4.27 11.86
N ASP C 215 -13.83 4.99 12.67
CA ASP C 215 -12.43 5.27 12.33
C ASP C 215 -11.60 3.99 12.39
N VAL C 216 -11.88 3.15 13.37
CA VAL C 216 -11.18 1.88 13.52
C VAL C 216 -11.51 0.96 12.35
N SER C 217 -12.79 0.92 11.97
CA SER C 217 -13.23 0.09 10.85
C SER C 217 -12.47 0.43 9.57
N LYS C 218 -12.32 1.72 9.31
CA LYS C 218 -11.62 2.17 8.10
C LYS C 218 -10.18 1.67 8.08
N GLU C 219 -9.51 1.76 9.23
CA GLU C 219 -8.11 1.38 9.30
C GLU C 219 -7.91 -0.13 9.16
N ILE C 220 -8.78 -0.92 9.79
CA ILE C 220 -8.60 -2.37 9.70
C ILE C 220 -8.89 -2.86 8.29
N GLU C 221 -9.83 -2.21 7.61
CA GLU C 221 -10.13 -2.52 6.21
C GLU C 221 -8.96 -2.14 5.32
N LYS C 222 -8.32 -1.02 5.64
CA LYS C 222 -7.12 -0.59 4.93
C LYS C 222 -6.04 -1.66 5.07
N GLN C 223 -5.78 -2.07 6.31
CA GLN C 223 -4.77 -3.08 6.60
C GLN C 223 -5.08 -4.39 5.91
N PHE C 224 -6.34 -4.81 5.93
CA PHE C 224 -6.73 -6.10 5.35
C PHE C 224 -6.64 -6.09 3.83
N LYS C 225 -6.85 -4.94 3.22
CA LYS C 225 -6.68 -4.80 1.78
C LYS C 225 -5.20 -4.98 1.39
N LYS C 226 -4.31 -4.32 2.11
CA LYS C 226 -2.88 -4.45 1.87
C LYS C 226 -2.42 -5.91 1.99
N LEU C 227 -3.07 -6.65 2.88
CA LEU C 227 -2.73 -8.03 3.14
C LEU C 227 -3.17 -8.97 1.99
N GLY C 228 -4.19 -8.56 1.24
CA GLY C 228 -4.70 -9.35 0.13
C GLY C 228 -6.08 -9.93 0.38
N VAL C 229 -6.71 -9.50 1.47
CA VAL C 229 -8.03 -9.98 1.83
C VAL C 229 -9.11 -9.12 1.18
N THR C 230 -10.00 -9.76 0.43
CA THR C 230 -11.11 -9.08 -0.20
C THR C 230 -12.28 -8.99 0.76
N ILE C 231 -12.67 -7.77 1.12
CA ILE C 231 -13.81 -7.56 2.01
C ILE C 231 -14.98 -6.93 1.25
N LEU C 232 -16.12 -7.61 1.28
CA LEU C 232 -17.33 -7.13 0.63
C LEU C 232 -18.36 -6.75 1.68
N THR C 233 -18.55 -5.44 1.85
CA THR C 233 -19.49 -4.90 2.81
C THR C 233 -20.78 -4.50 2.09
N ALA C 234 -21.81 -4.18 2.86
CA ALA C 234 -23.11 -3.84 2.30
C ALA C 234 -23.58 -4.96 1.38
N THR C 235 -23.27 -6.18 1.78
CA THR C 235 -23.43 -7.36 0.93
C THR C 235 -24.20 -8.46 1.67
N LYS C 236 -25.36 -8.81 1.13
CA LYS C 236 -26.22 -9.81 1.75
C LYS C 236 -26.00 -11.19 1.13
N VAL C 237 -25.67 -12.16 1.97
CA VAL C 237 -25.57 -13.55 1.52
C VAL C 237 -26.97 -14.13 1.33
N GLU C 238 -27.30 -14.50 0.10
CA GLU C 238 -28.64 -14.96 -0.23
C GLU C 238 -28.76 -16.48 -0.07
N SER C 239 -27.90 -17.23 -0.76
CA SER C 239 -27.93 -18.69 -0.70
C SER C 239 -26.53 -19.28 -0.90
N ILE C 240 -26.37 -20.52 -0.44
CA ILE C 240 -25.09 -21.24 -0.54
C ILE C 240 -25.34 -22.65 -1.06
N ALA C 241 -24.87 -22.93 -2.26
CA ALA C 241 -25.04 -24.23 -2.89
C ALA C 241 -23.74 -25.03 -2.87
N ASP C 242 -23.66 -25.98 -1.94
CA ASP C 242 -22.47 -26.83 -1.82
C ASP C 242 -22.56 -28.03 -2.76
N GLY C 243 -21.71 -28.03 -3.79
CA GLY C 243 -21.71 -29.07 -4.80
C GLY C 243 -20.43 -29.91 -4.82
N GLY C 244 -19.96 -30.31 -3.64
CA GLY C 244 -18.82 -31.20 -3.54
C GLY C 244 -17.47 -30.53 -3.75
N SER C 245 -17.16 -30.19 -4.99
CA SER C 245 -15.85 -29.62 -5.31
C SER C 245 -15.78 -28.13 -4.94
N GLN C 246 -16.61 -27.33 -5.60
CA GLN C 246 -16.71 -25.90 -5.30
C GLN C 246 -17.98 -25.63 -4.51
N VAL C 247 -18.00 -24.48 -3.85
CA VAL C 247 -19.23 -23.96 -3.26
C VAL C 247 -19.56 -22.65 -3.97
N THR C 248 -20.83 -22.46 -4.29
CA THR C 248 -21.28 -21.21 -4.90
C THR C 248 -22.15 -20.47 -3.91
N VAL C 249 -21.79 -19.21 -3.66
CA VAL C 249 -22.50 -18.36 -2.74
C VAL C 249 -23.18 -17.23 -3.52
N THR C 250 -24.51 -17.18 -3.44
CA THR C 250 -25.25 -16.12 -4.08
C THR C 250 -25.31 -14.93 -3.13
N VAL C 251 -25.06 -13.74 -3.67
CA VAL C 251 -24.89 -12.55 -2.86
C VAL C 251 -25.50 -11.32 -3.54
N THR C 252 -26.15 -10.48 -2.74
CA THR C 252 -26.74 -9.24 -3.23
C THR C 252 -25.93 -8.03 -2.78
N LYS C 253 -25.33 -7.35 -3.74
CA LYS C 253 -24.55 -6.13 -3.48
C LYS C 253 -24.89 -5.10 -4.54
N ASP C 254 -25.13 -3.87 -4.10
CA ASP C 254 -25.55 -2.79 -5.00
C ASP C 254 -26.90 -3.08 -5.67
N GLY C 255 -27.76 -3.83 -4.97
CA GLY C 255 -29.07 -4.17 -5.50
C GLY C 255 -29.03 -5.26 -6.55
N VAL C 256 -27.83 -5.76 -6.85
CA VAL C 256 -27.63 -6.75 -7.90
C VAL C 256 -27.12 -8.05 -7.29
N ALA C 257 -27.55 -9.17 -7.86
CA ALA C 257 -27.12 -10.48 -7.40
C ALA C 257 -25.86 -10.93 -8.14
N GLN C 258 -24.93 -11.53 -7.42
CA GLN C 258 -23.73 -12.09 -8.02
C GLN C 258 -23.31 -13.37 -7.30
N GLU C 259 -22.50 -14.17 -7.99
CA GLU C 259 -22.04 -15.46 -7.47
C GLU C 259 -20.55 -15.43 -7.18
N LEU C 260 -20.20 -15.78 -5.94
CA LEU C 260 -18.82 -15.95 -5.54
C LEU C 260 -18.63 -17.43 -5.31
N LYS C 261 -17.49 -17.97 -5.72
CA LYS C 261 -17.21 -19.38 -5.46
C LYS C 261 -15.86 -19.60 -4.81
N ALA C 262 -15.75 -20.72 -4.12
CA ALA C 262 -14.57 -21.07 -3.35
C ALA C 262 -14.73 -22.51 -2.90
N GLU C 263 -13.65 -23.09 -2.38
CA GLU C 263 -13.68 -24.47 -1.93
C GLU C 263 -14.52 -24.63 -0.67
N LYS C 264 -14.58 -23.57 0.13
CA LYS C 264 -15.15 -23.64 1.46
C LYS C 264 -15.82 -22.33 1.83
N VAL C 265 -16.84 -22.40 2.67
CA VAL C 265 -17.37 -21.20 3.34
C VAL C 265 -17.44 -21.43 4.84
N LEU C 266 -17.15 -20.35 5.59
CA LEU C 266 -17.20 -20.37 7.04
C LEU C 266 -18.33 -19.46 7.51
N GLN C 267 -19.19 -20.00 8.36
CA GLN C 267 -20.26 -19.21 8.96
C GLN C 267 -19.77 -18.56 10.24
N ALA C 268 -19.70 -17.24 10.24
CA ALA C 268 -19.21 -16.50 11.40
C ALA C 268 -20.00 -15.21 11.60
N ILE C 269 -21.33 -15.32 11.64
CA ILE C 269 -22.18 -14.14 11.83
C ILE C 269 -22.65 -13.98 13.29
N GLY C 270 -22.27 -14.93 14.14
CA GLY C 270 -22.56 -14.82 15.55
C GLY C 270 -22.96 -16.13 16.19
N PHE C 271 -23.53 -16.05 17.39
CA PHE C 271 -23.82 -17.23 18.19
C PHE C 271 -25.15 -17.11 18.90
N ALA C 272 -25.92 -18.20 18.88
CA ALA C 272 -27.21 -18.27 19.57
C ALA C 272 -27.06 -19.11 20.83
N PRO C 273 -27.49 -18.58 21.99
CA PRO C 273 -27.42 -19.33 23.25
C PRO C 273 -28.00 -20.73 23.17
N ASN C 274 -27.34 -21.67 23.84
CA ASN C 274 -27.81 -23.05 23.93
C ASN C 274 -28.89 -23.18 25.01
N VAL C 275 -30.13 -23.38 24.60
CA VAL C 275 -31.27 -23.41 25.53
C VAL C 275 -32.20 -24.60 25.29
N GLU C 276 -31.93 -25.40 24.26
CA GLU C 276 -32.77 -26.53 23.92
C GLU C 276 -32.19 -27.86 24.41
N GLY C 277 -33.07 -28.74 24.88
CA GLY C 277 -32.71 -30.14 25.08
C GLY C 277 -32.21 -30.54 26.44
N TYR C 278 -32.23 -29.63 27.42
CA TYR C 278 -31.77 -29.97 28.77
C TYR C 278 -32.72 -29.47 29.87
N GLY C 279 -33.99 -29.32 29.52
CA GLY C 279 -35.07 -29.22 30.48
C GLY C 279 -35.18 -27.93 31.25
N LEU C 280 -34.84 -26.81 30.62
CA LEU C 280 -35.00 -25.51 31.26
C LEU C 280 -36.44 -25.28 31.67
N ASP C 281 -37.38 -25.85 30.91
CA ASP C 281 -38.80 -25.71 31.21
C ASP C 281 -39.21 -26.46 32.48
N LYS C 282 -38.57 -27.59 32.76
CA LYS C 282 -38.86 -28.35 33.97
C LYS C 282 -38.41 -27.60 35.22
N ALA C 283 -37.48 -26.67 35.06
CA ALA C 283 -36.97 -25.87 36.17
C ALA C 283 -37.73 -24.55 36.30
N GLY C 284 -38.47 -24.19 35.25
CA GLY C 284 -39.24 -22.96 35.25
C GLY C 284 -38.40 -21.75 34.86
N VAL C 285 -37.29 -22.01 34.17
CA VAL C 285 -36.39 -20.95 33.74
C VAL C 285 -36.88 -20.34 32.44
N ALA C 286 -37.04 -19.02 32.43
CA ALA C 286 -37.64 -18.32 31.29
C ALA C 286 -36.61 -17.82 30.30
N LEU C 287 -37.04 -17.64 29.06
CA LEU C 287 -36.19 -17.16 27.98
C LEU C 287 -36.61 -15.75 27.56
N THR C 288 -35.66 -15.01 27.00
CA THR C 288 -35.96 -13.70 26.42
C THR C 288 -36.61 -13.88 25.05
N ASP C 289 -36.95 -12.77 24.41
CA ASP C 289 -37.59 -12.80 23.10
C ASP C 289 -36.63 -13.39 22.05
N ARG C 290 -35.34 -13.13 22.22
CA ARG C 290 -34.33 -13.61 21.28
C ARG C 290 -33.77 -14.97 21.71
N LYS C 291 -34.49 -15.64 22.61
CA LYS C 291 -34.17 -17.01 23.02
C LYS C 291 -32.83 -17.13 23.77
N ALA C 292 -32.58 -16.20 24.67
CA ALA C 292 -31.52 -16.35 25.66
C ALA C 292 -32.17 -16.51 27.03
N ILE C 293 -31.46 -17.12 27.97
CA ILE C 293 -31.93 -17.18 29.35
C ILE C 293 -31.89 -15.77 29.93
N GLY C 294 -33.01 -15.32 30.51
CA GLY C 294 -33.10 -14.00 31.07
C GLY C 294 -32.42 -13.92 32.42
N VAL C 295 -31.70 -12.85 32.67
CA VAL C 295 -31.05 -12.64 33.97
C VAL C 295 -31.14 -11.20 34.45
N ASP C 296 -31.03 -11.02 35.75
CA ASP C 296 -30.91 -9.69 36.34
C ASP C 296 -29.43 -9.33 36.43
N ASP C 297 -29.11 -8.25 37.15
CA ASP C 297 -27.73 -7.79 37.24
C ASP C 297 -26.84 -8.75 38.03
N TYR C 298 -27.46 -9.66 38.79
CA TYR C 298 -26.72 -10.64 39.58
C TYR C 298 -26.73 -12.02 38.92
N MET C 299 -27.08 -12.04 37.63
CA MET C 299 -27.05 -13.26 36.83
C MET C 299 -28.06 -14.29 37.31
N ARG C 300 -29.13 -13.82 37.97
CA ARG C 300 -30.18 -14.70 38.46
C ARG C 300 -31.36 -14.75 37.49
N THR C 301 -31.82 -15.96 37.19
CA THR C 301 -33.00 -16.15 36.34
C THR C 301 -34.25 -15.78 37.13
N ASN C 302 -35.42 -16.04 36.55
CA ASN C 302 -36.67 -15.79 37.24
C ASN C 302 -36.87 -16.76 38.41
N VAL C 303 -36.04 -17.80 38.47
CA VAL C 303 -36.03 -18.74 39.59
C VAL C 303 -34.87 -18.37 40.51
N GLY C 304 -35.20 -18.08 41.76
CA GLY C 304 -34.28 -17.41 42.68
C GLY C 304 -32.94 -18.09 42.94
N HIS C 305 -32.93 -19.42 42.92
CA HIS C 305 -31.72 -20.17 43.24
C HIS C 305 -31.01 -20.69 41.99
N ILE C 306 -31.48 -20.26 40.81
CA ILE C 306 -30.84 -20.62 39.55
C ILE C 306 -30.28 -19.38 38.87
N TYR C 307 -29.00 -19.47 38.50
CA TYR C 307 -28.30 -18.38 37.86
C TYR C 307 -27.81 -18.83 36.49
N ALA C 308 -27.60 -17.87 35.60
CA ALA C 308 -27.13 -18.17 34.25
C ALA C 308 -26.08 -17.14 33.83
N ILE C 309 -24.92 -17.66 33.44
CA ILE C 309 -23.75 -16.84 33.18
C ILE C 309 -23.15 -17.17 31.82
N GLY C 310 -22.34 -16.27 31.31
CA GLY C 310 -21.64 -16.52 30.05
C GLY C 310 -22.54 -16.33 28.85
N ASP C 311 -22.13 -16.92 27.73
CA ASP C 311 -22.79 -16.72 26.46
C ASP C 311 -24.28 -17.10 26.45
N VAL C 312 -24.72 -17.94 27.38
CA VAL C 312 -26.08 -18.43 27.36
C VAL C 312 -27.11 -17.34 27.70
N ASN C 313 -26.66 -16.29 28.40
CA ASN C 313 -27.53 -15.16 28.69
C ASN C 313 -27.47 -14.11 27.57
N GLY C 314 -26.47 -14.24 26.70
CA GLY C 314 -26.41 -13.47 25.47
C GLY C 314 -25.98 -12.02 25.60
N LEU C 315 -25.59 -11.60 26.79
CA LEU C 315 -25.31 -10.18 27.03
C LEU C 315 -24.07 -9.69 26.27
N LEU C 316 -22.94 -10.35 26.47
CA LEU C 316 -21.74 -10.06 25.70
C LEU C 316 -20.90 -11.33 25.69
N GLN C 317 -20.83 -11.96 24.52
CA GLN C 317 -20.32 -13.32 24.43
C GLN C 317 -18.80 -13.38 24.29
N LEU C 318 -18.13 -13.05 25.40
CA LEU C 318 -16.67 -13.09 25.49
C LEU C 318 -16.29 -13.85 26.76
N ALA C 319 -15.10 -14.43 26.76
CA ALA C 319 -14.67 -15.27 27.87
C ALA C 319 -14.51 -14.52 29.17
N HIS C 320 -13.87 -13.35 29.13
CA HIS C 320 -13.61 -12.60 30.36
C HIS C 320 -14.91 -12.11 30.99
N VAL C 321 -15.91 -11.85 30.16
CA VAL C 321 -17.24 -11.49 30.66
C VAL C 321 -17.88 -12.70 31.34
N ALA C 322 -17.69 -13.87 30.75
CA ALA C 322 -18.21 -15.10 31.33
C ALA C 322 -17.62 -15.38 32.71
N GLU C 323 -16.30 -15.19 32.84
CA GLU C 323 -15.63 -15.35 34.13
C GLU C 323 -16.18 -14.37 35.17
N ALA C 324 -16.29 -13.11 34.78
CA ALA C 324 -16.73 -12.06 35.70
C ALA C 324 -18.14 -12.35 36.20
N GLN C 325 -19.02 -12.77 35.28
CA GLN C 325 -20.39 -13.13 35.63
C GLN C 325 -20.41 -14.35 36.54
N GLY C 326 -19.50 -15.28 36.32
CA GLY C 326 -19.39 -16.45 37.16
C GLY C 326 -19.12 -16.06 38.60
N VAL C 327 -18.17 -15.14 38.78
CA VAL C 327 -17.80 -14.67 40.11
C VAL C 327 -18.96 -13.95 40.78
N VAL C 328 -19.74 -13.20 40.01
CA VAL C 328 -20.87 -12.47 40.57
C VAL C 328 -21.92 -13.45 41.05
N ALA C 329 -22.20 -14.47 40.26
CA ALA C 329 -23.20 -15.47 40.61
C ALA C 329 -22.78 -16.23 41.87
N ALA C 330 -21.53 -16.67 41.91
CA ALA C 330 -21.02 -17.46 43.01
C ALA C 330 -21.03 -16.67 44.31
N GLU C 331 -20.55 -15.43 44.27
CA GLU C 331 -20.50 -14.58 45.45
C GLU C 331 -21.90 -14.27 45.96
N THR C 332 -22.83 -14.08 45.03
CA THR C 332 -24.23 -13.81 45.39
C THR C 332 -24.83 -15.01 46.10
N ILE C 333 -24.67 -16.19 45.51
CA ILE C 333 -25.16 -17.43 46.10
C ILE C 333 -24.64 -17.62 47.51
N ALA C 334 -23.36 -17.33 47.71
CA ALA C 334 -22.73 -17.52 49.01
C ALA C 334 -23.09 -16.41 50.00
N GLY C 335 -23.70 -15.34 49.51
CA GLY C 335 -24.09 -14.23 50.36
C GLY C 335 -22.92 -13.33 50.72
N ALA C 336 -21.81 -13.47 50.00
CA ALA C 336 -20.65 -12.63 50.20
C ALA C 336 -20.91 -11.24 49.60
N GLU C 337 -20.17 -10.24 50.08
CA GLU C 337 -20.32 -8.89 49.57
C GLU C 337 -19.78 -8.84 48.14
N THR C 338 -20.61 -8.37 47.21
CA THR C 338 -20.26 -8.39 45.79
C THR C 338 -20.67 -7.12 45.06
N LEU C 339 -20.36 -7.11 43.77
CA LEU C 339 -20.63 -5.96 42.90
C LEU C 339 -21.05 -6.48 41.53
N THR C 340 -22.10 -5.90 40.98
CA THR C 340 -22.51 -6.23 39.62
C THR C 340 -21.58 -5.54 38.64
N LEU C 341 -21.57 -5.99 37.39
CA LEU C 341 -20.58 -5.52 36.42
C LEU C 341 -20.97 -4.20 35.77
N GLY C 342 -22.19 -3.74 36.02
CA GLY C 342 -22.67 -2.50 35.45
C GLY C 342 -22.99 -2.65 33.97
N ASP C 343 -22.98 -1.52 33.26
CA ASP C 343 -23.29 -1.52 31.82
C ASP C 343 -22.24 -2.31 31.07
N HIS C 344 -22.68 -3.28 30.28
CA HIS C 344 -21.77 -4.18 29.57
C HIS C 344 -21.03 -3.51 28.41
N ARG C 345 -21.54 -2.37 27.95
CA ARG C 345 -20.88 -1.61 26.89
C ARG C 345 -19.52 -1.09 27.37
N MET C 346 -19.39 -0.88 28.67
CA MET C 346 -18.16 -0.34 29.24
C MET C 346 -17.08 -1.40 29.33
N LEU C 347 -17.48 -2.66 29.17
CA LEU C 347 -16.53 -3.76 29.26
C LEU C 347 -15.64 -3.79 28.02
N PRO C 348 -14.38 -4.19 28.19
CA PRO C 348 -13.43 -4.21 27.08
C PRO C 348 -13.64 -5.38 26.14
N ARG C 349 -13.13 -5.25 24.93
CA ARG C 349 -13.22 -6.29 23.91
C ARG C 349 -12.11 -6.03 22.91
N ALA C 350 -11.63 -7.07 22.26
CA ALA C 350 -10.52 -6.94 21.32
C ALA C 350 -10.55 -7.99 20.22
N THR C 351 -9.96 -7.63 19.09
CA THR C 351 -9.79 -8.53 17.96
C THR C 351 -8.30 -8.66 17.70
N PHE C 352 -7.79 -9.89 17.73
CA PHE C 352 -6.35 -10.13 17.82
C PHE C 352 -5.63 -10.39 16.49
N CYS C 353 -6.13 -9.81 15.41
CA CYS C 353 -5.35 -9.73 14.18
C CYS C 353 -4.16 -8.84 14.44
N GLN C 354 -3.32 -8.65 13.43
CA GLN C 354 -2.33 -7.59 13.44
C GLN C 354 -2.67 -6.61 12.33
N PRO C 355 -2.89 -5.32 12.67
CA PRO C 355 -2.89 -4.76 14.02
C PRO C 355 -4.09 -5.20 14.84
N ASN C 356 -3.90 -5.30 16.16
CA ASN C 356 -5.01 -5.56 17.06
C ASN C 356 -6.05 -4.46 16.95
N VAL C 357 -7.31 -4.81 17.23
CA VAL C 357 -8.34 -3.83 17.52
C VAL C 357 -8.71 -4.04 18.98
N ALA C 358 -8.83 -2.96 19.73
CA ALA C 358 -9.18 -3.04 21.14
C ALA C 358 -9.98 -1.80 21.53
N SER C 359 -11.06 -2.00 22.28
CA SER C 359 -11.97 -0.92 22.59
C SER C 359 -12.85 -1.19 23.80
N PHE C 360 -13.46 -0.12 24.32
CA PHE C 360 -14.50 -0.23 25.34
C PHE C 360 -15.37 1.01 25.27
N GLY C 361 -16.52 0.96 25.92
CA GLY C 361 -17.38 2.11 26.04
C GLY C 361 -17.98 2.58 24.73
N LEU C 362 -18.35 3.85 24.69
CA LEU C 362 -19.05 4.42 23.54
C LEU C 362 -18.11 4.89 22.43
N THR C 363 -18.56 4.74 21.19
CA THR C 363 -17.88 5.36 20.06
C THR C 363 -18.13 6.86 20.12
N GLU C 364 -17.35 7.62 19.35
CA GLU C 364 -17.56 9.06 19.25
C GLU C 364 -19.00 9.36 18.85
N GLN C 365 -19.46 8.75 17.77
CA GLN C 365 -20.80 9.03 17.25
C GLN C 365 -21.91 8.66 18.23
N GLN C 366 -21.80 7.49 18.85
CA GLN C 366 -22.78 7.05 19.84
C GLN C 366 -22.87 8.08 20.96
N ALA C 367 -21.72 8.61 21.34
CA ALA C 367 -21.64 9.58 22.42
C ALA C 367 -22.34 10.89 22.04
N ARG C 368 -22.14 11.36 20.81
CA ARG C 368 -22.78 12.60 20.38
C ARG C 368 -24.30 12.38 20.26
N ASN C 369 -24.70 11.18 19.85
CA ASN C 369 -26.11 10.87 19.67
C ASN C 369 -26.89 10.82 20.98
N GLU C 370 -26.19 10.58 22.09
CA GLU C 370 -26.84 10.42 23.39
C GLU C 370 -26.80 11.70 24.23
N GLY C 371 -26.43 12.81 23.60
CA GLY C 371 -26.56 14.11 24.22
C GLY C 371 -25.45 14.51 25.18
N TYR C 372 -24.30 13.85 25.08
CA TYR C 372 -23.14 14.26 25.87
C TYR C 372 -22.46 15.45 25.19
N ASP C 373 -21.75 16.24 25.99
CA ASP C 373 -20.79 17.20 25.45
C ASP C 373 -19.47 16.47 25.28
N VAL C 374 -19.08 16.25 24.03
CA VAL C 374 -18.03 15.29 23.70
C VAL C 374 -16.70 15.94 23.39
N VAL C 375 -15.65 15.45 24.04
CA VAL C 375 -14.28 15.77 23.68
C VAL C 375 -13.68 14.50 23.08
N VAL C 376 -12.89 14.67 22.03
CA VAL C 376 -12.20 13.55 21.39
C VAL C 376 -10.74 13.91 21.19
N ALA C 377 -9.86 12.96 21.51
CA ALA C 377 -8.42 13.11 21.31
C ALA C 377 -7.92 11.90 20.56
N LYS C 378 -7.14 12.15 19.51
CA LYS C 378 -6.66 11.08 18.63
C LYS C 378 -5.15 11.19 18.41
N PHE C 379 -4.43 10.11 18.71
CA PHE C 379 -2.97 10.08 18.57
C PHE C 379 -2.53 8.96 17.63
N PRO C 380 -1.82 9.29 16.53
CA PRO C 380 -1.35 8.23 15.63
C PRO C 380 -0.04 7.59 16.07
N PHE C 381 0.09 6.29 15.86
CA PHE C 381 1.30 5.58 16.28
C PHE C 381 2.52 5.95 15.45
N THR C 382 2.32 6.65 14.33
CA THR C 382 3.44 7.18 13.55
C THR C 382 4.25 8.19 14.35
N ALA C 383 3.63 8.75 15.38
CA ALA C 383 4.28 9.71 16.26
C ALA C 383 4.78 9.04 17.55
N ASN C 384 4.67 7.71 17.60
CA ASN C 384 5.11 6.96 18.77
C ASN C 384 6.42 6.24 18.50
N ALA C 385 7.35 6.36 19.45
CA ALA C 385 8.70 5.85 19.28
C ALA C 385 8.78 4.33 19.18
N LYS C 386 8.10 3.65 20.09
CA LYS C 386 8.13 2.19 20.14
C LYS C 386 7.60 1.56 18.87
N ALA C 387 6.56 2.19 18.30
CA ALA C 387 5.89 1.64 17.12
C ALA C 387 6.85 1.52 15.94
N HIS C 388 7.69 2.52 15.75
CA HIS C 388 8.65 2.51 14.65
C HIS C 388 9.72 1.44 14.87
N GLY C 389 10.24 1.38 16.10
CA GLY C 389 11.26 0.40 16.45
C GLY C 389 10.76 -1.02 16.28
N VAL C 390 9.48 -1.24 16.59
CA VAL C 390 8.88 -2.57 16.46
C VAL C 390 8.64 -2.90 14.99
N GLY C 391 8.42 -1.86 14.19
CA GLY C 391 8.25 -2.03 12.77
C GLY C 391 6.79 -2.01 12.34
N ASP C 392 5.92 -1.43 13.17
CA ASP C 392 4.52 -1.23 12.80
C ASP C 392 4.00 0.09 13.37
N PRO C 393 4.12 1.19 12.60
CA PRO C 393 3.61 2.49 13.02
C PRO C 393 2.18 2.78 12.56
N SER C 394 1.42 1.73 12.23
CA SER C 394 0.03 1.91 11.79
C SER C 394 -0.90 2.14 12.98
N GLY C 395 -2.05 2.74 12.70
CA GLY C 395 -3.12 2.84 13.68
C GLY C 395 -3.04 4.06 14.57
N PHE C 396 -3.80 4.02 15.67
CA PHE C 396 -3.96 5.18 16.54
C PHE C 396 -4.62 4.81 17.86
N VAL C 397 -4.65 5.78 18.76
CA VAL C 397 -5.45 5.70 19.97
C VAL C 397 -6.46 6.83 19.88
N LYS C 398 -7.73 6.50 20.08
CA LYS C 398 -8.81 7.48 20.04
C LYS C 398 -9.64 7.36 21.31
N LEU C 399 -9.64 8.42 22.12
CA LEU C 399 -10.40 8.46 23.36
C LEU C 399 -11.55 9.44 23.22
N VAL C 400 -12.69 9.11 23.83
CA VAL C 400 -13.84 10.00 23.85
C VAL C 400 -14.22 10.22 25.31
N ALA C 401 -14.45 11.49 25.67
CA ALA C 401 -14.67 11.86 27.06
C ALA C 401 -15.83 12.84 27.18
N ASP C 402 -16.46 12.85 28.36
CA ASP C 402 -17.49 13.82 28.69
C ASP C 402 -16.81 15.11 29.15
N ALA C 403 -17.14 16.21 28.49
CA ALA C 403 -16.45 17.47 28.72
C ALA C 403 -16.77 18.10 30.08
N LYS C 404 -17.89 17.73 30.68
CA LYS C 404 -18.31 18.32 31.95
C LYS C 404 -17.28 18.10 33.04
N HIS C 405 -16.83 16.85 33.17
CA HIS C 405 -15.89 16.48 34.23
C HIS C 405 -14.72 15.65 33.68
N GLY C 406 -14.60 15.61 32.35
CA GLY C 406 -13.46 14.96 31.71
C GLY C 406 -13.39 13.47 31.94
N GLU C 407 -14.53 12.83 32.17
CA GLU C 407 -14.59 11.40 32.40
C GLU C 407 -14.65 10.64 31.08
N LEU C 408 -14.08 9.43 31.06
CA LEU C 408 -14.01 8.63 29.85
C LEU C 408 -15.34 7.96 29.52
N LEU C 409 -15.81 8.16 28.29
CA LEU C 409 -17.02 7.51 27.80
C LEU C 409 -16.66 6.33 26.90
N GLY C 410 -15.43 6.33 26.38
CA GLY C 410 -14.95 5.23 25.56
C GLY C 410 -13.52 5.40 25.09
N GLY C 411 -12.97 4.32 24.53
CA GLY C 411 -11.61 4.32 24.01
C GLY C 411 -11.51 3.27 22.93
N HIS C 412 -10.77 3.57 21.87
CA HIS C 412 -10.76 2.73 20.68
C HIS C 412 -9.38 2.74 20.05
N LEU C 413 -8.70 1.59 20.12
CA LEU C 413 -7.31 1.48 19.71
C LEU C 413 -7.18 0.55 18.53
N VAL C 414 -6.19 0.84 17.69
CA VAL C 414 -5.78 -0.07 16.64
C VAL C 414 -4.28 0.09 16.43
N GLY C 415 -3.57 -1.03 16.39
CA GLY C 415 -2.12 -1.02 16.24
C GLY C 415 -1.50 -2.25 16.87
N HIS C 416 -0.17 -2.28 16.95
CA HIS C 416 0.56 -3.44 17.44
C HIS C 416 0.22 -3.79 18.89
N ASP C 417 -0.40 -4.95 19.08
CA ASP C 417 -0.74 -5.48 20.41
C ASP C 417 -1.41 -4.45 21.33
N VAL C 418 -2.30 -3.63 20.79
CA VAL C 418 -2.95 -2.59 21.59
C VAL C 418 -3.93 -3.14 22.63
N ALA C 419 -4.23 -4.43 22.56
CA ALA C 419 -5.20 -5.03 23.48
C ALA C 419 -4.68 -5.01 24.91
N GLU C 420 -3.35 -4.99 25.06
CA GLU C 420 -2.74 -4.96 26.38
C GLU C 420 -2.86 -3.58 27.05
N LEU C 421 -3.41 -2.61 26.33
CA LEU C 421 -3.42 -1.22 26.77
C LEU C 421 -4.71 -0.75 27.43
N LEU C 422 -5.75 -1.58 27.41
CA LEU C 422 -7.07 -1.18 27.91
C LEU C 422 -7.21 -1.04 29.44
N PRO C 423 -6.46 -1.83 30.24
CA PRO C 423 -6.72 -1.82 31.69
C PRO C 423 -6.72 -0.45 32.36
N GLU C 424 -5.80 0.44 31.99
CA GLU C 424 -5.74 1.78 32.57
C GLU C 424 -7.03 2.53 32.26
N LEU C 425 -7.54 2.31 31.06
CA LEU C 425 -8.71 3.04 30.58
C LEU C 425 -9.99 2.59 31.26
N THR C 426 -10.19 1.29 31.37
CA THR C 426 -11.40 0.77 32.02
C THR C 426 -11.35 1.06 33.51
N LEU C 427 -10.15 1.09 34.07
CA LEU C 427 -10.01 1.36 35.50
C LEU C 427 -10.40 2.80 35.81
N ALA C 428 -10.01 3.71 34.93
CA ALA C 428 -10.34 5.12 35.09
C ALA C 428 -11.85 5.33 34.97
N GLN C 429 -12.48 4.60 34.04
CA GLN C 429 -13.91 4.75 33.78
C GLN C 429 -14.74 4.34 34.99
N ARG C 430 -14.33 3.26 35.67
CA ARG C 430 -15.06 2.74 36.81
C ARG C 430 -14.93 3.62 38.05
N TRP C 431 -13.80 4.30 38.18
CA TRP C 431 -13.53 5.12 39.35
C TRP C 431 -13.53 6.61 39.01
N ASP C 432 -14.21 6.91 37.89
CA ASP C 432 -14.50 8.27 37.49
C ASP C 432 -13.29 9.20 37.57
N LEU C 433 -12.10 8.63 37.37
CA LEU C 433 -10.90 9.44 37.31
C LEU C 433 -10.96 10.28 36.04
N THR C 434 -10.57 11.54 36.15
CA THR C 434 -10.74 12.49 35.05
C THR C 434 -9.51 12.47 34.15
N ALA C 435 -9.65 13.10 32.98
CA ALA C 435 -8.57 13.17 32.01
C ALA C 435 -7.35 13.88 32.59
N SER C 436 -7.62 14.95 33.35
CA SER C 436 -6.56 15.74 33.96
C SER C 436 -5.74 14.89 34.93
N GLU C 437 -6.42 14.00 35.63
CA GLU C 437 -5.79 13.15 36.62
C GLU C 437 -4.96 12.05 35.97
N LEU C 438 -5.49 11.49 34.88
CA LEU C 438 -4.81 10.44 34.14
C LEU C 438 -3.57 10.97 33.45
N ALA C 439 -3.64 12.23 33.01
CA ALA C 439 -2.54 12.85 32.29
C ALA C 439 -1.26 12.87 33.12
N ARG C 440 -1.42 12.82 34.44
CA ARG C 440 -0.28 12.91 35.35
C ARG C 440 0.24 11.54 35.80
N ASN C 441 -0.33 10.48 35.24
CA ASN C 441 0.22 9.14 35.40
C ASN C 441 1.32 8.94 34.37
N VAL C 442 2.56 8.93 34.81
CA VAL C 442 3.71 8.88 33.90
C VAL C 442 3.85 7.49 33.29
N HIS C 443 4.03 7.44 31.97
CA HIS C 443 4.17 6.18 31.25
C HIS C 443 5.62 5.96 30.86
N THR C 444 6.10 4.73 31.05
CA THR C 444 7.46 4.35 30.70
C THR C 444 7.77 4.65 29.24
N HIS C 445 9.01 5.08 28.97
CA HIS C 445 9.48 5.29 27.61
C HIS C 445 10.49 4.21 27.23
N PRO C 446 10.44 3.71 25.98
CA PRO C 446 9.43 3.93 24.93
C PRO C 446 8.43 2.79 24.87
N THR C 447 7.14 3.11 24.98
CA THR C 447 6.09 2.09 24.92
C THR C 447 4.93 2.60 24.08
N MET C 448 4.13 1.66 23.57
CA MET C 448 2.88 2.00 22.90
C MET C 448 2.00 2.77 23.87
N SER C 449 2.08 2.40 25.15
CA SER C 449 1.22 2.98 26.19
C SER C 449 1.35 4.50 26.30
N GLU C 450 2.44 5.04 25.78
CA GLU C 450 2.66 6.49 25.78
C GLU C 450 1.59 7.24 24.99
N ALA C 451 1.02 6.58 23.99
CA ALA C 451 -0.03 7.17 23.18
C ALA C 451 -1.23 7.51 24.06
N LEU C 452 -1.54 6.64 25.02
CA LEU C 452 -2.64 6.89 25.96
C LEU C 452 -2.42 8.20 26.68
N GLN C 453 -1.20 8.39 27.17
CA GLN C 453 -0.83 9.57 27.94
C GLN C 453 -1.02 10.82 27.09
N GLU C 454 -0.54 10.77 25.85
CA GLU C 454 -0.69 11.89 24.92
C GLU C 454 -2.17 12.19 24.71
N CYS C 455 -2.99 11.15 24.60
CA CYS C 455 -4.43 11.33 24.42
C CYS C 455 -5.06 12.00 25.63
N PHE C 456 -4.59 11.66 26.83
CA PHE C 456 -5.09 12.30 28.05
C PHE C 456 -4.80 13.80 28.01
N HIS C 457 -3.58 14.17 27.61
CA HIS C 457 -3.22 15.57 27.50
C HIS C 457 -4.10 16.28 26.48
N GLY C 458 -4.39 15.60 25.38
CA GLY C 458 -5.21 16.17 24.32
C GLY C 458 -6.65 16.41 24.75
N LEU C 459 -7.12 15.59 25.69
CA LEU C 459 -8.47 15.74 26.22
C LEU C 459 -8.59 16.99 27.08
N VAL C 460 -7.57 17.27 27.86
CA VAL C 460 -7.58 18.41 28.78
C VAL C 460 -7.19 19.70 28.05
N GLY C 461 -6.10 19.64 27.27
CA GLY C 461 -5.62 20.80 26.56
C GLY C 461 -4.92 20.44 25.26
N HIS C 462 -3.59 20.48 25.28
CA HIS C 462 -2.79 20.20 24.08
C HIS C 462 -1.86 19.02 24.27
N MET C 463 -1.87 18.14 23.27
CA MET C 463 -0.87 17.08 23.16
C MET C 463 0.52 17.71 23.08
N ILE C 464 1.52 16.98 23.56
CA ILE C 464 2.90 17.43 23.50
C ILE C 464 3.58 16.90 22.24
N ASN C 465 3.56 15.58 22.07
CA ASN C 465 4.35 14.93 21.03
C ASN C 465 3.62 14.80 19.70
N PHE C 466 2.42 15.36 19.62
CA PHE C 466 1.69 15.44 18.35
C PHE C 466 0.88 16.73 18.31
N SER D 2 12.67 44.65 1.95
CA SER D 2 11.32 44.10 2.05
C SER D 2 11.33 42.69 2.64
N MET D 3 10.62 42.52 3.74
CA MET D 3 10.55 41.20 4.45
C MET D 3 9.23 40.49 4.19
N THR D 4 9.27 39.16 4.14
CA THR D 4 8.05 38.36 4.07
C THR D 4 8.33 36.93 4.53
N HIS D 5 7.27 36.19 4.82
CA HIS D 5 7.38 34.85 5.42
C HIS D 5 6.36 33.89 4.82
N TYR D 6 6.74 32.62 4.71
CA TYR D 6 5.88 31.58 4.16
C TYR D 6 6.13 30.24 4.84
N ASP D 7 5.11 29.40 4.92
CA ASP D 7 5.25 28.05 5.47
C ASP D 7 6.20 27.23 4.61
N VAL D 8 6.08 27.42 3.29
CA VAL D 8 6.94 26.73 2.33
C VAL D 8 7.40 27.69 1.24
N VAL D 9 8.70 27.67 0.96
CA VAL D 9 9.23 28.40 -0.20
C VAL D 9 9.93 27.41 -1.12
N VAL D 10 9.45 27.35 -2.35
CA VAL D 10 10.05 26.47 -3.36
C VAL D 10 11.08 27.27 -4.16
N LEU D 11 12.22 26.66 -4.41
CA LEU D 11 13.29 27.30 -5.17
C LEU D 11 13.40 26.64 -6.55
N GLY D 12 12.89 27.35 -7.56
CA GLY D 12 12.82 26.83 -8.91
C GLY D 12 11.40 26.46 -9.28
N ALA D 13 11.03 26.66 -10.54
CA ALA D 13 9.66 26.43 -10.99
C ALA D 13 9.59 25.53 -12.22
N GLY D 14 10.47 24.52 -12.25
CA GLY D 14 10.33 23.44 -13.21
C GLY D 14 9.23 22.50 -12.72
N PRO D 15 9.09 21.34 -13.38
CA PRO D 15 8.08 20.34 -12.99
C PRO D 15 8.10 20.00 -11.51
N GLY D 16 9.29 19.85 -10.93
CA GLY D 16 9.42 19.51 -9.54
C GLY D 16 8.90 20.62 -8.66
N GLY D 17 9.40 21.83 -8.91
CA GLY D 17 9.05 22.99 -8.11
C GLY D 17 7.57 23.36 -8.15
N TYR D 18 7.01 23.52 -9.34
CA TYR D 18 5.65 24.05 -9.45
C TYR D 18 4.61 23.03 -8.98
N VAL D 19 4.91 21.75 -9.14
CA VAL D 19 4.02 20.69 -8.65
C VAL D 19 4.11 20.57 -7.12
N ALA D 20 5.31 20.69 -6.58
CA ALA D 20 5.51 20.69 -5.14
C ALA D 20 4.70 21.82 -4.50
N ALA D 21 4.77 23.00 -5.10
CA ALA D 21 4.06 24.17 -4.59
C ALA D 21 2.55 23.95 -4.63
N ILE D 22 2.06 23.34 -5.70
CA ILE D 22 0.63 23.03 -5.82
C ILE D 22 0.21 22.08 -4.71
N ARG D 23 0.94 20.98 -4.56
CA ARG D 23 0.59 19.97 -3.56
C ARG D 23 0.64 20.56 -2.16
N ALA D 24 1.60 21.46 -1.93
CA ALA D 24 1.73 22.13 -0.64
C ALA D 24 0.55 23.04 -0.37
N ALA D 25 0.12 23.76 -1.41
CA ALA D 25 -1.03 24.66 -1.32
C ALA D 25 -2.30 23.88 -1.01
N GLN D 26 -2.48 22.76 -1.70
CA GLN D 26 -3.64 21.90 -1.52
C GLN D 26 -3.72 21.40 -0.08
N LEU D 27 -2.57 21.32 0.58
CA LEU D 27 -2.48 20.78 1.92
C LEU D 27 -2.54 21.87 2.99
N GLY D 28 -2.84 23.10 2.56
CA GLY D 28 -3.13 24.19 3.48
C GLY D 28 -1.95 25.11 3.77
N LEU D 29 -0.75 24.66 3.44
CA LEU D 29 0.45 25.45 3.68
C LEU D 29 0.49 26.70 2.80
N SER D 30 0.80 27.85 3.40
CA SER D 30 1.02 29.07 2.65
C SER D 30 2.32 28.89 1.87
N THR D 31 2.29 29.21 0.58
CA THR D 31 3.36 28.81 -0.33
C THR D 31 3.84 29.93 -1.25
N ALA D 32 5.15 30.02 -1.39
CA ALA D 32 5.78 30.92 -2.36
C ALA D 32 6.70 30.10 -3.26
N ILE D 33 6.91 30.58 -4.48
CA ILE D 33 7.78 29.90 -5.44
C ILE D 33 8.67 30.93 -6.14
N VAL D 34 9.97 30.67 -6.13
CA VAL D 34 10.96 31.64 -6.65
C VAL D 34 11.56 31.14 -7.97
N GLU D 35 11.46 31.97 -9.02
CA GLU D 35 12.00 31.62 -10.33
C GLU D 35 12.37 32.89 -11.11
N PRO D 36 13.59 32.96 -11.67
CA PRO D 36 14.02 34.15 -12.43
C PRO D 36 13.77 34.13 -13.95
N LYS D 37 13.77 32.95 -14.59
CA LYS D 37 13.74 32.89 -16.06
C LYS D 37 12.67 31.97 -16.63
N TYR D 38 12.66 30.72 -16.17
CA TYR D 38 11.85 29.67 -16.79
C TYR D 38 10.75 29.17 -15.87
N TRP D 39 9.54 29.68 -16.08
CA TRP D 39 8.36 29.13 -15.46
C TRP D 39 7.98 27.89 -16.24
N GLY D 40 7.97 26.75 -15.57
CA GLY D 40 7.91 25.46 -16.24
C GLY D 40 9.31 24.91 -16.43
N GLY D 41 10.30 25.68 -16.03
CA GLY D 41 11.69 25.24 -16.04
C GLY D 41 12.17 24.81 -17.42
N VAL D 42 13.23 24.01 -17.44
CA VAL D 42 13.79 23.51 -18.69
C VAL D 42 12.76 22.74 -19.49
N CYS D 43 12.03 21.85 -18.81
CA CYS D 43 11.08 20.96 -19.46
C CYS D 43 10.09 21.71 -20.36
N LEU D 44 9.35 22.66 -19.79
CA LEU D 44 8.29 23.34 -20.52
C LEU D 44 8.79 24.38 -21.52
N ASN D 45 9.92 25.01 -21.22
CA ASN D 45 10.43 26.11 -22.04
C ASN D 45 11.35 25.67 -23.18
N VAL D 46 12.32 24.81 -22.87
CA VAL D 46 13.35 24.43 -23.83
C VAL D 46 13.70 22.94 -23.79
N GLY D 47 12.83 22.14 -23.15
CA GLY D 47 13.08 20.72 -22.96
C GLY D 47 12.01 19.81 -23.55
N CYS D 48 11.43 18.97 -22.70
CA CYS D 48 10.46 17.95 -23.12
C CYS D 48 9.39 18.47 -24.08
N ILE D 49 8.73 19.56 -23.68
CA ILE D 49 7.53 20.03 -24.37
C ILE D 49 7.82 20.43 -25.83
N PRO D 50 8.67 21.44 -26.04
CA PRO D 50 8.92 21.84 -27.43
C PRO D 50 9.56 20.73 -28.25
N SER D 51 10.40 19.93 -27.62
CA SER D 51 11.11 18.88 -28.34
C SER D 51 10.15 17.81 -28.85
N LYS D 52 9.07 17.57 -28.10
CA LYS D 52 8.07 16.59 -28.53
C LYS D 52 7.32 17.11 -29.75
N ALA D 53 7.08 18.42 -29.80
CA ALA D 53 6.45 19.03 -30.96
C ALA D 53 7.35 18.88 -32.18
N LEU D 54 8.63 19.15 -31.99
CA LEU D 54 9.59 19.04 -33.09
C LEU D 54 9.67 17.61 -33.61
N LEU D 55 9.61 16.64 -32.70
CA LEU D 55 9.65 15.22 -33.09
C LEU D 55 8.39 14.83 -33.86
N ARG D 56 7.25 15.42 -33.50
CA ARG D 56 6.01 15.16 -34.22
C ARG D 56 6.16 15.64 -35.65
N ASN D 57 6.66 16.86 -35.80
CA ASN D 57 6.93 17.43 -37.11
C ASN D 57 7.87 16.54 -37.92
N ALA D 58 8.96 16.10 -37.29
CA ALA D 58 9.94 15.24 -37.96
C ALA D 58 9.33 13.90 -38.36
N GLU D 59 8.40 13.40 -37.56
CA GLU D 59 7.71 12.15 -37.86
C GLU D 59 6.89 12.31 -39.15
N LEU D 60 6.22 13.45 -39.26
CA LEU D 60 5.40 13.72 -40.43
C LEU D 60 6.23 13.95 -41.68
N VAL D 61 7.43 14.50 -41.52
CA VAL D 61 8.34 14.68 -42.66
C VAL D 61 8.65 13.33 -43.25
N HIS D 62 9.04 12.39 -42.39
CA HIS D 62 9.41 11.05 -42.80
C HIS D 62 8.27 10.37 -43.57
N ILE D 63 7.04 10.49 -43.05
CA ILE D 63 5.89 9.83 -43.66
C ILE D 63 5.55 10.45 -45.02
N PHE D 64 5.54 11.77 -45.10
CA PHE D 64 5.08 12.46 -46.30
C PHE D 64 6.11 12.50 -47.43
N THR D 65 7.33 12.03 -47.14
CA THR D 65 8.37 11.94 -48.16
C THR D 65 8.80 10.50 -48.40
N LYS D 66 9.32 9.86 -47.36
CA LYS D 66 9.90 8.52 -47.50
C LYS D 66 8.86 7.40 -47.62
N ASP D 67 7.67 7.62 -47.07
CA ASP D 67 6.59 6.62 -47.13
C ASP D 67 5.44 7.08 -48.03
N ALA D 68 5.67 8.16 -48.77
CA ALA D 68 4.65 8.76 -49.62
C ALA D 68 3.97 7.73 -50.54
N LYS D 69 4.78 6.95 -51.25
CA LYS D 69 4.26 6.02 -52.24
C LYS D 69 3.45 4.90 -51.61
N ALA D 70 3.90 4.42 -50.45
CA ALA D 70 3.19 3.37 -49.75
C ALA D 70 1.79 3.83 -49.36
N PHE D 71 1.67 5.09 -48.95
CA PHE D 71 0.40 5.66 -48.54
C PHE D 71 -0.35 6.34 -49.69
N GLY D 72 0.13 6.18 -50.91
CA GLY D 72 -0.53 6.75 -52.08
C GLY D 72 -0.52 8.28 -52.09
N ILE D 73 0.52 8.85 -51.50
CA ILE D 73 0.67 10.30 -51.43
C ILE D 73 1.47 10.81 -52.64
N SER D 74 0.88 11.74 -53.37
CA SER D 74 1.52 12.29 -54.58
C SER D 74 1.57 13.82 -54.53
N GLY D 75 2.42 14.39 -55.37
CA GLY D 75 2.63 15.82 -55.42
C GLY D 75 4.00 16.18 -54.87
N GLU D 76 4.47 17.37 -55.22
CA GLU D 76 5.74 17.88 -54.70
C GLU D 76 5.45 18.55 -53.36
N VAL D 77 6.10 18.05 -52.31
CA VAL D 77 5.86 18.55 -50.96
C VAL D 77 7.16 18.73 -50.19
N THR D 78 7.26 19.87 -49.49
CA THR D 78 8.40 20.16 -48.65
C THR D 78 7.93 20.65 -47.29
N PHE D 79 8.78 20.50 -46.29
CA PHE D 79 8.49 20.96 -44.94
C PHE D 79 9.48 22.07 -44.57
N ASP D 80 8.95 23.15 -44.01
CA ASP D 80 9.77 24.26 -43.55
C ASP D 80 10.04 24.12 -42.06
N TYR D 81 11.29 23.83 -41.72
CA TYR D 81 11.69 23.68 -40.33
C TYR D 81 11.36 24.94 -39.53
N GLY D 82 11.41 26.08 -40.20
CA GLY D 82 11.11 27.35 -39.57
C GLY D 82 9.73 27.34 -38.92
N ILE D 83 8.79 26.64 -39.53
CA ILE D 83 7.43 26.56 -39.00
C ILE D 83 7.35 25.54 -37.87
N ALA D 84 8.14 24.47 -37.98
CA ALA D 84 8.23 23.49 -36.91
C ALA D 84 8.77 24.18 -35.66
N TYR D 85 9.79 25.02 -35.86
CA TYR D 85 10.34 25.81 -34.75
C TYR D 85 9.26 26.72 -34.15
N ASP D 86 8.56 27.45 -35.01
CA ASP D 86 7.56 28.41 -34.55
C ASP D 86 6.43 27.75 -33.77
N ARG D 87 6.01 26.55 -34.19
CA ARG D 87 4.93 25.86 -33.50
C ARG D 87 5.40 25.37 -32.13
N SER D 88 6.64 24.91 -32.07
CA SER D 88 7.22 24.44 -30.82
C SER D 88 7.25 25.57 -29.79
N ARG D 89 7.45 26.80 -30.26
CA ARG D 89 7.47 27.95 -29.35
C ARG D 89 6.07 28.28 -28.84
N LYS D 90 5.07 28.16 -29.71
CA LYS D 90 3.69 28.42 -29.31
C LYS D 90 3.25 27.38 -28.28
N VAL D 91 3.56 26.12 -28.55
CA VAL D 91 3.27 25.03 -27.64
C VAL D 91 3.94 25.25 -26.29
N ALA D 92 5.19 25.69 -26.30
CA ALA D 92 5.92 25.98 -25.07
C ALA D 92 5.28 27.13 -24.29
N GLU D 93 5.02 28.25 -24.96
CA GLU D 93 4.45 29.41 -24.28
C GLU D 93 3.04 29.10 -23.74
N GLY D 94 2.32 28.24 -24.44
CA GLY D 94 1.00 27.82 -23.98
C GLY D 94 1.05 27.09 -22.65
N ARG D 95 2.02 26.17 -22.52
CA ARG D 95 2.19 25.42 -21.28
C ARG D 95 2.75 26.31 -20.17
N VAL D 96 3.67 27.21 -20.51
CA VAL D 96 4.24 28.14 -19.54
C VAL D 96 3.11 29.00 -18.97
N ALA D 97 2.18 29.36 -19.84
CA ALA D 97 1.02 30.16 -19.43
C ALA D 97 0.18 29.34 -18.46
N GLY D 98 0.04 28.06 -18.74
CA GLY D 98 -0.74 27.16 -17.89
C GLY D 98 -0.19 27.12 -16.49
N VAL D 99 1.13 27.19 -16.36
CA VAL D 99 1.78 27.16 -15.07
C VAL D 99 1.36 28.37 -14.23
N HIS D 100 1.31 29.54 -14.86
CA HIS D 100 0.92 30.74 -14.15
C HIS D 100 -0.52 30.65 -13.64
N PHE D 101 -1.40 30.08 -14.46
CA PHE D 101 -2.79 29.90 -14.06
C PHE D 101 -2.89 28.97 -12.86
N LEU D 102 -2.15 27.87 -12.90
CA LEU D 102 -2.16 26.91 -11.80
C LEU D 102 -1.65 27.53 -10.50
N MET D 103 -0.63 28.39 -10.60
CA MET D 103 -0.15 29.13 -9.44
C MET D 103 -1.28 30.00 -8.89
N LYS D 104 -1.99 30.66 -9.78
CA LYS D 104 -3.04 31.61 -9.41
C LYS D 104 -4.25 30.92 -8.78
N LYS D 105 -4.57 29.74 -9.30
CA LYS D 105 -5.66 28.94 -8.77
C LYS D 105 -5.38 28.45 -7.35
N ASN D 106 -4.13 28.07 -7.11
CA ASN D 106 -3.73 27.50 -5.82
C ASN D 106 -3.23 28.55 -4.84
N LYS D 107 -3.36 29.82 -5.21
CA LYS D 107 -2.96 30.94 -4.35
C LYS D 107 -1.49 30.85 -3.96
N ILE D 108 -0.64 30.56 -4.94
CA ILE D 108 0.79 30.49 -4.72
C ILE D 108 1.40 31.83 -5.12
N THR D 109 2.24 32.37 -4.24
CA THR D 109 2.89 33.65 -4.49
C THR D 109 4.13 33.44 -5.36
N GLU D 110 4.12 34.00 -6.56
CA GLU D 110 5.27 33.96 -7.44
C GLU D 110 6.25 35.06 -7.05
N ILE D 111 7.49 34.68 -6.74
CA ILE D 111 8.56 35.64 -6.55
C ILE D 111 9.47 35.58 -7.79
N HIS D 112 9.57 36.70 -8.49
CA HIS D 112 10.34 36.76 -9.73
C HIS D 112 11.76 37.24 -9.46
N GLY D 113 12.67 36.29 -9.27
CA GLY D 113 14.07 36.59 -9.03
C GLY D 113 14.88 35.36 -8.72
N TYR D 114 16.15 35.57 -8.36
CA TYR D 114 17.08 34.48 -8.09
C TYR D 114 17.38 34.43 -6.59
N GLY D 115 17.10 33.28 -5.98
CA GLY D 115 17.22 33.15 -4.53
C GLY D 115 18.54 32.57 -4.07
N THR D 116 19.09 33.17 -3.01
CA THR D 116 20.29 32.68 -2.37
C THR D 116 20.02 32.51 -0.88
N PHE D 117 20.44 31.38 -0.32
CA PHE D 117 20.30 31.14 1.11
C PHE D 117 21.27 32.03 1.90
N ALA D 118 20.80 32.56 3.02
CA ALA D 118 21.66 33.31 3.94
C ALA D 118 21.87 32.50 5.22
N ASP D 119 20.90 31.65 5.53
CA ASP D 119 21.01 30.70 6.63
C ASP D 119 20.03 29.57 6.39
N ALA D 120 19.77 28.77 7.43
CA ALA D 120 18.91 27.59 7.28
C ALA D 120 17.42 27.92 7.21
N ASN D 121 17.07 29.17 7.51
CA ASN D 121 15.67 29.59 7.54
C ASN D 121 15.40 30.91 6.80
N THR D 122 16.37 31.37 6.04
CA THR D 122 16.28 32.67 5.38
C THR D 122 16.83 32.62 3.96
N LEU D 123 16.13 33.27 3.05
CA LEU D 123 16.46 33.25 1.62
C LEU D 123 16.46 34.68 1.08
N LEU D 124 17.54 35.07 0.42
CA LEU D 124 17.66 36.39 -0.18
C LEU D 124 17.41 36.32 -1.67
N VAL D 125 16.54 37.19 -2.17
CA VAL D 125 16.10 37.14 -3.56
C VAL D 125 16.47 38.43 -4.28
N ASP D 126 17.30 38.31 -5.32
CA ASP D 126 17.55 39.41 -6.25
C ASP D 126 16.41 39.46 -7.26
N LEU D 127 15.53 40.45 -7.11
CA LEU D 127 14.35 40.55 -7.96
C LEU D 127 14.68 41.07 -9.34
N ASN D 128 13.95 40.59 -10.34
CA ASN D 128 14.18 40.97 -11.73
C ASN D 128 13.91 42.44 -12.00
N ASP D 129 12.97 43.03 -11.27
CA ASP D 129 12.63 44.44 -11.46
C ASP D 129 13.78 45.36 -11.03
N GLY D 130 14.76 44.79 -10.33
CA GLY D 130 15.93 45.51 -9.89
C GLY D 130 16.13 45.44 -8.39
N GLY D 131 15.02 45.33 -7.65
CA GLY D 131 15.06 45.35 -6.21
C GLY D 131 15.51 44.04 -5.60
N THR D 132 15.26 43.90 -4.30
CA THR D 132 15.55 42.68 -3.56
C THR D 132 14.49 42.49 -2.50
N GLU D 133 14.44 41.30 -1.91
CA GLU D 133 13.60 41.08 -0.74
C GLU D 133 14.05 39.81 -0.03
N SER D 134 13.97 39.83 1.30
CA SER D 134 14.33 38.67 2.10
C SER D 134 13.08 37.84 2.39
N VAL D 135 13.23 36.53 2.31
CA VAL D 135 12.13 35.61 2.57
C VAL D 135 12.57 34.61 3.63
N THR D 136 11.77 34.48 4.68
CA THR D 136 12.05 33.56 5.77
C THR D 136 11.04 32.42 5.67
N PHE D 137 11.39 31.25 6.16
CA PHE D 137 10.55 30.07 5.98
C PHE D 137 10.72 29.01 7.06
N ASP D 138 9.76 28.10 7.07
CA ASP D 138 9.81 26.96 7.98
C ASP D 138 10.29 25.73 7.23
N ASN D 139 9.81 25.57 5.99
CA ASN D 139 10.30 24.53 5.09
C ASN D 139 10.72 25.13 3.76
N ALA D 140 11.83 24.63 3.22
CA ALA D 140 12.27 25.01 1.87
C ALA D 140 12.31 23.77 0.99
N ILE D 141 11.89 23.91 -0.25
CA ILE D 141 12.05 22.85 -1.25
C ILE D 141 12.95 23.33 -2.36
N ILE D 142 14.15 22.75 -2.43
CA ILE D 142 15.09 23.05 -3.49
C ILE D 142 14.74 22.23 -4.73
N ALA D 143 14.52 22.93 -5.84
CA ALA D 143 14.19 22.29 -7.11
C ALA D 143 14.87 23.08 -8.20
N THR D 144 16.17 23.26 -8.06
CA THR D 144 16.94 24.17 -8.89
C THR D 144 17.45 23.54 -10.19
N GLY D 145 17.07 22.28 -10.43
CA GLY D 145 17.39 21.61 -11.67
C GLY D 145 18.86 21.34 -11.88
N SER D 146 19.24 21.13 -13.14
CA SER D 146 20.61 20.80 -13.51
C SER D 146 21.04 21.59 -14.74
N SER D 147 22.31 21.44 -15.11
CA SER D 147 22.87 22.10 -16.29
C SER D 147 23.67 21.08 -17.09
N THR D 148 23.86 21.36 -18.38
CA THR D 148 24.60 20.48 -19.26
C THR D 148 26.04 20.28 -18.76
N ARG D 149 26.48 19.03 -18.79
CA ARG D 149 27.84 18.67 -18.47
C ARG D 149 28.62 18.57 -19.78
N LEU D 150 29.72 19.30 -19.88
CA LEU D 150 30.51 19.32 -21.10
C LEU D 150 31.54 18.18 -21.10
N VAL D 151 31.84 17.66 -22.28
CA VAL D 151 32.94 16.73 -22.46
C VAL D 151 34.18 17.35 -21.82
N PRO D 152 34.93 16.58 -21.00
CA PRO D 152 36.02 17.23 -20.26
C PRO D 152 37.05 17.93 -21.16
N GLY D 153 37.44 19.13 -20.75
CA GLY D 153 38.43 19.91 -21.48
C GLY D 153 37.85 20.64 -22.69
N THR D 154 36.53 20.74 -22.77
CA THR D 154 35.87 21.39 -23.91
C THR D 154 35.07 22.62 -23.49
N SER D 155 34.66 23.39 -24.49
CA SER D 155 34.10 24.71 -24.27
C SER D 155 32.89 24.96 -25.16
N LEU D 156 31.92 25.72 -24.64
CA LEU D 156 30.83 26.22 -25.46
C LEU D 156 31.36 27.38 -26.30
N SER D 157 30.88 27.48 -27.53
CA SER D 157 31.28 28.55 -28.43
C SER D 157 30.15 28.87 -29.40
N ALA D 158 30.49 29.52 -30.50
CA ALA D 158 29.49 29.92 -31.49
C ALA D 158 28.84 28.69 -32.12
N ASN D 159 29.66 27.70 -32.46
CA ASN D 159 29.20 26.49 -33.14
C ASN D 159 29.30 25.25 -32.27
N VAL D 160 29.48 25.46 -30.96
CA VAL D 160 29.47 24.36 -30.00
C VAL D 160 28.43 24.69 -28.94
N VAL D 161 27.33 23.97 -28.97
CA VAL D 161 26.13 24.36 -28.23
C VAL D 161 25.66 23.28 -27.28
N THR D 162 24.73 23.66 -26.42
CA THR D 162 23.96 22.72 -25.62
C THR D 162 22.58 22.63 -26.25
N TYR D 163 21.70 21.84 -25.65
CA TYR D 163 20.34 21.69 -26.15
C TYR D 163 19.63 23.04 -26.25
N GLU D 164 20.03 23.97 -25.39
CA GLU D 164 19.30 25.23 -25.24
C GLU D 164 19.42 26.14 -26.47
N GLU D 165 20.64 26.32 -26.95
CA GLU D 165 20.84 27.14 -28.15
C GLU D 165 20.30 26.38 -29.35
N GLN D 166 20.44 25.06 -29.33
CA GLN D 166 20.06 24.24 -30.47
C GLN D 166 18.55 24.24 -30.69
N ILE D 167 17.79 24.04 -29.62
CA ILE D 167 16.34 23.94 -29.75
C ILE D 167 15.71 25.31 -30.02
N LEU D 168 16.46 26.38 -29.76
CA LEU D 168 15.98 27.75 -30.01
C LEU D 168 16.48 28.31 -31.35
N SER D 169 17.13 27.46 -32.16
CA SER D 169 17.57 27.86 -33.49
C SER D 169 16.43 27.68 -34.50
N ARG D 170 16.11 28.74 -35.24
CA ARG D 170 15.09 28.64 -36.28
C ARG D 170 15.66 28.08 -37.57
N GLU D 171 16.94 28.33 -37.82
CA GLU D 171 17.60 27.83 -39.03
C GLU D 171 18.39 26.57 -38.73
N LEU D 172 18.59 25.74 -39.75
CA LEU D 172 19.30 24.48 -39.60
C LEU D 172 20.71 24.55 -40.16
N PRO D 173 21.65 23.79 -39.56
CA PRO D 173 23.01 23.68 -40.10
C PRO D 173 23.12 22.56 -41.12
N LYS D 174 24.13 22.62 -41.98
CA LYS D 174 24.33 21.60 -43.00
C LYS D 174 24.71 20.27 -42.36
N SER D 175 25.50 20.35 -41.31
CA SER D 175 26.04 19.17 -40.65
C SER D 175 26.11 19.39 -39.15
N ILE D 176 26.05 18.29 -38.39
CA ILE D 176 26.15 18.36 -36.94
C ILE D 176 26.78 17.10 -36.39
N ILE D 177 27.58 17.26 -35.33
CA ILE D 177 28.10 16.13 -34.57
C ILE D 177 27.51 16.20 -33.16
N ILE D 178 26.88 15.12 -32.73
CA ILE D 178 26.26 15.07 -31.41
C ILE D 178 27.08 14.17 -30.49
N ALA D 179 27.46 14.72 -29.34
CA ALA D 179 28.23 13.98 -28.34
C ALA D 179 27.30 13.41 -27.29
N GLY D 180 27.13 12.09 -27.30
CA GLY D 180 26.26 11.40 -26.38
C GLY D 180 25.08 10.77 -27.09
N ALA D 181 24.87 9.48 -26.84
CA ALA D 181 23.74 8.75 -27.40
C ALA D 181 22.73 8.40 -26.32
N GLY D 182 22.35 9.41 -25.54
CA GLY D 182 21.24 9.29 -24.60
C GLY D 182 19.97 9.77 -25.26
N ALA D 183 18.89 9.86 -24.48
CA ALA D 183 17.58 10.24 -25.01
C ALA D 183 17.61 11.57 -25.76
N ILE D 184 18.27 12.57 -25.20
CA ILE D 184 18.27 13.91 -25.81
C ILE D 184 19.05 13.92 -27.12
N GLY D 185 20.20 13.24 -27.13
CA GLY D 185 21.02 13.15 -28.33
C GLY D 185 20.30 12.44 -29.46
N MET D 186 19.71 11.29 -29.16
CA MET D 186 19.01 10.49 -30.15
C MET D 186 17.81 11.25 -30.72
N GLU D 187 17.15 12.02 -29.86
CA GLU D 187 15.97 12.78 -30.26
C GLU D 187 16.34 13.96 -31.17
N PHE D 188 17.40 14.68 -30.83
CA PHE D 188 17.89 15.73 -31.72
C PHE D 188 18.42 15.10 -33.02
N GLY D 189 19.07 13.95 -32.90
CA GLY D 189 19.53 13.21 -34.05
C GLY D 189 18.41 12.91 -35.03
N TYR D 190 17.27 12.46 -34.48
CA TYR D 190 16.12 12.07 -35.29
C TYR D 190 15.43 13.25 -35.95
N VAL D 191 15.24 14.34 -35.21
CA VAL D 191 14.61 15.55 -35.76
C VAL D 191 15.46 16.13 -36.89
N LEU D 192 16.74 16.30 -36.63
CA LEU D 192 17.62 17.01 -37.56
C LEU D 192 17.88 16.20 -38.83
N LYS D 193 18.03 14.88 -38.69
CA LYS D 193 18.24 14.04 -39.86
C LYS D 193 17.03 14.03 -40.78
N ASN D 194 15.84 13.98 -40.21
CA ASN D 194 14.62 13.99 -41.01
C ASN D 194 14.45 15.31 -41.77
N TYR D 195 15.04 16.37 -41.22
CA TYR D 195 15.00 17.68 -41.87
C TYR D 195 16.22 17.92 -42.76
N GLY D 196 16.99 16.87 -43.01
CA GLY D 196 18.00 16.88 -44.06
C GLY D 196 19.42 17.19 -43.63
N VAL D 197 19.62 17.53 -42.36
CA VAL D 197 20.96 17.69 -41.82
C VAL D 197 21.63 16.32 -41.86
N ASP D 198 22.93 16.28 -42.15
CA ASP D 198 23.69 15.03 -42.00
C ASP D 198 24.22 14.98 -40.57
N VAL D 199 23.95 13.86 -39.91
CA VAL D 199 24.12 13.75 -38.47
C VAL D 199 25.09 12.63 -38.11
N THR D 200 26.00 12.93 -37.20
CA THR D 200 26.88 11.93 -36.63
C THR D 200 26.72 11.96 -35.11
N ILE D 201 26.58 10.77 -34.52
CA ILE D 201 26.43 10.66 -33.08
C ILE D 201 27.58 9.84 -32.49
N VAL D 202 28.18 10.39 -31.43
CA VAL D 202 29.38 9.84 -30.84
C VAL D 202 29.13 9.47 -29.38
N GLU D 203 29.15 8.17 -29.11
CA GLU D 203 28.90 7.65 -27.77
C GLU D 203 30.14 6.93 -27.26
N PHE D 204 30.50 7.19 -26.01
CA PHE D 204 31.67 6.59 -25.40
C PHE D 204 31.43 5.12 -25.07
N LEU D 205 30.24 4.82 -24.57
CA LEU D 205 29.86 3.44 -24.28
C LEU D 205 29.62 2.70 -25.59
N PRO D 206 29.70 1.36 -25.57
CA PRO D 206 29.67 0.58 -26.82
C PRO D 206 28.27 0.39 -27.41
N ARG D 207 27.27 1.08 -26.87
CA ARG D 207 25.90 1.00 -27.39
C ARG D 207 25.23 2.37 -27.38
N ALA D 208 24.32 2.58 -28.32
CA ALA D 208 23.39 3.70 -28.25
C ALA D 208 22.39 3.39 -27.14
N LEU D 209 21.94 4.44 -26.44
CA LEU D 209 21.05 4.27 -25.28
C LEU D 209 21.55 3.17 -24.35
N PRO D 210 22.77 3.32 -23.82
CA PRO D 210 23.46 2.22 -23.12
C PRO D 210 22.76 1.73 -21.85
N ASN D 211 21.81 2.50 -21.30
CA ASN D 211 21.13 2.10 -20.07
C ASN D 211 19.92 1.20 -20.30
N GLU D 212 19.57 0.98 -21.56
CA GLU D 212 18.42 0.13 -21.90
C GLU D 212 18.88 -1.32 -21.98
N ASP D 213 17.93 -2.21 -22.27
CA ASP D 213 18.25 -3.61 -22.50
C ASP D 213 19.01 -3.71 -23.82
N ALA D 214 19.94 -4.66 -23.91
CA ALA D 214 20.79 -4.79 -25.09
C ALA D 214 20.00 -4.98 -26.38
N ASP D 215 18.91 -5.74 -26.29
CA ASP D 215 18.06 -5.98 -27.46
C ASP D 215 17.47 -4.66 -27.97
N VAL D 216 17.15 -3.76 -27.05
CA VAL D 216 16.58 -2.47 -27.41
C VAL D 216 17.63 -1.57 -28.06
N SER D 217 18.85 -1.57 -27.53
CA SER D 217 19.93 -0.76 -28.09
C SER D 217 20.22 -1.17 -29.53
N LYS D 218 20.30 -2.47 -29.76
CA LYS D 218 20.58 -2.99 -31.09
C LYS D 218 19.49 -2.58 -32.08
N GLU D 219 18.23 -2.75 -31.68
CA GLU D 219 17.10 -2.47 -32.55
C GLU D 219 17.04 -1.01 -32.97
N ILE D 220 17.25 -0.11 -32.02
CA ILE D 220 17.16 1.32 -32.32
C ILE D 220 18.35 1.80 -33.15
N GLU D 221 19.51 1.15 -32.98
CA GLU D 221 20.67 1.44 -33.80
C GLU D 221 20.38 1.04 -35.25
N LYS D 222 19.83 -0.16 -35.42
CA LYS D 222 19.39 -0.61 -36.74
C LYS D 222 18.43 0.41 -37.35
N GLN D 223 17.51 0.93 -36.54
CA GLN D 223 16.52 1.88 -37.03
C GLN D 223 17.17 3.21 -37.44
N PHE D 224 18.10 3.70 -36.64
CA PHE D 224 18.74 4.98 -36.92
C PHE D 224 19.64 4.88 -38.15
N LYS D 225 20.27 3.72 -38.32
CA LYS D 225 21.12 3.49 -39.48
C LYS D 225 20.32 3.64 -40.79
N LYS D 226 19.17 2.98 -40.86
CA LYS D 226 18.33 3.07 -42.05
C LYS D 226 17.81 4.49 -42.27
N LEU D 227 17.76 5.26 -41.19
CA LEU D 227 17.33 6.66 -41.28
C LEU D 227 18.44 7.52 -41.88
N GLY D 228 19.67 7.04 -41.80
CA GLY D 228 20.81 7.73 -42.38
C GLY D 228 21.67 8.46 -41.35
N VAL D 229 21.47 8.13 -40.06
CA VAL D 229 22.28 8.69 -38.99
C VAL D 229 23.48 7.79 -38.74
N THR D 230 24.66 8.40 -38.65
CA THR D 230 25.88 7.66 -38.34
C THR D 230 26.11 7.67 -36.83
N ILE D 231 26.14 6.48 -36.25
CA ILE D 231 26.40 6.35 -34.82
C ILE D 231 27.76 5.69 -34.58
N LEU D 232 28.63 6.41 -33.89
CA LEU D 232 29.95 5.91 -33.52
C LEU D 232 29.95 5.53 -32.03
N THR D 233 30.06 4.23 -31.77
CA THR D 233 30.05 3.71 -30.40
C THR D 233 31.47 3.40 -29.96
N ALA D 234 31.65 3.14 -28.67
CA ALA D 234 32.96 2.83 -28.11
C ALA D 234 33.97 3.88 -28.53
N THR D 235 33.56 5.15 -28.46
CA THR D 235 34.32 6.25 -29.06
C THR D 235 34.39 7.47 -28.17
N LYS D 236 35.61 7.90 -27.86
CA LYS D 236 35.84 8.99 -26.93
C LYS D 236 36.15 10.30 -27.64
N VAL D 237 35.31 11.30 -27.40
CA VAL D 237 35.59 12.67 -27.82
C VAL D 237 36.60 13.27 -26.85
N GLU D 238 37.74 13.73 -27.36
CA GLU D 238 38.81 14.24 -26.50
C GLU D 238 39.17 15.71 -26.76
N SER D 239 38.77 16.25 -27.90
CA SER D 239 38.94 17.69 -28.14
C SER D 239 38.00 18.21 -29.22
N ILE D 240 37.47 19.41 -28.98
CA ILE D 240 36.62 20.09 -29.93
C ILE D 240 37.24 21.46 -30.26
N ALA D 241 37.50 21.69 -31.54
CA ALA D 241 38.10 22.95 -32.00
C ALA D 241 37.15 23.66 -32.95
N ASP D 242 36.68 24.84 -32.56
CA ASP D 242 35.73 25.60 -33.36
C ASP D 242 36.46 26.60 -34.25
N GLY D 243 36.61 26.23 -35.53
CA GLY D 243 37.30 27.07 -36.50
C GLY D 243 36.43 28.14 -37.12
N GLY D 244 35.24 28.33 -36.59
CA GLY D 244 34.33 29.37 -37.08
C GLY D 244 33.54 28.95 -38.30
N SER D 245 34.23 28.36 -39.28
CA SER D 245 33.61 27.93 -40.53
C SER D 245 33.37 26.42 -40.51
N GLN D 246 34.02 25.75 -39.55
CA GLN D 246 33.80 24.33 -39.30
C GLN D 246 34.20 24.05 -37.87
N VAL D 247 33.81 22.89 -37.35
CA VAL D 247 34.27 22.45 -36.03
C VAL D 247 34.99 21.12 -36.17
N THR D 248 36.18 21.03 -35.60
CA THR D 248 36.98 19.82 -35.63
C THR D 248 36.81 19.03 -34.35
N VAL D 249 36.28 17.82 -34.46
CA VAL D 249 36.16 16.92 -33.31
C VAL D 249 37.18 15.81 -33.42
N THR D 250 38.14 15.82 -32.49
CA THR D 250 39.09 14.73 -32.39
C THR D 250 38.46 13.62 -31.57
N VAL D 251 38.50 12.41 -32.13
CA VAL D 251 37.80 11.26 -31.60
C VAL D 251 38.79 10.12 -31.46
N THR D 252 38.52 9.23 -30.51
CA THR D 252 39.37 8.07 -30.27
C THR D 252 38.51 6.81 -30.12
N LYS D 253 38.61 5.95 -31.12
CA LYS D 253 38.03 4.61 -31.06
C LYS D 253 39.20 3.64 -31.00
N ASP D 254 39.51 3.16 -29.80
CA ASP D 254 40.80 2.53 -29.50
C ASP D 254 41.27 1.56 -30.59
N GLY D 255 42.56 1.56 -30.94
CA GLY D 255 43.60 2.41 -30.37
C GLY D 255 44.07 3.47 -31.36
N VAL D 256 43.14 4.30 -31.84
CA VAL D 256 43.46 5.23 -32.93
C VAL D 256 42.64 6.52 -32.83
N ALA D 257 43.29 7.64 -33.18
CA ALA D 257 42.64 8.93 -33.19
C ALA D 257 42.13 9.25 -34.60
N GLN D 258 41.00 9.95 -34.66
CA GLN D 258 40.36 10.27 -35.94
C GLN D 258 39.69 11.64 -35.85
N GLU D 259 39.73 12.39 -36.95
CA GLU D 259 39.11 13.71 -37.00
C GLU D 259 37.76 13.68 -37.71
N LEU D 260 36.76 14.28 -37.07
CA LEU D 260 35.43 14.45 -37.65
C LEU D 260 35.16 15.95 -37.76
N LYS D 261 34.52 16.35 -38.85
CA LYS D 261 34.24 17.78 -39.09
C LYS D 261 32.75 18.02 -39.35
N ALA D 262 32.27 19.18 -38.90
CA ALA D 262 30.88 19.56 -39.11
C ALA D 262 30.69 21.05 -38.81
N GLU D 263 29.52 21.58 -39.17
CA GLU D 263 29.23 22.99 -38.98
C GLU D 263 28.93 23.32 -37.52
N LYS D 264 28.39 22.33 -36.81
CA LYS D 264 27.99 22.51 -35.42
C LYS D 264 28.27 21.24 -34.62
N VAL D 265 28.47 21.40 -33.31
CA VAL D 265 28.51 20.26 -32.39
C VAL D 265 27.59 20.52 -31.21
N LEU D 266 26.77 19.53 -30.90
CA LEU D 266 25.88 19.57 -29.74
C LEU D 266 26.44 18.71 -28.63
N GLN D 267 26.56 19.29 -27.44
CA GLN D 267 26.99 18.54 -26.27
C GLN D 267 25.77 17.99 -25.54
N ALA D 268 25.69 16.66 -25.47
CA ALA D 268 24.55 15.99 -24.82
C ALA D 268 25.01 14.73 -24.09
N ILE D 269 26.10 14.83 -23.33
CA ILE D 269 26.63 13.67 -22.62
C ILE D 269 25.98 13.47 -21.25
N GLY D 270 25.27 14.48 -20.77
CA GLY D 270 24.59 14.38 -19.50
C GLY D 270 24.39 15.71 -18.82
N PHE D 271 24.05 15.66 -17.53
CA PHE D 271 23.71 16.84 -16.77
C PHE D 271 24.28 16.78 -15.35
N ALA D 272 24.69 17.94 -14.84
CA ALA D 272 25.20 18.06 -13.49
C ALA D 272 24.25 18.94 -12.67
N PRO D 273 23.79 18.43 -11.50
CA PRO D 273 22.96 19.24 -10.59
C PRO D 273 23.49 20.66 -10.34
N ASN D 274 22.57 21.62 -10.32
CA ASN D 274 22.90 23.01 -10.02
C ASN D 274 23.00 23.20 -8.51
N VAL D 275 24.23 23.26 -8.00
CA VAL D 275 24.46 23.33 -6.55
C VAL D 275 25.36 24.50 -6.15
N GLU D 276 25.78 25.30 -7.12
CA GLU D 276 26.74 26.36 -6.86
C GLU D 276 26.15 27.75 -7.08
N GLY D 277 26.51 28.68 -6.20
CA GLY D 277 26.20 30.09 -6.37
C GLY D 277 24.92 30.57 -5.71
N TYR D 278 24.31 29.76 -4.86
CA TYR D 278 23.06 30.16 -4.19
C TYR D 278 22.94 29.73 -2.73
N GLY D 279 24.08 29.67 -2.05
CA GLY D 279 24.10 29.62 -0.59
C GLY D 279 23.83 28.29 0.07
N LEU D 280 23.98 27.19 -0.66
CA LEU D 280 23.80 25.87 -0.06
C LEU D 280 24.74 25.69 1.13
N ASP D 281 25.95 26.23 1.02
CA ASP D 281 26.93 26.15 2.09
C ASP D 281 26.44 26.84 3.37
N LYS D 282 25.67 27.92 3.20
CA LYS D 282 25.24 28.72 4.35
C LYS D 282 23.95 28.19 4.99
N ALA D 283 23.35 27.20 4.35
CA ALA D 283 22.18 26.53 4.92
C ALA D 283 22.56 25.16 5.46
N GLY D 284 23.81 24.76 5.21
CA GLY D 284 24.32 23.49 5.72
C GLY D 284 23.81 22.28 4.95
N VAL D 285 23.59 22.45 3.66
CA VAL D 285 23.09 21.38 2.80
C VAL D 285 24.27 20.61 2.21
N ALA D 286 24.34 19.31 2.53
CA ALA D 286 25.47 18.48 2.14
C ALA D 286 25.35 17.96 0.71
N LEU D 287 26.48 17.89 0.03
CA LEU D 287 26.54 17.34 -1.33
C LEU D 287 27.07 15.91 -1.30
N THR D 288 26.59 15.10 -2.23
CA THR D 288 27.09 13.73 -2.39
C THR D 288 28.47 13.74 -3.04
N ASP D 289 28.96 12.55 -3.41
CA ASP D 289 30.24 12.43 -4.10
C ASP D 289 30.18 13.06 -5.49
N ARG D 290 29.15 12.73 -6.26
CA ARG D 290 29.00 13.26 -7.61
C ARG D 290 28.31 14.63 -7.61
N LYS D 291 28.38 15.31 -6.47
CA LYS D 291 28.00 16.71 -6.36
C LYS D 291 26.51 16.97 -6.58
N ALA D 292 25.68 15.98 -6.26
CA ALA D 292 24.25 16.17 -6.19
C ALA D 292 23.88 16.51 -4.75
N ILE D 293 22.65 16.98 -4.53
CA ILE D 293 22.17 17.24 -3.18
C ILE D 293 21.67 15.94 -2.55
N GLY D 294 22.30 15.55 -1.44
CA GLY D 294 21.95 14.32 -0.76
C GLY D 294 20.56 14.35 -0.17
N VAL D 295 19.82 13.25 -0.34
CA VAL D 295 18.47 13.13 0.20
C VAL D 295 18.17 11.71 0.64
N ASP D 296 17.20 11.55 1.53
CA ASP D 296 16.68 10.24 1.90
C ASP D 296 15.45 9.92 1.05
N ASP D 297 14.72 8.86 1.41
CA ASP D 297 13.58 8.40 0.63
C ASP D 297 12.39 9.37 0.64
N TYR D 298 12.44 10.39 1.48
CA TYR D 298 11.38 11.40 1.55
C TYR D 298 11.87 12.75 1.03
N MET D 299 13.00 12.72 0.30
CA MET D 299 13.58 13.92 -0.30
C MET D 299 14.09 14.92 0.74
N ARG D 300 14.30 14.46 1.97
CA ARG D 300 14.83 15.32 3.03
C ARG D 300 16.35 15.39 2.95
N THR D 301 16.89 16.60 3.00
CA THR D 301 18.34 16.78 3.04
C THR D 301 18.84 16.46 4.45
N ASN D 302 20.13 16.74 4.69
CA ASN D 302 20.69 16.55 6.03
C ASN D 302 20.15 17.61 6.99
N VAL D 303 19.58 18.67 6.43
CA VAL D 303 18.88 19.70 7.19
C VAL D 303 17.39 19.39 7.15
N GLY D 304 16.87 18.88 8.26
CA GLY D 304 15.54 18.28 8.33
C GLY D 304 14.40 19.00 7.63
N HIS D 305 14.43 20.33 7.61
CA HIS D 305 13.33 21.12 7.06
C HIS D 305 13.63 21.64 5.66
N ILE D 306 14.67 21.10 5.03
CA ILE D 306 15.00 21.45 3.65
C ILE D 306 14.96 20.19 2.79
N TYR D 307 14.22 20.27 1.69
CA TYR D 307 14.05 19.14 0.79
C TYR D 307 14.66 19.47 -0.58
N ALA D 308 15.10 18.43 -1.27
CA ALA D 308 15.64 18.57 -2.62
C ALA D 308 14.96 17.59 -3.56
N ILE D 309 14.27 18.11 -4.57
CA ILE D 309 13.53 17.30 -5.52
C ILE D 309 13.97 17.60 -6.95
N GLY D 310 13.67 16.68 -7.85
CA GLY D 310 14.00 16.86 -9.25
C GLY D 310 15.46 16.57 -9.55
N ASP D 311 15.93 17.10 -10.67
CA ASP D 311 17.27 16.82 -11.19
C ASP D 311 18.41 17.19 -10.24
N VAL D 312 18.16 18.07 -9.28
CA VAL D 312 19.24 18.54 -8.41
C VAL D 312 19.74 17.45 -7.46
N ASN D 313 18.94 16.39 -7.26
CA ASN D 313 19.38 15.26 -6.43
C ASN D 313 19.94 14.11 -7.27
N GLY D 314 19.96 14.28 -8.59
CA GLY D 314 20.64 13.37 -9.48
C GLY D 314 20.13 11.93 -9.53
N LEU D 315 19.02 11.67 -8.82
CA LEU D 315 18.50 10.31 -8.72
C LEU D 315 18.01 9.77 -10.06
N LEU D 316 17.22 10.56 -10.77
CA LEU D 316 16.79 10.21 -12.12
C LEU D 316 16.20 11.43 -12.80
N GLN D 317 16.95 12.01 -13.74
CA GLN D 317 16.61 13.32 -14.29
C GLN D 317 15.53 13.23 -15.37
N LEU D 318 14.29 13.15 -14.90
CA LEU D 318 13.13 13.16 -15.78
C LEU D 318 12.03 13.99 -15.13
N ALA D 319 11.10 14.48 -15.94
CA ALA D 319 10.09 15.43 -15.45
C ALA D 319 9.09 14.76 -14.51
N HIS D 320 8.58 13.59 -14.90
CA HIS D 320 7.60 12.89 -14.09
C HIS D 320 8.17 12.46 -12.74
N VAL D 321 9.47 12.19 -12.71
CA VAL D 321 10.14 11.86 -11.46
C VAL D 321 10.15 13.09 -10.55
N ALA D 322 10.53 14.23 -11.12
CA ALA D 322 10.56 15.48 -10.37
C ALA D 322 9.19 15.81 -9.78
N GLU D 323 8.15 15.70 -10.59
CA GLU D 323 6.79 15.89 -10.14
C GLU D 323 6.48 14.97 -8.96
N ALA D 324 6.79 13.69 -9.14
CA ALA D 324 6.48 12.69 -8.13
C ALA D 324 7.20 13.00 -6.81
N GLN D 325 8.47 13.38 -6.90
CA GLN D 325 9.25 13.72 -5.72
C GLN D 325 8.70 14.96 -5.03
N GLY D 326 8.18 15.91 -5.82
CA GLY D 326 7.61 17.12 -5.28
C GLY D 326 6.41 16.84 -4.40
N VAL D 327 5.58 15.90 -4.85
CA VAL D 327 4.42 15.47 -4.08
C VAL D 327 4.86 14.81 -2.77
N VAL D 328 5.85 13.93 -2.84
CA VAL D 328 6.36 13.26 -1.63
C VAL D 328 6.86 14.28 -0.63
N ALA D 329 7.64 15.24 -1.12
CA ALA D 329 8.23 16.27 -0.25
C ALA D 329 7.14 17.10 0.42
N ALA D 330 6.22 17.62 -0.37
CA ALA D 330 5.14 18.46 0.15
C ALA D 330 4.22 17.69 1.09
N GLU D 331 4.01 16.41 0.79
CA GLU D 331 3.13 15.58 1.63
C GLU D 331 3.80 15.26 2.97
N THR D 332 5.09 14.97 2.93
CA THR D 332 5.83 14.68 4.15
C THR D 332 5.88 15.91 5.04
N ILE D 333 6.01 17.08 4.42
CA ILE D 333 6.07 18.34 5.14
C ILE D 333 4.74 18.65 5.82
N ALA D 334 3.64 18.30 5.16
CA ALA D 334 2.30 18.58 5.69
C ALA D 334 1.91 17.55 6.74
N GLY D 335 2.76 16.55 6.96
CA GLY D 335 2.43 15.45 7.84
C GLY D 335 1.35 14.58 7.23
N ALA D 336 1.30 14.55 5.90
CA ALA D 336 0.27 13.83 5.17
C ALA D 336 0.72 12.42 4.80
N GLU D 337 -0.27 11.58 4.52
CA GLU D 337 -0.02 10.23 4.01
C GLU D 337 0.73 10.31 2.68
N THR D 338 1.67 9.40 2.49
CA THR D 338 2.42 9.33 1.25
C THR D 338 3.05 7.95 1.08
N LEU D 339 3.68 7.74 -0.07
CA LEU D 339 4.41 6.51 -0.34
C LEU D 339 5.66 6.89 -1.11
N THR D 340 6.83 6.53 -0.58
CA THR D 340 8.08 6.84 -1.24
C THR D 340 8.14 6.12 -2.58
N LEU D 341 8.88 6.70 -3.52
CA LEU D 341 8.90 6.18 -4.88
C LEU D 341 9.62 4.84 -4.94
N GLY D 342 10.57 4.65 -4.02
CA GLY D 342 11.30 3.39 -3.94
C GLY D 342 12.47 3.34 -4.89
N ASP D 343 12.72 2.16 -5.44
CA ASP D 343 13.86 1.94 -6.31
C ASP D 343 13.64 2.61 -7.66
N HIS D 344 14.35 3.71 -7.89
CA HIS D 344 14.12 4.55 -9.07
C HIS D 344 14.37 3.84 -10.41
N ARG D 345 15.00 2.68 -10.37
CA ARG D 345 15.16 1.86 -11.56
C ARG D 345 13.81 1.31 -12.04
N MET D 346 12.85 1.21 -11.13
CA MET D 346 11.53 0.68 -11.44
C MET D 346 10.66 1.72 -12.14
N LEU D 347 11.04 2.99 -12.03
CA LEU D 347 10.26 4.04 -12.66
C LEU D 347 10.41 3.99 -14.18
N PRO D 348 9.32 4.27 -14.92
CA PRO D 348 9.37 4.22 -16.38
C PRO D 348 10.12 5.39 -17.00
N ARG D 349 10.58 5.20 -18.23
CA ARG D 349 11.30 6.22 -18.97
C ARG D 349 11.16 5.93 -20.45
N ALA D 350 11.23 6.96 -21.29
CA ALA D 350 11.07 6.76 -22.72
C ALA D 350 11.85 7.76 -23.57
N THR D 351 12.23 7.30 -24.76
CA THR D 351 12.83 8.15 -25.80
C THR D 351 11.79 8.26 -26.92
N PHE D 352 11.58 9.47 -27.42
CA PHE D 352 10.41 9.76 -28.25
C PHE D 352 10.69 10.01 -29.73
N CYS D 353 11.81 9.50 -30.22
CA CYS D 353 11.99 9.35 -31.66
C CYS D 353 11.00 8.31 -32.15
N GLN D 354 10.97 8.06 -33.46
CA GLN D 354 10.22 6.94 -33.99
C GLN D 354 11.16 5.89 -34.59
N PRO D 355 11.03 4.62 -34.16
CA PRO D 355 10.10 4.13 -33.13
C PRO D 355 10.46 4.57 -31.72
N ASN D 356 9.47 4.80 -30.88
CA ASN D 356 9.69 5.08 -29.46
C ASN D 356 10.53 3.99 -28.82
N VAL D 357 11.27 4.35 -27.78
CA VAL D 357 11.84 3.38 -26.86
C VAL D 357 11.20 3.66 -25.51
N ALA D 358 10.77 2.61 -24.83
CA ALA D 358 10.12 2.75 -23.53
C ALA D 358 10.48 1.56 -22.65
N SER D 359 10.80 1.84 -21.39
CA SER D 359 11.24 0.77 -20.50
C SER D 359 11.10 1.11 -19.03
N PHE D 360 11.07 0.07 -18.20
CA PHE D 360 11.04 0.21 -16.76
C PHE D 360 11.73 -1.00 -16.16
N GLY D 361 12.26 -0.85 -14.95
CA GLY D 361 12.79 -1.97 -14.20
C GLY D 361 14.14 -2.50 -14.68
N LEU D 362 14.32 -3.80 -14.54
CA LEU D 362 15.59 -4.46 -14.85
C LEU D 362 15.67 -4.96 -16.28
N THR D 363 16.86 -4.87 -16.87
CA THR D 363 17.11 -5.53 -18.13
C THR D 363 17.24 -7.01 -17.86
N GLU D 364 17.11 -7.83 -18.90
CA GLU D 364 17.23 -9.28 -18.75
C GLU D 364 18.54 -9.64 -18.05
N GLN D 365 19.64 -9.07 -18.54
CA GLN D 365 20.96 -9.44 -18.05
C GLN D 365 21.18 -8.97 -16.62
N GLN D 366 20.56 -7.85 -16.25
CA GLN D 366 20.62 -7.39 -14.87
C GLN D 366 19.93 -8.37 -13.95
N ALA D 367 18.79 -8.89 -14.39
CA ALA D 367 17.98 -9.80 -13.58
C ALA D 367 18.72 -11.12 -13.35
N ARG D 368 19.42 -11.61 -14.38
CA ARG D 368 20.21 -12.82 -14.25
C ARG D 368 21.36 -12.63 -13.28
N ASN D 369 22.12 -11.54 -13.46
CA ASN D 369 23.25 -11.23 -12.59
C ASN D 369 22.87 -11.09 -11.11
N GLU D 370 21.64 -10.67 -10.84
CA GLU D 370 21.17 -10.49 -9.47
C GLU D 370 20.51 -11.73 -8.88
N GLY D 371 20.63 -12.85 -9.58
CA GLY D 371 20.26 -14.14 -9.04
C GLY D 371 18.78 -14.51 -9.14
N TYR D 372 18.05 -13.80 -9.98
CA TYR D 372 16.64 -14.14 -10.21
C TYR D 372 16.53 -15.38 -11.10
N ASP D 373 15.45 -16.12 -10.92
CA ASP D 373 15.11 -17.20 -11.85
C ASP D 373 14.30 -16.58 -12.97
N VAL D 374 14.99 -16.26 -14.06
CA VAL D 374 14.50 -15.32 -15.07
C VAL D 374 13.68 -15.99 -16.17
N VAL D 375 12.47 -15.47 -16.38
CA VAL D 375 11.64 -15.83 -17.52
C VAL D 375 11.57 -14.61 -18.42
N VAL D 376 11.70 -14.82 -19.72
CA VAL D 376 11.69 -13.74 -20.69
C VAL D 376 10.76 -14.08 -21.84
N ALA D 377 9.82 -13.19 -22.13
CA ALA D 377 8.90 -13.35 -23.25
C ALA D 377 9.03 -12.16 -24.21
N LYS D 378 9.16 -12.46 -25.50
CA LYS D 378 9.37 -11.43 -26.50
C LYS D 378 8.37 -11.59 -27.66
N PHE D 379 7.64 -10.52 -27.93
CA PHE D 379 6.65 -10.51 -29.02
C PHE D 379 6.98 -9.39 -30.03
N PRO D 380 7.17 -9.75 -31.31
CA PRO D 380 7.48 -8.73 -32.32
C PRO D 380 6.23 -8.11 -32.94
N PHE D 381 6.29 -6.82 -33.27
CA PHE D 381 5.13 -6.12 -33.80
C PHE D 381 4.78 -6.50 -35.24
N THR D 382 5.67 -7.23 -35.91
CA THR D 382 5.35 -7.77 -37.23
C THR D 382 4.19 -8.76 -37.12
N ALA D 383 3.95 -9.26 -35.91
CA ALA D 383 2.83 -10.16 -35.64
C ALA D 383 1.64 -9.40 -35.03
N ASN D 384 1.73 -8.08 -34.99
CA ASN D 384 0.65 -7.24 -34.47
C ASN D 384 -0.12 -6.55 -35.58
N ALA D 385 -1.44 -6.68 -35.55
CA ALA D 385 -2.29 -6.13 -36.61
C ALA D 385 -2.22 -4.62 -36.72
N LYS D 386 -2.35 -3.94 -35.58
CA LYS D 386 -2.38 -2.48 -35.54
C LYS D 386 -1.11 -1.88 -36.12
N ALA D 387 0.02 -2.49 -35.80
CA ALA D 387 1.33 -2.02 -36.25
C ALA D 387 1.43 -2.00 -37.78
N HIS D 388 0.94 -3.06 -38.42
CA HIS D 388 0.91 -3.11 -39.88
C HIS D 388 -0.04 -2.06 -40.44
N GLY D 389 -1.21 -1.94 -39.83
CA GLY D 389 -2.23 -1.00 -40.29
C GLY D 389 -1.75 0.43 -40.19
N VAL D 390 -0.92 0.72 -39.20
CA VAL D 390 -0.43 2.08 -39.00
C VAL D 390 0.79 2.33 -39.88
N GLY D 391 1.45 1.24 -40.30
CA GLY D 391 2.54 1.33 -41.25
C GLY D 391 3.92 1.28 -40.61
N ASP D 392 4.00 0.73 -39.40
CA ASP D 392 5.24 0.63 -38.65
C ASP D 392 5.27 -0.67 -37.85
N PRO D 393 5.62 -1.79 -38.52
CA PRO D 393 5.62 -3.10 -37.89
C PRO D 393 6.95 -3.50 -37.24
N SER D 394 7.87 -2.56 -37.06
CA SER D 394 9.18 -2.87 -36.50
C SER D 394 9.15 -2.87 -34.96
N GLY D 395 10.23 -3.35 -34.36
CA GLY D 395 10.34 -3.37 -32.91
C GLY D 395 9.62 -4.55 -32.28
N PHE D 396 9.40 -4.45 -30.97
CA PHE D 396 8.90 -5.58 -30.20
C PHE D 396 8.58 -5.17 -28.77
N VAL D 397 7.97 -6.08 -28.02
CA VAL D 397 7.80 -5.94 -26.58
C VAL D 397 8.54 -7.09 -25.91
N LYS D 398 9.41 -6.75 -24.95
CA LYS D 398 10.19 -7.73 -24.19
C LYS D 398 9.93 -7.58 -22.69
N LEU D 399 9.38 -8.62 -22.08
CA LEU D 399 9.13 -8.62 -20.64
C LEU D 399 10.03 -9.63 -19.95
N VAL D 400 10.41 -9.31 -18.71
CA VAL D 400 11.22 -10.21 -17.90
C VAL D 400 10.63 -10.31 -16.50
N ALA D 401 10.60 -11.53 -15.98
CA ALA D 401 9.91 -11.83 -14.72
C ALA D 401 10.68 -12.87 -13.92
N ASP D 402 10.34 -12.99 -12.64
CA ASP D 402 10.86 -14.06 -11.79
C ASP D 402 9.90 -15.26 -11.84
N ALA D 403 10.46 -16.44 -12.02
CA ALA D 403 9.67 -17.65 -12.31
C ALA D 403 8.86 -18.17 -11.13
N LYS D 404 9.13 -17.65 -9.94
CA LYS D 404 8.49 -18.17 -8.72
C LYS D 404 6.98 -17.91 -8.72
N HIS D 405 6.60 -16.66 -8.95
CA HIS D 405 5.19 -16.25 -8.90
C HIS D 405 4.73 -15.55 -10.17
N GLY D 406 5.68 -15.22 -11.04
CA GLY D 406 5.38 -14.51 -12.26
C GLY D 406 5.44 -13.00 -12.06
N GLU D 407 6.20 -12.58 -11.06
CA GLU D 407 6.37 -11.16 -10.78
C GLU D 407 7.24 -10.50 -11.84
N LEU D 408 6.82 -9.31 -12.28
CA LEU D 408 7.56 -8.57 -13.29
C LEU D 408 8.80 -7.93 -12.69
N LEU D 409 9.89 -7.94 -13.45
CA LEU D 409 11.14 -7.30 -13.04
C LEU D 409 11.44 -6.12 -13.95
N GLY D 410 11.03 -6.22 -15.20
CA GLY D 410 11.29 -5.18 -16.18
C GLY D 410 10.50 -5.35 -17.46
N GLY D 411 10.37 -4.26 -18.20
CA GLY D 411 9.67 -4.25 -19.48
C GLY D 411 10.46 -3.35 -20.40
N HIS D 412 10.57 -3.75 -21.67
CA HIS D 412 11.45 -3.07 -22.61
C HIS D 412 10.85 -3.08 -24.00
N LEU D 413 10.40 -1.90 -24.42
CA LEU D 413 9.60 -1.76 -25.62
C LEU D 413 10.27 -0.85 -26.62
N VAL D 414 10.22 -1.26 -27.89
CA VAL D 414 10.59 -0.39 -28.98
C VAL D 414 9.55 -0.54 -30.09
N GLY D 415 9.04 0.59 -30.57
CA GLY D 415 8.02 0.58 -31.61
C GLY D 415 7.19 1.85 -31.61
N HIS D 416 6.20 1.88 -32.51
CA HIS D 416 5.36 3.06 -32.71
C HIS D 416 4.58 3.47 -31.44
N ASP D 417 4.94 4.62 -30.88
CA ASP D 417 4.25 5.20 -29.72
C ASP D 417 4.11 4.26 -28.52
N VAL D 418 5.12 3.42 -28.28
CA VAL D 418 5.04 2.44 -27.19
C VAL D 418 5.21 3.07 -25.81
N ALA D 419 5.52 4.35 -25.74
CA ALA D 419 5.60 5.05 -24.46
C ALA D 419 4.27 4.95 -23.72
N GLU D 420 3.18 4.98 -24.48
CA GLU D 420 1.84 4.96 -23.92
C GLU D 420 1.45 3.62 -23.29
N LEU D 421 2.27 2.59 -23.49
CA LEU D 421 1.92 1.22 -23.08
C LEU D 421 2.46 0.82 -21.70
N LEU D 422 3.27 1.68 -21.09
CA LEU D 422 3.92 1.37 -19.82
C LEU D 422 3.02 1.32 -18.57
N PRO D 423 1.95 2.13 -18.53
CA PRO D 423 1.16 2.21 -17.28
C PRO D 423 0.69 0.86 -16.72
N GLU D 424 0.15 -0.02 -17.55
CA GLU D 424 -0.30 -1.33 -17.07
C GLU D 424 0.84 -2.06 -16.38
N LEU D 425 2.03 -2.00 -16.98
CA LEU D 425 3.17 -2.76 -16.52
C LEU D 425 3.68 -2.28 -15.16
N THR D 426 3.75 -0.97 -14.98
CA THR D 426 4.27 -0.42 -13.73
C THR D 426 3.25 -0.57 -12.59
N LEU D 427 1.96 -0.54 -12.94
CA LEU D 427 0.93 -0.77 -11.93
C LEU D 427 1.03 -2.20 -11.41
N ALA D 428 1.28 -3.13 -12.32
CA ALA D 428 1.44 -4.54 -11.98
C ALA D 428 2.61 -4.76 -11.04
N GLN D 429 3.78 -4.23 -11.41
CA GLN D 429 4.98 -4.37 -10.60
C GLN D 429 4.79 -3.70 -9.24
N ARG D 430 4.15 -2.54 -9.23
CA ARG D 430 4.01 -1.73 -8.02
C ARG D 430 3.04 -2.33 -7.00
N TRP D 431 2.18 -3.25 -7.45
CA TRP D 431 1.20 -3.90 -6.56
C TRP D 431 1.28 -5.41 -6.61
N ASP D 432 2.38 -5.92 -7.15
CA ASP D 432 2.69 -7.35 -7.11
C ASP D 432 1.64 -8.23 -7.79
N LEU D 433 0.98 -7.68 -8.81
CA LEU D 433 0.17 -8.49 -9.71
C LEU D 433 1.12 -9.31 -10.56
N THR D 434 0.80 -10.59 -10.75
CA THR D 434 1.67 -11.50 -11.47
C THR D 434 1.28 -11.61 -12.95
N ALA D 435 2.12 -12.30 -13.71
CA ALA D 435 1.88 -12.53 -15.13
C ALA D 435 0.56 -13.26 -15.35
N SER D 436 0.23 -14.16 -14.43
CA SER D 436 -0.98 -14.99 -14.52
C SER D 436 -2.23 -14.13 -14.48
N GLU D 437 -2.20 -13.09 -13.66
CA GLU D 437 -3.32 -12.18 -13.51
C GLU D 437 -3.34 -11.16 -14.65
N LEU D 438 -2.16 -10.80 -15.12
CA LEU D 438 -2.04 -9.87 -16.23
C LEU D 438 -2.55 -10.49 -17.54
N ALA D 439 -2.41 -11.81 -17.66
CA ALA D 439 -2.84 -12.50 -18.86
C ALA D 439 -4.37 -12.55 -19.01
N ARG D 440 -5.07 -12.25 -17.92
CA ARG D 440 -6.53 -12.28 -17.92
C ARG D 440 -7.14 -10.91 -18.21
N ASN D 441 -6.30 -9.88 -18.24
CA ASN D 441 -6.73 -8.55 -18.65
C ASN D 441 -6.91 -8.51 -20.16
N VAL D 442 -8.17 -8.42 -20.61
CA VAL D 442 -8.46 -8.43 -22.04
C VAL D 442 -8.14 -7.07 -22.67
N HIS D 443 -7.35 -7.10 -23.74
CA HIS D 443 -6.92 -5.89 -24.44
C HIS D 443 -7.73 -5.67 -25.71
N THR D 444 -8.10 -4.41 -25.97
CA THR D 444 -8.86 -4.06 -27.16
C THR D 444 -8.09 -4.43 -28.44
N HIS D 445 -8.82 -4.96 -29.40
CA HIS D 445 -8.28 -5.27 -30.72
C HIS D 445 -8.78 -4.26 -31.76
N PRO D 446 -7.91 -3.84 -32.69
CA PRO D 446 -6.47 -4.08 -32.79
C PRO D 446 -5.68 -2.93 -32.15
N THR D 447 -4.79 -3.26 -31.22
CA THR D 447 -3.95 -2.25 -30.59
C THR D 447 -2.52 -2.77 -30.42
N MET D 448 -1.58 -1.84 -30.32
CA MET D 448 -0.20 -2.18 -30.00
C MET D 448 -0.18 -2.87 -28.64
N SER D 449 -1.13 -2.49 -27.78
CA SER D 449 -1.20 -3.00 -26.42
C SER D 449 -1.41 -4.52 -26.38
N GLU D 450 -1.91 -5.10 -27.47
CA GLU D 450 -2.10 -6.54 -27.55
C GLU D 450 -0.77 -7.30 -27.44
N ALA D 451 0.31 -6.65 -27.86
CA ALA D 451 1.64 -7.25 -27.78
C ALA D 451 1.99 -7.53 -26.32
N LEU D 452 1.52 -6.69 -25.42
CA LEU D 452 1.71 -6.91 -23.98
C LEU D 452 1.03 -8.21 -23.54
N GLN D 453 -0.25 -8.35 -23.90
CA GLN D 453 -1.03 -9.51 -23.46
C GLN D 453 -0.38 -10.79 -23.96
N GLU D 454 0.12 -10.77 -25.18
CA GLU D 454 0.82 -11.93 -25.74
C GLU D 454 2.03 -12.28 -24.88
N CYS D 455 2.78 -11.27 -24.47
CA CYS D 455 3.95 -11.49 -23.63
C CYS D 455 3.58 -12.09 -22.27
N PHE D 456 2.50 -11.60 -21.67
CA PHE D 456 2.04 -12.14 -20.40
C PHE D 456 1.78 -13.64 -20.53
N HIS D 457 1.09 -14.02 -21.59
CA HIS D 457 0.82 -15.43 -21.87
C HIS D 457 2.13 -16.18 -22.07
N GLY D 458 3.09 -15.55 -22.73
CA GLY D 458 4.40 -16.14 -22.95
C GLY D 458 5.11 -16.45 -21.65
N LEU D 459 4.97 -15.55 -20.68
CA LEU D 459 5.57 -15.74 -19.36
C LEU D 459 4.89 -16.87 -18.59
N VAL D 460 3.59 -17.07 -18.86
CA VAL D 460 2.80 -18.06 -18.15
C VAL D 460 3.03 -19.46 -18.75
N GLY D 461 3.10 -19.53 -20.08
CA GLY D 461 3.30 -20.81 -20.75
C GLY D 461 3.57 -20.62 -22.23
N HIS D 462 2.51 -20.42 -22.99
CA HIS D 462 2.62 -20.25 -24.43
C HIS D 462 1.79 -19.08 -24.95
N MET D 463 2.35 -18.36 -25.91
CA MET D 463 1.64 -17.28 -26.58
C MET D 463 0.70 -17.85 -27.64
N ILE D 464 -0.33 -17.08 -27.97
CA ILE D 464 -1.32 -17.51 -28.96
C ILE D 464 -0.88 -17.12 -30.37
N ASN D 465 -0.66 -15.83 -30.58
CA ASN D 465 -0.51 -15.28 -31.93
C ASN D 465 0.91 -15.17 -32.43
N PHE D 466 1.83 -15.88 -31.78
CA PHE D 466 3.21 -16.02 -32.28
C PHE D 466 3.82 -17.33 -31.82
#